data_1IAM
# 
_entry.id   1IAM 
# 
_audit_conform.dict_name       mmcif_pdbx.dic 
_audit_conform.dict_version    5.398 
_audit_conform.dict_location   http://mmcif.pdb.org/dictionaries/ascii/mmcif_pdbx.dic 
# 
loop_
_database_2.database_id 
_database_2.database_code 
_database_2.pdbx_database_accession 
_database_2.pdbx_DOI 
PDB   1IAM         pdb_00001iam 10.2210/pdb1iam/pdb 
WWPDB D_1000174091 ?            ?                   
# 
loop_
_pdbx_audit_revision_history.ordinal 
_pdbx_audit_revision_history.data_content_type 
_pdbx_audit_revision_history.major_revision 
_pdbx_audit_revision_history.minor_revision 
_pdbx_audit_revision_history.revision_date 
1 'Structure model' 1 0 1998-04-29 
2 'Structure model' 1 1 2008-03-24 
3 'Structure model' 1 2 2011-07-13 
4 'Structure model' 1 3 2011-11-16 
5 'Structure model' 1 4 2020-07-29 
6 'Structure model' 1 5 2021-11-03 
7 'Structure model' 1 6 2023-08-09 
8 'Structure model' 1 7 2024-10-30 
# 
loop_
_pdbx_audit_revision_details.ordinal 
_pdbx_audit_revision_details.revision_ordinal 
_pdbx_audit_revision_details.data_content_type 
_pdbx_audit_revision_details.provider 
_pdbx_audit_revision_details.type 
_pdbx_audit_revision_details.description 
_pdbx_audit_revision_details.details 
1 1 'Structure model' repository 'Initial release' ?                          ? 
2 5 'Structure model' repository Remediation       'Carbohydrate remediation' ? 
# 
loop_
_pdbx_audit_revision_group.ordinal 
_pdbx_audit_revision_group.revision_ordinal 
_pdbx_audit_revision_group.data_content_type 
_pdbx_audit_revision_group.group 
1  2 'Structure model' 'Version format compliance' 
2  3 'Structure model' 'Non-polymer description'   
3  3 'Structure model' 'Version format compliance' 
4  4 'Structure model' 'Atomic model'              
5  5 'Structure model' 'Data collection'           
6  5 'Structure model' 'Derived calculations'      
7  5 'Structure model' 'Structure summary'         
8  6 'Structure model' 'Database references'       
9  6 'Structure model' 'Structure summary'         
10 7 'Structure model' 'Refinement description'    
11 8 'Structure model' 'Data collection'           
12 8 'Structure model' 'Structure summary'         
# 
loop_
_pdbx_audit_revision_category.ordinal 
_pdbx_audit_revision_category.revision_ordinal 
_pdbx_audit_revision_category.data_content_type 
_pdbx_audit_revision_category.category 
1  5 'Structure model' chem_comp                     
2  5 'Structure model' entity                        
3  5 'Structure model' pdbx_chem_comp_identifier     
4  5 'Structure model' pdbx_entity_nonpoly           
5  5 'Structure model' struct_conn                   
6  5 'Structure model' struct_site                   
7  5 'Structure model' struct_site_gen               
8  6 'Structure model' chem_comp                     
9  6 'Structure model' database_2                    
10 6 'Structure model' struct_ref_seq_dif            
11 7 'Structure model' pdbx_initial_refinement_model 
12 8 'Structure model' chem_comp_atom                
13 8 'Structure model' chem_comp_bond                
14 8 'Structure model' pdbx_entry_details            
15 8 'Structure model' pdbx_modification_feature     
# 
loop_
_pdbx_audit_revision_item.ordinal 
_pdbx_audit_revision_item.revision_ordinal 
_pdbx_audit_revision_item.data_content_type 
_pdbx_audit_revision_item.item 
1  5 'Structure model' '_chem_comp.name'                     
2  5 'Structure model' '_chem_comp.type'                     
3  5 'Structure model' '_entity.pdbx_description'            
4  5 'Structure model' '_pdbx_entity_nonpoly.name'           
5  5 'Structure model' '_struct_conn.pdbx_leaving_atom_flag' 
6  5 'Structure model' '_struct_conn.pdbx_role'              
7  5 'Structure model' '_struct_conn.ptnr1_auth_comp_id'     
8  5 'Structure model' '_struct_conn.ptnr1_auth_seq_id'      
9  5 'Structure model' '_struct_conn.ptnr1_label_asym_id'    
10 5 'Structure model' '_struct_conn.ptnr1_label_atom_id'    
11 5 'Structure model' '_struct_conn.ptnr1_label_comp_id'    
12 5 'Structure model' '_struct_conn.ptnr1_label_seq_id'     
13 5 'Structure model' '_struct_conn.ptnr2_auth_comp_id'     
14 5 'Structure model' '_struct_conn.ptnr2_auth_seq_id'      
15 5 'Structure model' '_struct_conn.ptnr2_label_asym_id'    
16 5 'Structure model' '_struct_conn.ptnr2_label_atom_id'    
17 5 'Structure model' '_struct_conn.ptnr2_label_comp_id'    
18 5 'Structure model' '_struct_conn.ptnr2_label_seq_id'     
19 6 'Structure model' '_chem_comp.pdbx_synonyms'            
20 6 'Structure model' '_database_2.pdbx_DOI'                
21 6 'Structure model' '_database_2.pdbx_database_accession' 
22 6 'Structure model' '_struct_ref_seq_dif.details'         
# 
_pdbx_database_status.status_code                     REL 
_pdbx_database_status.entry_id                        1IAM 
_pdbx_database_status.recvd_initial_deposition_date   1998-02-22 
_pdbx_database_status.deposit_site                    ? 
_pdbx_database_status.process_site                    BNL 
_pdbx_database_status.status_code_sf                  REL 
_pdbx_database_status.status_code_mr                  ? 
_pdbx_database_status.SG_entry                        ? 
_pdbx_database_status.pdb_format_compatible           Y 
_pdbx_database_status.status_code_cs                  ? 
_pdbx_database_status.status_code_nmr_data            ? 
_pdbx_database_status.methods_development_category    ? 
# 
loop_
_audit_author.name 
_audit_author.pdbx_ordinal 
'Bella, J.'      1 
'Kolatkar, P.R.' 2 
'Marlor, C.'     3 
'Greve, J.M.'    4 
'Rossmann, M.G.' 5 
# 
loop_
_citation.id 
_citation.title 
_citation.journal_abbrev 
_citation.journal_volume 
_citation.page_first 
_citation.page_last 
_citation.year 
_citation.journal_id_ASTM 
_citation.country 
_citation.journal_id_ISSN 
_citation.journal_id_CSD 
_citation.book_publisher 
_citation.pdbx_database_id_PubMed 
_citation.pdbx_database_id_DOI 
primary 
;The structure of the two amino-terminal domains of human ICAM-1 suggests how it functions as a rhinovirus receptor and as an LFA-1 integrin ligand.
;
Proc.Natl.Acad.Sci.USA  95 4140 4145 1998 PNASA6 US 0027-8424 0040 ? 9539703 10.1073/pnas.95.8.4140 
1       'Structure of a Human Rhinovirus Complexed with its Receptor Molecule' Proc.Natl.Acad.Sci.USA  90 507  ?    1993 PNASA6 US 
0027-8424 0040 ? ?       ?                      
2       'The Major Human Rhinovirus Receptor is Icam-1' 'Cell(Cambridge,Mass.)' 56 839  ?    1989 CELLB5 US 0092-8674 0998 ? ? ? 
# 
loop_
_citation_author.citation_id 
_citation_author.name 
_citation_author.ordinal 
_citation_author.identifier_ORCID 
primary 'Bella, J.'      1  ? 
primary 'Kolatkar, P.R.' 2  ? 
primary 'Marlor, C.W.'   3  ? 
primary 'Greve, J.M.'    4  ? 
primary 'Rossmann, M.G.' 5  ? 
1       'Olson, N.H.'    6  ? 
1       'Kolatkar, P.R.' 7  ? 
1       'Oliveira, M.A.' 8  ? 
1       'Cheng, R.H.'    9  ? 
1       'Greve, J.M.'    10 ? 
1       'Mcclelland, A.' 11 ? 
1       'Baker, T.S.'    12 ? 
1       'Rossmann, M.G.' 13 ? 
2       'Greve, J.M.'    14 ? 
2       'Davis, G.'      15 ? 
2       'Meyer, A.M.'    16 ? 
2       'Forte, C.P.'    17 ? 
2       'Yost, S.C.'     18 ? 
2       'Marlor, C.W.'   19 ? 
2       'Kamarck, M.E.'  20 ? 
2       'Mcclelland, A.' 21 ? 
# 
loop_
_entity.id 
_entity.type 
_entity.src_method 
_entity.pdbx_description 
_entity.formula_weight 
_entity.pdbx_number_of_molecules 
_entity.pdbx_ec 
_entity.pdbx_mutation 
_entity.pdbx_fragment 
_entity.details 
1 polymer     man 'INTERCELLULAR ADHESION MOLECULE-1'      20480.338 1   ? 'N103Q, N118Q, N156Q' 
'TWO N-TERMINAL, IMMUNOGLOBULIN DOMAINS' ? 
2 non-polymer man 2-acetamido-2-deoxy-beta-D-glucopyranose 221.208   1   ? ?                     ? ? 
3 water       nat water                                    18.015    147 ? ?                     ? ? 
# 
_entity_name_com.entity_id   1 
_entity_name_com.name        'ICAM-1, CD54' 
# 
_entity_poly.entity_id                      1 
_entity_poly.type                           'polypeptide(L)' 
_entity_poly.nstd_linkage                   no 
_entity_poly.nstd_monomer                   no 
_entity_poly.pdbx_seq_one_letter_code       
;QTSVSPSKVILPRGGSVLVTCSTSCDQPKLLGIETPLPKKELLLPGNNRKVYELSNVQEDSQPMCYSNCPDGQSTAKTFL
TVYWTPERVELAPLPSWQPVGKQLTLRCQVEGGAPRAQLTVVLLRGEKELKREPAVGEPAEVTTTVLVRRDHHGAQFSCR
TELDLRPQGLELFENTSAPYQLQTF
;
_entity_poly.pdbx_seq_one_letter_code_can   
;QTSVSPSKVILPRGGSVLVTCSTSCDQPKLLGIETPLPKKELLLPGNNRKVYELSNVQEDSQPMCYSNCPDGQSTAKTFL
TVYWTPERVELAPLPSWQPVGKQLTLRCQVEGGAPRAQLTVVLLRGEKELKREPAVGEPAEVTTTVLVRRDHHGAQFSCR
TELDLRPQGLELFENTSAPYQLQTF
;
_entity_poly.pdbx_strand_id                 A 
_entity_poly.pdbx_target_identifier         ? 
# 
loop_
_pdbx_entity_nonpoly.entity_id 
_pdbx_entity_nonpoly.name 
_pdbx_entity_nonpoly.comp_id 
2 2-acetamido-2-deoxy-beta-D-glucopyranose NAG 
3 water                                    HOH 
# 
loop_
_entity_poly_seq.entity_id 
_entity_poly_seq.num 
_entity_poly_seq.mon_id 
_entity_poly_seq.hetero 
1 1   GLN n 
1 2   THR n 
1 3   SER n 
1 4   VAL n 
1 5   SER n 
1 6   PRO n 
1 7   SER n 
1 8   LYS n 
1 9   VAL n 
1 10  ILE n 
1 11  LEU n 
1 12  PRO n 
1 13  ARG n 
1 14  GLY n 
1 15  GLY n 
1 16  SER n 
1 17  VAL n 
1 18  LEU n 
1 19  VAL n 
1 20  THR n 
1 21  CYS n 
1 22  SER n 
1 23  THR n 
1 24  SER n 
1 25  CYS n 
1 26  ASP n 
1 27  GLN n 
1 28  PRO n 
1 29  LYS n 
1 30  LEU n 
1 31  LEU n 
1 32  GLY n 
1 33  ILE n 
1 34  GLU n 
1 35  THR n 
1 36  PRO n 
1 37  LEU n 
1 38  PRO n 
1 39  LYS n 
1 40  LYS n 
1 41  GLU n 
1 42  LEU n 
1 43  LEU n 
1 44  LEU n 
1 45  PRO n 
1 46  GLY n 
1 47  ASN n 
1 48  ASN n 
1 49  ARG n 
1 50  LYS n 
1 51  VAL n 
1 52  TYR n 
1 53  GLU n 
1 54  LEU n 
1 55  SER n 
1 56  ASN n 
1 57  VAL n 
1 58  GLN n 
1 59  GLU n 
1 60  ASP n 
1 61  SER n 
1 62  GLN n 
1 63  PRO n 
1 64  MET n 
1 65  CYS n 
1 66  TYR n 
1 67  SER n 
1 68  ASN n 
1 69  CYS n 
1 70  PRO n 
1 71  ASP n 
1 72  GLY n 
1 73  GLN n 
1 74  SER n 
1 75  THR n 
1 76  ALA n 
1 77  LYS n 
1 78  THR n 
1 79  PHE n 
1 80  LEU n 
1 81  THR n 
1 82  VAL n 
1 83  TYR n 
1 84  TRP n 
1 85  THR n 
1 86  PRO n 
1 87  GLU n 
1 88  ARG n 
1 89  VAL n 
1 90  GLU n 
1 91  LEU n 
1 92  ALA n 
1 93  PRO n 
1 94  LEU n 
1 95  PRO n 
1 96  SER n 
1 97  TRP n 
1 98  GLN n 
1 99  PRO n 
1 100 VAL n 
1 101 GLY n 
1 102 LYS n 
1 103 GLN n 
1 104 LEU n 
1 105 THR n 
1 106 LEU n 
1 107 ARG n 
1 108 CYS n 
1 109 GLN n 
1 110 VAL n 
1 111 GLU n 
1 112 GLY n 
1 113 GLY n 
1 114 ALA n 
1 115 PRO n 
1 116 ARG n 
1 117 ALA n 
1 118 GLN n 
1 119 LEU n 
1 120 THR n 
1 121 VAL n 
1 122 VAL n 
1 123 LEU n 
1 124 LEU n 
1 125 ARG n 
1 126 GLY n 
1 127 GLU n 
1 128 LYS n 
1 129 GLU n 
1 130 LEU n 
1 131 LYS n 
1 132 ARG n 
1 133 GLU n 
1 134 PRO n 
1 135 ALA n 
1 136 VAL n 
1 137 GLY n 
1 138 GLU n 
1 139 PRO n 
1 140 ALA n 
1 141 GLU n 
1 142 VAL n 
1 143 THR n 
1 144 THR n 
1 145 THR n 
1 146 VAL n 
1 147 LEU n 
1 148 VAL n 
1 149 ARG n 
1 150 ARG n 
1 151 ASP n 
1 152 HIS n 
1 153 HIS n 
1 154 GLY n 
1 155 ALA n 
1 156 GLN n 
1 157 PHE n 
1 158 SER n 
1 159 CYS n 
1 160 ARG n 
1 161 THR n 
1 162 GLU n 
1 163 LEU n 
1 164 ASP n 
1 165 LEU n 
1 166 ARG n 
1 167 PRO n 
1 168 GLN n 
1 169 GLY n 
1 170 LEU n 
1 171 GLU n 
1 172 LEU n 
1 173 PHE n 
1 174 GLU n 
1 175 ASN n 
1 176 THR n 
1 177 SER n 
1 178 ALA n 
1 179 PRO n 
1 180 TYR n 
1 181 GLN n 
1 182 LEU n 
1 183 GLN n 
1 184 THR n 
1 185 PHE n 
# 
_entity_src_gen.entity_id                          1 
_entity_src_gen.pdbx_src_id                        1 
_entity_src_gen.pdbx_alt_source_flag               sample 
_entity_src_gen.pdbx_seq_type                      ? 
_entity_src_gen.pdbx_beg_seq_num                   ? 
_entity_src_gen.pdbx_end_seq_num                   ? 
_entity_src_gen.gene_src_common_name               human 
_entity_src_gen.gene_src_genus                     Homo 
_entity_src_gen.pdbx_gene_src_gene                 ? 
_entity_src_gen.gene_src_species                   ? 
_entity_src_gen.gene_src_strain                    ? 
_entity_src_gen.gene_src_tissue                    ? 
_entity_src_gen.gene_src_tissue_fraction           ? 
_entity_src_gen.gene_src_details                   ? 
_entity_src_gen.pdbx_gene_src_fragment             ? 
_entity_src_gen.pdbx_gene_src_scientific_name      'Homo sapiens' 
_entity_src_gen.pdbx_gene_src_ncbi_taxonomy_id     9606 
_entity_src_gen.pdbx_gene_src_variant              ? 
_entity_src_gen.pdbx_gene_src_cell_line            SF9 
_entity_src_gen.pdbx_gene_src_atcc                 ? 
_entity_src_gen.pdbx_gene_src_organ                ? 
_entity_src_gen.pdbx_gene_src_organelle            ? 
_entity_src_gen.pdbx_gene_src_cell                 'LEUKOCYTES, ENDOTHELIAL CELLS' 
_entity_src_gen.pdbx_gene_src_cellular_location    ? 
_entity_src_gen.host_org_common_name               'fall armyworm' 
_entity_src_gen.pdbx_host_org_scientific_name      'Spodoptera frugiperda' 
_entity_src_gen.pdbx_host_org_ncbi_taxonomy_id     7108 
_entity_src_gen.host_org_genus                     Spodoptera 
_entity_src_gen.pdbx_host_org_gene                 ? 
_entity_src_gen.pdbx_host_org_organ                ? 
_entity_src_gen.host_org_species                   ? 
_entity_src_gen.pdbx_host_org_tissue               ? 
_entity_src_gen.pdbx_host_org_tissue_fraction      ? 
_entity_src_gen.pdbx_host_org_strain               ? 
_entity_src_gen.pdbx_host_org_variant              ? 
_entity_src_gen.pdbx_host_org_cell_line            SF9 
_entity_src_gen.pdbx_host_org_atcc                 ? 
_entity_src_gen.pdbx_host_org_culture_collection   ? 
_entity_src_gen.pdbx_host_org_cell                 ? 
_entity_src_gen.pdbx_host_org_organelle            ? 
_entity_src_gen.pdbx_host_org_cellular_location    ? 
_entity_src_gen.pdbx_host_org_vector_type          ? 
_entity_src_gen.pdbx_host_org_vector               BACULOVIRUS 
_entity_src_gen.host_org_details                   ? 
_entity_src_gen.expression_system_id               ? 
_entity_src_gen.plasmid_name                       'PVL1393 (PHARMINGEN)' 
_entity_src_gen.plasmid_details                    ? 
_entity_src_gen.pdbx_description                   ? 
# 
loop_
_chem_comp.id 
_chem_comp.type 
_chem_comp.mon_nstd_flag 
_chem_comp.name 
_chem_comp.pdbx_synonyms 
_chem_comp.formula 
_chem_comp.formula_weight 
ALA 'L-peptide linking'          y ALANINE                                  ? 'C3 H7 N O2'     89.093  
ARG 'L-peptide linking'          y ARGININE                                 ? 'C6 H15 N4 O2 1' 175.209 
ASN 'L-peptide linking'          y ASPARAGINE                               ? 'C4 H8 N2 O3'    132.118 
ASP 'L-peptide linking'          y 'ASPARTIC ACID'                          ? 'C4 H7 N O4'     133.103 
CYS 'L-peptide linking'          y CYSTEINE                                 ? 'C3 H7 N O2 S'   121.158 
GLN 'L-peptide linking'          y GLUTAMINE                                ? 'C5 H10 N2 O3'   146.144 
GLU 'L-peptide linking'          y 'GLUTAMIC ACID'                          ? 'C5 H9 N O4'     147.129 
GLY 'peptide linking'            y GLYCINE                                  ? 'C2 H5 N O2'     75.067  
HIS 'L-peptide linking'          y HISTIDINE                                ? 'C6 H10 N3 O2 1' 156.162 
HOH non-polymer                  . WATER                                    ? 'H2 O'           18.015  
ILE 'L-peptide linking'          y ISOLEUCINE                               ? 'C6 H13 N O2'    131.173 
LEU 'L-peptide linking'          y LEUCINE                                  ? 'C6 H13 N O2'    131.173 
LYS 'L-peptide linking'          y LYSINE                                   ? 'C6 H15 N2 O2 1' 147.195 
MET 'L-peptide linking'          y METHIONINE                               ? 'C5 H11 N O2 S'  149.211 
NAG 'D-saccharide, beta linking' . 2-acetamido-2-deoxy-beta-D-glucopyranose 
;N-acetyl-beta-D-glucosamine; 2-acetamido-2-deoxy-beta-D-glucose; 2-acetamido-2-deoxy-D-glucose; 2-acetamido-2-deoxy-glucose; N-ACETYL-D-GLUCOSAMINE
;
'C8 H15 N O6'    221.208 
PHE 'L-peptide linking'          y PHENYLALANINE                            ? 'C9 H11 N O2'    165.189 
PRO 'L-peptide linking'          y PROLINE                                  ? 'C5 H9 N O2'     115.130 
SER 'L-peptide linking'          y SERINE                                   ? 'C3 H7 N O3'     105.093 
THR 'L-peptide linking'          y THREONINE                                ? 'C4 H9 N O3'     119.119 
TRP 'L-peptide linking'          y TRYPTOPHAN                               ? 'C11 H12 N2 O2'  204.225 
TYR 'L-peptide linking'          y TYROSINE                                 ? 'C9 H11 N O3'    181.189 
VAL 'L-peptide linking'          y VALINE                                   ? 'C5 H11 N O2'    117.146 
# 
loop_
_pdbx_chem_comp_identifier.comp_id 
_pdbx_chem_comp_identifier.type 
_pdbx_chem_comp_identifier.program 
_pdbx_chem_comp_identifier.program_version 
_pdbx_chem_comp_identifier.identifier 
NAG 'CONDENSED IUPAC CARBOHYDRATE SYMBOL' GMML     1.0 DGlcpNAcb                      
NAG 'COMMON NAME'                         GMML     1.0 N-acetyl-b-D-glucopyranosamine 
NAG 'IUPAC CARBOHYDRATE SYMBOL'           PDB-CARE 1.0 b-D-GlcpNAc                    
NAG 'SNFG CARBOHYDRATE SYMBOL'            GMML     1.0 GlcNAc                         
# 
loop_
_pdbx_poly_seq_scheme.asym_id 
_pdbx_poly_seq_scheme.entity_id 
_pdbx_poly_seq_scheme.seq_id 
_pdbx_poly_seq_scheme.mon_id 
_pdbx_poly_seq_scheme.ndb_seq_num 
_pdbx_poly_seq_scheme.pdb_seq_num 
_pdbx_poly_seq_scheme.auth_seq_num 
_pdbx_poly_seq_scheme.pdb_mon_id 
_pdbx_poly_seq_scheme.auth_mon_id 
_pdbx_poly_seq_scheme.pdb_strand_id 
_pdbx_poly_seq_scheme.pdb_ins_code 
_pdbx_poly_seq_scheme.hetero 
A 1 1   GLN 1   1   1   GLN GLN A . n 
A 1 2   THR 2   2   2   THR THR A . n 
A 1 3   SER 3   3   3   SER SER A . n 
A 1 4   VAL 4   4   4   VAL VAL A . n 
A 1 5   SER 5   5   5   SER SER A . n 
A 1 6   PRO 6   6   6   PRO PRO A . n 
A 1 7   SER 7   7   7   SER SER A . n 
A 1 8   LYS 8   8   8   LYS LYS A . n 
A 1 9   VAL 9   9   9   VAL VAL A . n 
A 1 10  ILE 10  10  10  ILE ILE A . n 
A 1 11  LEU 11  11  11  LEU LEU A . n 
A 1 12  PRO 12  12  12  PRO PRO A . n 
A 1 13  ARG 13  13  13  ARG ARG A . n 
A 1 14  GLY 14  14  14  GLY GLY A . n 
A 1 15  GLY 15  15  15  GLY GLY A . n 
A 1 16  SER 16  16  16  SER SER A . n 
A 1 17  VAL 17  17  17  VAL VAL A . n 
A 1 18  LEU 18  18  18  LEU LEU A . n 
A 1 19  VAL 19  19  19  VAL VAL A . n 
A 1 20  THR 20  20  20  THR THR A . n 
A 1 21  CYS 21  21  21  CYS CYS A . n 
A 1 22  SER 22  22  22  SER SER A . n 
A 1 23  THR 23  23  23  THR THR A . n 
A 1 24  SER 24  24  24  SER SER A . n 
A 1 25  CYS 25  25  25  CYS CYS A . n 
A 1 26  ASP 26  26  26  ASP ASP A . n 
A 1 27  GLN 27  27  27  GLN GLN A . n 
A 1 28  PRO 28  28  28  PRO PRO A . n 
A 1 29  LYS 29  29  29  LYS LYS A . n 
A 1 30  LEU 30  30  30  LEU LEU A . n 
A 1 31  LEU 31  31  31  LEU LEU A . n 
A 1 32  GLY 32  32  32  GLY GLY A . n 
A 1 33  ILE 33  33  33  ILE ILE A . n 
A 1 34  GLU 34  34  34  GLU GLU A . n 
A 1 35  THR 35  35  35  THR THR A . n 
A 1 36  PRO 36  36  36  PRO PRO A . n 
A 1 37  LEU 37  37  37  LEU LEU A . n 
A 1 38  PRO 38  38  38  PRO PRO A . n 
A 1 39  LYS 39  39  39  LYS LYS A . n 
A 1 40  LYS 40  40  40  LYS LYS A . n 
A 1 41  GLU 41  41  41  GLU GLU A . n 
A 1 42  LEU 42  42  42  LEU LEU A . n 
A 1 43  LEU 43  43  43  LEU LEU A . n 
A 1 44  LEU 44  44  44  LEU LEU A . n 
A 1 45  PRO 45  45  45  PRO PRO A . n 
A 1 46  GLY 46  46  46  GLY GLY A . n 
A 1 47  ASN 47  47  47  ASN ASN A . n 
A 1 48  ASN 48  48  48  ASN ASN A . n 
A 1 49  ARG 49  49  49  ARG ARG A . n 
A 1 50  LYS 50  50  50  LYS LYS A . n 
A 1 51  VAL 51  51  51  VAL VAL A . n 
A 1 52  TYR 52  52  52  TYR TYR A . n 
A 1 53  GLU 53  53  53  GLU GLU A . n 
A 1 54  LEU 54  54  54  LEU LEU A . n 
A 1 55  SER 55  55  55  SER SER A . n 
A 1 56  ASN 56  56  56  ASN ASN A . n 
A 1 57  VAL 57  57  57  VAL VAL A . n 
A 1 58  GLN 58  58  58  GLN GLN A . n 
A 1 59  GLU 59  59  59  GLU GLU A . n 
A 1 60  ASP 60  60  60  ASP ASP A . n 
A 1 61  SER 61  61  61  SER SER A . n 
A 1 62  GLN 62  62  62  GLN GLN A . n 
A 1 63  PRO 63  63  63  PRO PRO A . n 
A 1 64  MET 64  64  64  MET MET A . n 
A 1 65  CYS 65  65  65  CYS CYS A . n 
A 1 66  TYR 66  66  66  TYR TYR A . n 
A 1 67  SER 67  67  67  SER SER A . n 
A 1 68  ASN 68  68  68  ASN ASN A . n 
A 1 69  CYS 69  69  69  CYS CYS A . n 
A 1 70  PRO 70  70  70  PRO PRO A . n 
A 1 71  ASP 71  71  71  ASP ASP A . n 
A 1 72  GLY 72  72  72  GLY GLY A . n 
A 1 73  GLN 73  73  73  GLN GLN A . n 
A 1 74  SER 74  74  74  SER SER A . n 
A 1 75  THR 75  75  75  THR THR A . n 
A 1 76  ALA 76  76  76  ALA ALA A . n 
A 1 77  LYS 77  77  77  LYS LYS A . n 
A 1 78  THR 78  78  78  THR THR A . n 
A 1 79  PHE 79  79  79  PHE PHE A . n 
A 1 80  LEU 80  80  80  LEU LEU A . n 
A 1 81  THR 81  81  81  THR THR A . n 
A 1 82  VAL 82  82  82  VAL VAL A . n 
A 1 83  TYR 83  83  83  TYR TYR A . n 
A 1 84  TRP 84  84  84  TRP TRP A . n 
A 1 85  THR 85  85  85  THR THR A . n 
A 1 86  PRO 86  86  86  PRO PRO A . n 
A 1 87  GLU 87  87  87  GLU GLU A . n 
A 1 88  ARG 88  88  88  ARG ARG A . n 
A 1 89  VAL 89  89  89  VAL VAL A . n 
A 1 90  GLU 90  90  90  GLU GLU A . n 
A 1 91  LEU 91  91  91  LEU LEU A . n 
A 1 92  ALA 92  92  92  ALA ALA A . n 
A 1 93  PRO 93  93  93  PRO PRO A . n 
A 1 94  LEU 94  94  94  LEU LEU A . n 
A 1 95  PRO 95  95  95  PRO PRO A . n 
A 1 96  SER 96  96  96  SER SER A . n 
A 1 97  TRP 97  97  97  TRP TRP A . n 
A 1 98  GLN 98  98  98  GLN GLN A . n 
A 1 99  PRO 99  99  99  PRO PRO A . n 
A 1 100 VAL 100 100 100 VAL VAL A . n 
A 1 101 GLY 101 101 101 GLY GLY A . n 
A 1 102 LYS 102 102 102 LYS LYS A . n 
A 1 103 GLN 103 103 103 GLN GLN A . n 
A 1 104 LEU 104 104 104 LEU LEU A . n 
A 1 105 THR 105 105 105 THR THR A . n 
A 1 106 LEU 106 106 106 LEU LEU A . n 
A 1 107 ARG 107 107 107 ARG ARG A . n 
A 1 108 CYS 108 108 108 CYS CYS A . n 
A 1 109 GLN 109 109 109 GLN GLN A . n 
A 1 110 VAL 110 110 110 VAL VAL A . n 
A 1 111 GLU 111 111 111 GLU GLU A . n 
A 1 112 GLY 112 112 112 GLY GLY A . n 
A 1 113 GLY 113 113 113 GLY GLY A . n 
A 1 114 ALA 114 114 114 ALA ALA A . n 
A 1 115 PRO 115 115 115 PRO PRO A . n 
A 1 116 ARG 116 116 116 ARG ARG A . n 
A 1 117 ALA 117 117 117 ALA ALA A . n 
A 1 118 GLN 118 118 118 GLN GLN A . n 
A 1 119 LEU 119 119 119 LEU LEU A . n 
A 1 120 THR 120 120 120 THR THR A . n 
A 1 121 VAL 121 121 121 VAL VAL A . n 
A 1 122 VAL 122 122 122 VAL VAL A . n 
A 1 123 LEU 123 123 123 LEU LEU A . n 
A 1 124 LEU 124 124 124 LEU LEU A . n 
A 1 125 ARG 125 125 125 ARG ARG A . n 
A 1 126 GLY 126 126 126 GLY GLY A . n 
A 1 127 GLU 127 127 127 GLU GLU A . n 
A 1 128 LYS 128 128 128 LYS LYS A . n 
A 1 129 GLU 129 129 129 GLU GLU A . n 
A 1 130 LEU 130 130 130 LEU LEU A . n 
A 1 131 LYS 131 131 131 LYS LYS A . n 
A 1 132 ARG 132 132 132 ARG ARG A . n 
A 1 133 GLU 133 133 133 GLU GLU A . n 
A 1 134 PRO 134 134 134 PRO PRO A . n 
A 1 135 ALA 135 135 135 ALA ALA A . n 
A 1 136 VAL 136 136 136 VAL VAL A . n 
A 1 137 GLY 137 137 137 GLY GLY A . n 
A 1 138 GLU 138 138 138 GLU GLU A . n 
A 1 139 PRO 139 139 139 PRO PRO A . n 
A 1 140 ALA 140 140 140 ALA ALA A . n 
A 1 141 GLU 141 141 141 GLU GLU A . n 
A 1 142 VAL 142 142 142 VAL VAL A . n 
A 1 143 THR 143 143 143 THR THR A . n 
A 1 144 THR 144 144 144 THR THR A . n 
A 1 145 THR 145 145 145 THR THR A . n 
A 1 146 VAL 146 146 146 VAL VAL A . n 
A 1 147 LEU 147 147 147 LEU LEU A . n 
A 1 148 VAL 148 148 148 VAL VAL A . n 
A 1 149 ARG 149 149 149 ARG ARG A . n 
A 1 150 ARG 150 150 150 ARG ARG A . n 
A 1 151 ASP 151 151 151 ASP ASP A . n 
A 1 152 HIS 152 152 152 HIS HIS A . n 
A 1 153 HIS 153 153 153 HIS HIS A . n 
A 1 154 GLY 154 154 154 GLY GLY A . n 
A 1 155 ALA 155 155 155 ALA ALA A . n 
A 1 156 GLN 156 156 156 GLN GLN A . n 
A 1 157 PHE 157 157 157 PHE PHE A . n 
A 1 158 SER 158 158 158 SER SER A . n 
A 1 159 CYS 159 159 159 CYS CYS A . n 
A 1 160 ARG 160 160 160 ARG ARG A . n 
A 1 161 THR 161 161 161 THR THR A . n 
A 1 162 GLU 162 162 162 GLU GLU A . n 
A 1 163 LEU 163 163 163 LEU LEU A . n 
A 1 164 ASP 164 164 164 ASP ASP A . n 
A 1 165 LEU 165 165 165 LEU LEU A . n 
A 1 166 ARG 166 166 166 ARG ARG A . n 
A 1 167 PRO 167 167 167 PRO PRO A . n 
A 1 168 GLN 168 168 168 GLN GLN A . n 
A 1 169 GLY 169 169 169 GLY GLY A . n 
A 1 170 LEU 170 170 170 LEU LEU A . n 
A 1 171 GLU 171 171 171 GLU GLU A . n 
A 1 172 LEU 172 172 172 LEU LEU A . n 
A 1 173 PHE 173 173 173 PHE PHE A . n 
A 1 174 GLU 174 174 174 GLU GLU A . n 
A 1 175 ASN 175 175 175 ASN ASN A . n 
A 1 176 THR 176 176 176 THR THR A . n 
A 1 177 SER 177 177 177 SER SER A . n 
A 1 178 ALA 178 178 178 ALA ALA A . n 
A 1 179 PRO 179 179 179 PRO PRO A . n 
A 1 180 TYR 180 180 180 TYR TYR A . n 
A 1 181 GLN 181 181 181 GLN GLN A . n 
A 1 182 LEU 182 182 182 LEU LEU A . n 
A 1 183 GLN 183 183 183 GLN GLN A . n 
A 1 184 THR 184 184 184 THR THR A . n 
A 1 185 PHE 185 185 185 PHE PHE A . n 
# 
loop_
_pdbx_nonpoly_scheme.asym_id 
_pdbx_nonpoly_scheme.entity_id 
_pdbx_nonpoly_scheme.mon_id 
_pdbx_nonpoly_scheme.ndb_seq_num 
_pdbx_nonpoly_scheme.pdb_seq_num 
_pdbx_nonpoly_scheme.auth_seq_num 
_pdbx_nonpoly_scheme.pdb_mon_id 
_pdbx_nonpoly_scheme.auth_mon_id 
_pdbx_nonpoly_scheme.pdb_strand_id 
_pdbx_nonpoly_scheme.pdb_ins_code 
B 2 NAG 1   275 275 NAG NAG A . 
C 3 HOH 1   400 400 HOH HOH A . 
C 3 HOH 2   401 401 HOH HOH A . 
C 3 HOH 3   402 402 HOH HOH A . 
C 3 HOH 4   403 403 HOH HOH A . 
C 3 HOH 5   404 404 HOH HOH A . 
C 3 HOH 6   405 405 HOH HOH A . 
C 3 HOH 7   406 406 HOH HOH A . 
C 3 HOH 8   407 407 HOH HOH A . 
C 3 HOH 9   408 408 HOH HOH A . 
C 3 HOH 10  409 409 HOH HOH A . 
C 3 HOH 11  410 410 HOH HOH A . 
C 3 HOH 12  411 411 HOH HOH A . 
C 3 HOH 13  412 412 HOH HOH A . 
C 3 HOH 14  413 413 HOH HOH A . 
C 3 HOH 15  414 414 HOH HOH A . 
C 3 HOH 16  415 415 HOH HOH A . 
C 3 HOH 17  416 416 HOH HOH A . 
C 3 HOH 18  417 417 HOH HOH A . 
C 3 HOH 19  418 418 HOH HOH A . 
C 3 HOH 20  419 419 HOH HOH A . 
C 3 HOH 21  420 420 HOH HOH A . 
C 3 HOH 22  421 421 HOH HOH A . 
C 3 HOH 23  422 422 HOH HOH A . 
C 3 HOH 24  423 423 HOH HOH A . 
C 3 HOH 25  424 424 HOH HOH A . 
C 3 HOH 26  425 425 HOH HOH A . 
C 3 HOH 27  426 426 HOH HOH A . 
C 3 HOH 28  427 427 HOH HOH A . 
C 3 HOH 29  428 428 HOH HOH A . 
C 3 HOH 30  429 429 HOH HOH A . 
C 3 HOH 31  430 430 HOH HOH A . 
C 3 HOH 32  431 431 HOH HOH A . 
C 3 HOH 33  432 432 HOH HOH A . 
C 3 HOH 34  433 433 HOH HOH A . 
C 3 HOH 35  434 434 HOH HOH A . 
C 3 HOH 36  435 435 HOH HOH A . 
C 3 HOH 37  436 436 HOH HOH A . 
C 3 HOH 38  437 437 HOH HOH A . 
C 3 HOH 39  438 438 HOH HOH A . 
C 3 HOH 40  439 439 HOH HOH A . 
C 3 HOH 41  440 440 HOH HOH A . 
C 3 HOH 42  441 441 HOH HOH A . 
C 3 HOH 43  442 442 HOH HOH A . 
C 3 HOH 44  443 443 HOH HOH A . 
C 3 HOH 45  444 444 HOH HOH A . 
C 3 HOH 46  445 445 HOH HOH A . 
C 3 HOH 47  446 446 HOH HOH A . 
C 3 HOH 48  447 447 HOH HOH A . 
C 3 HOH 49  448 448 HOH HOH A . 
C 3 HOH 50  449 449 HOH HOH A . 
C 3 HOH 51  450 450 HOH HOH A . 
C 3 HOH 52  451 451 HOH HOH A . 
C 3 HOH 53  452 452 HOH HOH A . 
C 3 HOH 54  453 453 HOH HOH A . 
C 3 HOH 55  454 454 HOH HOH A . 
C 3 HOH 56  455 455 HOH HOH A . 
C 3 HOH 57  456 456 HOH HOH A . 
C 3 HOH 58  457 457 HOH HOH A . 
C 3 HOH 59  458 458 HOH HOH A . 
C 3 HOH 60  459 459 HOH HOH A . 
C 3 HOH 61  460 460 HOH HOH A . 
C 3 HOH 62  461 461 HOH HOH A . 
C 3 HOH 63  462 462 HOH HOH A . 
C 3 HOH 64  463 463 HOH HOH A . 
C 3 HOH 65  464 464 HOH HOH A . 
C 3 HOH 66  465 465 HOH HOH A . 
C 3 HOH 67  466 466 HOH HOH A . 
C 3 HOH 68  467 467 HOH HOH A . 
C 3 HOH 69  468 468 HOH HOH A . 
C 3 HOH 70  469 469 HOH HOH A . 
C 3 HOH 71  470 470 HOH HOH A . 
C 3 HOH 72  471 471 HOH HOH A . 
C 3 HOH 73  472 472 HOH HOH A . 
C 3 HOH 74  473 473 HOH HOH A . 
C 3 HOH 75  474 474 HOH HOH A . 
C 3 HOH 76  475 475 HOH HOH A . 
C 3 HOH 77  476 476 HOH HOH A . 
C 3 HOH 78  477 477 HOH HOH A . 
C 3 HOH 79  478 478 HOH HOH A . 
C 3 HOH 80  479 479 HOH HOH A . 
C 3 HOH 81  480 480 HOH HOH A . 
C 3 HOH 82  481 481 HOH HOH A . 
C 3 HOH 83  482 482 HOH HOH A . 
C 3 HOH 84  483 483 HOH HOH A . 
C 3 HOH 85  484 484 HOH HOH A . 
C 3 HOH 86  485 485 HOH HOH A . 
C 3 HOH 87  486 486 HOH HOH A . 
C 3 HOH 88  487 487 HOH HOH A . 
C 3 HOH 89  488 488 HOH HOH A . 
C 3 HOH 90  489 489 HOH HOH A . 
C 3 HOH 91  490 490 HOH HOH A . 
C 3 HOH 92  491 491 HOH HOH A . 
C 3 HOH 93  492 492 HOH HOH A . 
C 3 HOH 94  493 493 HOH HOH A . 
C 3 HOH 95  494 494 HOH HOH A . 
C 3 HOH 96  495 495 HOH HOH A . 
C 3 HOH 97  496 496 HOH HOH A . 
C 3 HOH 98  497 497 HOH HOH A . 
C 3 HOH 99  498 498 HOH HOH A . 
C 3 HOH 100 499 499 HOH HOH A . 
C 3 HOH 101 500 500 HOH HOH A . 
C 3 HOH 102 501 501 HOH HOH A . 
C 3 HOH 103 502 502 HOH HOH A . 
C 3 HOH 104 503 503 HOH HOH A . 
C 3 HOH 105 504 504 HOH HOH A . 
C 3 HOH 106 505 505 HOH HOH A . 
C 3 HOH 107 506 506 HOH HOH A . 
C 3 HOH 108 507 507 HOH HOH A . 
C 3 HOH 109 508 508 HOH HOH A . 
C 3 HOH 110 509 509 HOH HOH A . 
C 3 HOH 111 510 510 HOH HOH A . 
C 3 HOH 112 511 511 HOH HOH A . 
C 3 HOH 113 512 512 HOH HOH A . 
C 3 HOH 114 513 513 HOH HOH A . 
C 3 HOH 115 514 514 HOH HOH A . 
C 3 HOH 116 515 515 HOH HOH A . 
C 3 HOH 117 516 516 HOH HOH A . 
C 3 HOH 118 517 517 HOH HOH A . 
C 3 HOH 119 518 518 HOH HOH A . 
C 3 HOH 120 519 519 HOH HOH A . 
C 3 HOH 121 520 520 HOH HOH A . 
C 3 HOH 122 521 521 HOH HOH A . 
C 3 HOH 123 522 522 HOH HOH A . 
C 3 HOH 124 523 523 HOH HOH A . 
C 3 HOH 125 524 524 HOH HOH A . 
C 3 HOH 126 525 525 HOH HOH A . 
C 3 HOH 127 526 526 HOH HOH A . 
C 3 HOH 128 527 527 HOH HOH A . 
C 3 HOH 129 528 528 HOH HOH A . 
C 3 HOH 130 529 529 HOH HOH A . 
C 3 HOH 131 530 530 HOH HOH A . 
C 3 HOH 132 531 531 HOH HOH A . 
C 3 HOH 133 532 532 HOH HOH A . 
C 3 HOH 134 533 533 HOH HOH A . 
C 3 HOH 135 534 534 HOH HOH A . 
C 3 HOH 136 535 535 HOH HOH A . 
C 3 HOH 137 536 536 HOH HOH A . 
C 3 HOH 138 537 537 HOH HOH A . 
C 3 HOH 139 538 538 HOH HOH A . 
C 3 HOH 140 539 539 HOH HOH A . 
C 3 HOH 141 540 540 HOH HOH A . 
C 3 HOH 142 541 541 HOH HOH A . 
C 3 HOH 143 542 542 HOH HOH A . 
C 3 HOH 144 543 543 HOH HOH A . 
C 3 HOH 145 544 544 HOH HOH A . 
C 3 HOH 146 545 545 HOH HOH A . 
C 3 HOH 147 546 546 HOH HOH A . 
# 
loop_
_software.name 
_software.classification 
_software.version 
_software.citation_id 
_software.pdbx_ordinal 
DENZO     'data reduction' .     ? 1 
SCALEPACK 'data scaling'   .     ? 2 
X-PLOR    'model building' 3.851 ? 3 
X-PLOR    refinement       3.851 ? 4 
X-PLOR    phasing          3.851 ? 5 
# 
_cell.entry_id           1IAM 
_cell.length_a           41.857 
_cell.length_b           124.736 
_cell.length_c           83.186 
_cell.angle_alpha        90.00 
_cell.angle_beta         90.00 
_cell.angle_gamma        90.00 
_cell.Z_PDB              8 
_cell.pdbx_unique_axis   ? 
# 
_symmetry.entry_id                         1IAM 
_symmetry.space_group_name_H-M             'C 2 2 21' 
_symmetry.pdbx_full_space_group_name_H-M   ? 
_symmetry.cell_setting                     ? 
_symmetry.Int_Tables_number                20 
# 
_exptl.entry_id          1IAM 
_exptl.method            'X-RAY DIFFRACTION' 
_exptl.crystals_number   1 
# 
_exptl_crystal.id                    1 
_exptl_crystal.density_meas          ? 
_exptl_crystal.density_Matthews      2.65 
_exptl_crystal.density_percent_sol   53.56 
_exptl_crystal.description           
;THERE IS A SIGNIFICANT NUMBER OF OVERLOADS IN THE LOWER RESOLUTION SHELLS (19% BETWEEN 20 AN 5 ANGSTROM). DATA WAS SCALED WITH THE "INCLUDE OVERLOADS" OPTION IN SCALEPACK. LOW RESOLUTION DATA BETWEEN 20 AND 5 ANGSTROM HAS NOT BEEN USED IN THE REFINEMENT.
;
# 
_exptl_crystal_grow.crystal_id      1 
_exptl_crystal_grow.method          ? 
_exptl_crystal_grow.temp            ? 
_exptl_crystal_grow.temp_details    ? 
_exptl_crystal_grow.pH              7.5 
_exptl_crystal_grow.pdbx_pH_range   ? 
_exptl_crystal_grow.pdbx_details    
'PROTEIN IN 10 MM TRIS, PH 7.5, 25 MM NACL, WAS CRYSTALLIZED FROM 20% PEG 4000 IN 10 MM TRIS AS PRECIPITANT' 
# 
_diffrn.id                     1 
_diffrn.ambient_temp           120 
_diffrn.ambient_temp_details   ? 
_diffrn.crystal_id             1 
# 
_diffrn_detector.diffrn_id              1 
_diffrn_detector.detector               CCD 
_diffrn_detector.type                   ? 
_diffrn_detector.pdbx_collection_date   1995-02-26 
_diffrn_detector.details                ? 
# 
_diffrn_radiation.diffrn_id                        1 
_diffrn_radiation.wavelength_id                    1 
_diffrn_radiation.pdbx_monochromatic_or_laue_m_l   M 
_diffrn_radiation.monochromator                    ? 
_diffrn_radiation.pdbx_diffrn_protocol             ? 
_diffrn_radiation.pdbx_scattering_type             x-ray 
# 
_diffrn_radiation_wavelength.id           1 
_diffrn_radiation_wavelength.wavelength   0.9200 
_diffrn_radiation_wavelength.wt           1.0 
# 
_diffrn_source.diffrn_id                   1 
_diffrn_source.source                      SYNCHROTRON 
_diffrn_source.type                        'CHESS BEAMLINE A1' 
_diffrn_source.pdbx_synchrotron_site       CHESS 
_diffrn_source.pdbx_synchrotron_beamline   A1 
_diffrn_source.pdbx_wavelength             0.9200 
_diffrn_source.pdbx_wavelength_list        ? 
# 
_reflns.entry_id                     1IAM 
_reflns.observed_criterion_sigma_I   2. 
_reflns.observed_criterion_sigma_F   ? 
_reflns.d_resolution_low             20.0 
_reflns.d_resolution_high            2.10 
_reflns.number_obs                   10629 
_reflns.number_all                   ? 
_reflns.percent_possible_obs         81.1 
_reflns.pdbx_Rmerge_I_obs            0.036 
_reflns.pdbx_Rsym_value              ? 
_reflns.pdbx_netI_over_sigmaI        24.15 
_reflns.B_iso_Wilson_estimate        25.1 
_reflns.pdbx_redundancy              3.0 
_reflns.pdbx_ordinal                 1 
_reflns.pdbx_diffrn_id               1 
# 
_reflns_shell.d_res_high             2.10 
_reflns_shell.d_res_low              2.17 
_reflns_shell.percent_possible_all   33.4 
_reflns_shell.Rmerge_I_obs           0.059 
_reflns_shell.pdbx_Rsym_value        ? 
_reflns_shell.meanI_over_sigI_obs    10.21 
_reflns_shell.pdbx_redundancy        0.3 
_reflns_shell.pdbx_ordinal           1 
_reflns_shell.pdbx_diffrn_id         1 
# 
_refine.entry_id                                 1IAM 
_refine.ls_number_reflns_obs                     9599 
_refine.ls_number_reflns_all                     ? 
_refine.pdbx_ls_sigma_I                          ? 
_refine.pdbx_ls_sigma_F                          0.0 
_refine.pdbx_data_cutoff_high_absF               100000. 
_refine.pdbx_data_cutoff_low_absF                0.001 
_refine.pdbx_data_cutoff_high_rms_absF           ? 
_refine.ls_d_res_low                             5.00 
_refine.ls_d_res_high                            2.10 
_refine.ls_percent_reflns_obs                    79.5 
_refine.ls_R_factor_obs                          0.214 
_refine.ls_R_factor_all                          ? 
_refine.ls_R_factor_R_work                       0.214 
_refine.ls_R_factor_R_free                       0.303 
_refine.ls_R_factor_R_free_error                 0.010 
_refine.ls_R_factor_R_free_error_details         ? 
_refine.ls_percent_reflns_R_free                 10.1 
_refine.ls_number_reflns_R_free                  971 
_refine.ls_number_parameters                     ? 
_refine.ls_number_restraints                     ? 
_refine.occupancy_min                            ? 
_refine.occupancy_max                            ? 
_refine.B_iso_mean                               24.6 
_refine.aniso_B[1][1]                            3.7699 
_refine.aniso_B[2][2]                            -0.9060 
_refine.aniso_B[3][3]                            -2.8639 
_refine.aniso_B[1][2]                            0.0000 
_refine.aniso_B[1][3]                            0.0000 
_refine.aniso_B[2][3]                            0.0000 
_refine.solvent_model_details                    ? 
_refine.solvent_model_param_ksol                 ? 
_refine.solvent_model_param_bsol                 ? 
_refine.pdbx_ls_cross_valid_method               THROUGHOUT 
_refine.details                                  ? 
_refine.pdbx_starting_model                      'ICAM-2, PDB ENTRY 1ZXQ' 
_refine.pdbx_method_to_determine_struct          'MOLECULAR REPLACEMENT, MIR, PHASE RECOMBINATION' 
_refine.pdbx_isotropic_thermal_model             RESTRAINED 
_refine.pdbx_stereochemistry_target_values       ? 
_refine.pdbx_stereochem_target_val_spec_case     ? 
_refine.pdbx_R_Free_selection_details            RANDOM 
_refine.pdbx_overall_ESU_R                       ? 
_refine.pdbx_overall_ESU_R_Free                  ? 
_refine.overall_SU_ML                            ? 
_refine.overall_SU_B                             ? 
_refine.pdbx_refine_id                           'X-RAY DIFFRACTION' 
_refine.pdbx_diffrn_id                           1 
_refine.pdbx_TLS_residual_ADP_flag               ? 
_refine.correlation_coeff_Fo_to_Fc               ? 
_refine.correlation_coeff_Fo_to_Fc_free          ? 
_refine.pdbx_solvent_vdw_probe_radii             ? 
_refine.pdbx_solvent_ion_probe_radii             ? 
_refine.pdbx_solvent_shrinkage_radii             ? 
_refine.pdbx_overall_phase_error                 ? 
_refine.overall_SU_R_Cruickshank_DPI             ? 
_refine.pdbx_overall_SU_R_free_Cruickshank_DPI   ? 
_refine.pdbx_overall_SU_R_Blow_DPI               ? 
_refine.pdbx_overall_SU_R_free_Blow_DPI          ? 
# 
_refine_hist.pdbx_refine_id                   'X-RAY DIFFRACTION' 
_refine_hist.cycle_id                         LAST 
_refine_hist.pdbx_number_atoms_protein        1436 
_refine_hist.pdbx_number_atoms_nucleic_acid   0 
_refine_hist.pdbx_number_atoms_ligand         14 
_refine_hist.number_atoms_solvent             147 
_refine_hist.number_atoms_total               1597 
_refine_hist.d_res_high                       2.10 
_refine_hist.d_res_low                        5.00 
# 
loop_
_refine_ls_restr.type 
_refine_ls_restr.dev_ideal 
_refine_ls_restr.dev_ideal_target 
_refine_ls_restr.weight 
_refine_ls_restr.number 
_refine_ls_restr.pdbx_refine_id 
_refine_ls_restr.pdbx_restraint_function 
x_bond_d                0.009 ?    ? ? 'X-RAY DIFFRACTION' ? 
x_bond_d_na             ?     ?    ? ? 'X-RAY DIFFRACTION' ? 
x_bond_d_prot           ?     ?    ? ? 'X-RAY DIFFRACTION' ? 
x_angle_d               ?     ?    ? ? 'X-RAY DIFFRACTION' ? 
x_angle_d_na            ?     ?    ? ? 'X-RAY DIFFRACTION' ? 
x_angle_d_prot          ?     ?    ? ? 'X-RAY DIFFRACTION' ? 
x_angle_deg             1.7   ?    ? ? 'X-RAY DIFFRACTION' ? 
x_angle_deg_na          ?     ?    ? ? 'X-RAY DIFFRACTION' ? 
x_angle_deg_prot        ?     ?    ? ? 'X-RAY DIFFRACTION' ? 
x_dihedral_angle_d      28.2  ?    ? ? 'X-RAY DIFFRACTION' ? 
x_dihedral_angle_d_na   ?     ?    ? ? 'X-RAY DIFFRACTION' ? 
x_dihedral_angle_d_prot ?     ?    ? ? 'X-RAY DIFFRACTION' ? 
x_improper_angle_d      1.6   ?    ? ? 'X-RAY DIFFRACTION' ? 
x_improper_angle_d_na   ?     ?    ? ? 'X-RAY DIFFRACTION' ? 
x_improper_angle_d_prot ?     ?    ? ? 'X-RAY DIFFRACTION' ? 
x_mcbond_it             1.27  1.50 ? ? 'X-RAY DIFFRACTION' ? 
x_mcangle_it            1.81  2.00 ? ? 'X-RAY DIFFRACTION' ? 
x_scbond_it             2.12  2.00 ? ? 'X-RAY DIFFRACTION' ? 
x_scangle_it            2.71  2.50 ? ? 'X-RAY DIFFRACTION' ? 
# 
_refine_ls_shell.pdbx_total_number_of_bins_used   8 
_refine_ls_shell.d_res_high                       2.10 
_refine_ls_shell.d_res_low                        2.19 
_refine_ls_shell.number_reflns_R_work             331 
_refine_ls_shell.R_factor_R_work                  0.219 
_refine_ls_shell.percent_reflns_obs               29.0 
_refine_ls_shell.R_factor_R_free                  0.242 
_refine_ls_shell.R_factor_R_free_error            0.037 
_refine_ls_shell.percent_reflns_R_free            9.91 
_refine_ls_shell.number_reflns_R_free             43 
_refine_ls_shell.pdbx_refine_id                   'X-RAY DIFFRACTION' 
_refine_ls_shell.number_reflns_all                ? 
_refine_ls_shell.R_factor_all                     ? 
# 
loop_
_pdbx_xplor_file.serial_no 
_pdbx_xplor_file.param_file 
_pdbx_xplor_file.topol_file 
_pdbx_xplor_file.pdbx_refine_id 
1 PARHCSDX.PRO TOPHCSDX.PRO 'X-RAY DIFFRACTION' 
2 PARAM3.CHO   TOPH3.CHO    'X-RAY DIFFRACTION' 
# 
_struct.entry_id                  1IAM 
_struct.title                     'STRUCTURE OF THE TWO AMINO-TERMINAL DOMAINS OF HUMAN INTERCELLULAR ADHESION MOLECULE-1, ICAM-1' 
_struct.pdbx_model_details        ? 
_struct.pdbx_CASP_flag            ? 
_struct.pdbx_model_type_details   ? 
# 
_struct_keywords.entry_id        1IAM 
_struct_keywords.pdbx_keywords   'Viral protein receptor' 
_struct_keywords.text            
;RHINOVIRUS RECEPTOR, CELL ADHESION, INTEGRIN LIGAND, GLYCOPROTEIN, LFA-1 LIGAND, IMMUNOGLOBULIN FOLD, TRANSMEMBRANE, Viral protein receptor
;
# 
loop_
_struct_asym.id 
_struct_asym.pdbx_blank_PDB_chainid_flag 
_struct_asym.pdbx_modified 
_struct_asym.entity_id 
_struct_asym.details 
A N N 1 ? 
B N N 2 ? 
C N N 3 ? 
# 
_struct_ref.id                         1 
_struct_ref.db_name                    UNP 
_struct_ref.db_code                    ICAM1_HUMAN 
_struct_ref.entity_id                  1 
_struct_ref.pdbx_db_accession          P05362 
_struct_ref.pdbx_align_begin           1 
_struct_ref.pdbx_seq_one_letter_code   
;MAPSSPRPALPALLVLLGALFPGPGNAQTSVSPSKVILPRGGSVLVTCSTSCDQPKLLGIETPLPKKELLLPGNNRKVYE
LSNVQEDSQPMCYSNCPDGQSTAKTFLTVYWTPERVELAPLPSWQPVGKNLTLRCQVEGGAPRANLTVVLLRGEKELKRE
PAVGEPAEVTTTVLVRRDHHGANFSCRTELDLRPQGLELFENTSAPYQLQTFVLPATPPQLVSPRVLEVDTQGTVVCSLD
GLFPVSEAQVHLALGDQRLNPTVTYGNDSFSAKASVSVTAEDEGTQRLTCAVILGNQSQETLQTVTIYSFPAPNVILTKP
EVSEGTEVTVKCEAHPRAKVTLNGVPAQPLGPRAQLLLKATPEDNGRSFSCSATLEVAGQLIHKNQTRELRVLYGPRLDE
RDCPGNWTWPENSQQTPMCQAWGNPLPELKCLKDGTFPLPIGESVTVTRDLEGTYLCRARSTQGEVTREVTVNVLSPRYE
IVIITVVAAAVIMGTAGLSTYLYNRQRKIKKYRLQQAQKGTPMKPNTQATPP
;
_struct_ref.pdbx_db_isoform            ? 
# 
_struct_ref_seq.align_id                      1 
_struct_ref_seq.ref_id                        1 
_struct_ref_seq.pdbx_PDB_id_code              1IAM 
_struct_ref_seq.pdbx_strand_id                A 
_struct_ref_seq.seq_align_beg                 1 
_struct_ref_seq.pdbx_seq_align_beg_ins_code   ? 
_struct_ref_seq.seq_align_end                 185 
_struct_ref_seq.pdbx_seq_align_end_ins_code   ? 
_struct_ref_seq.pdbx_db_accession             P05362 
_struct_ref_seq.db_align_beg                  28 
_struct_ref_seq.pdbx_db_align_beg_ins_code    ? 
_struct_ref_seq.db_align_end                  212 
_struct_ref_seq.pdbx_db_align_end_ins_code    ? 
_struct_ref_seq.pdbx_auth_seq_align_beg       1 
_struct_ref_seq.pdbx_auth_seq_align_end       185 
# 
loop_
_struct_ref_seq_dif.align_id 
_struct_ref_seq_dif.pdbx_pdb_id_code 
_struct_ref_seq_dif.mon_id 
_struct_ref_seq_dif.pdbx_pdb_strand_id 
_struct_ref_seq_dif.seq_num 
_struct_ref_seq_dif.pdbx_pdb_ins_code 
_struct_ref_seq_dif.pdbx_seq_db_name 
_struct_ref_seq_dif.pdbx_seq_db_accession_code 
_struct_ref_seq_dif.db_mon_id 
_struct_ref_seq_dif.pdbx_seq_db_seq_num 
_struct_ref_seq_dif.details 
_struct_ref_seq_dif.pdbx_auth_seq_num 
_struct_ref_seq_dif.pdbx_ordinal 
1 1IAM GLN A 103 ? UNP P05362 ASN 130 'engineered mutation' 103 1 
1 1IAM GLN A 118 ? UNP P05362 ASN 145 'engineered mutation' 118 2 
1 1IAM GLN A 156 ? UNP P05362 ASN 183 'engineered mutation' 156 3 
# 
_pdbx_struct_assembly.id                   1 
_pdbx_struct_assembly.details              author_defined_assembly 
_pdbx_struct_assembly.method_details       ? 
_pdbx_struct_assembly.oligomeric_details   dimeric 
_pdbx_struct_assembly.oligomeric_count     2 
# 
_pdbx_struct_assembly_gen.assembly_id       1 
_pdbx_struct_assembly_gen.oper_expression   1,2 
_pdbx_struct_assembly_gen.asym_id_list      A,B,C 
# 
loop_
_pdbx_struct_oper_list.id 
_pdbx_struct_oper_list.type 
_pdbx_struct_oper_list.name 
_pdbx_struct_oper_list.symmetry_operation 
_pdbx_struct_oper_list.matrix[1][1] 
_pdbx_struct_oper_list.matrix[1][2] 
_pdbx_struct_oper_list.matrix[1][3] 
_pdbx_struct_oper_list.vector[1] 
_pdbx_struct_oper_list.matrix[2][1] 
_pdbx_struct_oper_list.matrix[2][2] 
_pdbx_struct_oper_list.matrix[2][3] 
_pdbx_struct_oper_list.vector[2] 
_pdbx_struct_oper_list.matrix[3][1] 
_pdbx_struct_oper_list.matrix[3][2] 
_pdbx_struct_oper_list.matrix[3][3] 
_pdbx_struct_oper_list.vector[3] 
1 'identity operation'         1_555 x,y,z     1.0000000000  0.0000000000  0.0000000000 0.0000000000   0.0000000000  1.0000000000 0.0000000000  0.0000000000   0.0000000000 0.0000000000  1.0000000000  0.0000000000   
2 'crystal symmetry operation' 4_565 x,-y+1,-z -0.9724781571 -0.1776327012 0.1507741936 -24.1229628423 -0.1776327012 0.1464848714 -0.9731334985 -12.5408772505 0.1507741936 -0.9731334985 -0.1740067143 -10.3715461521 
# 
_struct_biol.id   1 
# 
loop_
_struct_conf.conf_type_id 
_struct_conf.id 
_struct_conf.pdbx_PDB_helix_id 
_struct_conf.beg_label_comp_id 
_struct_conf.beg_label_asym_id 
_struct_conf.beg_label_seq_id 
_struct_conf.pdbx_beg_PDB_ins_code 
_struct_conf.end_label_comp_id 
_struct_conf.end_label_asym_id 
_struct_conf.end_label_seq_id 
_struct_conf.pdbx_end_PDB_ins_code 
_struct_conf.beg_auth_comp_id 
_struct_conf.beg_auth_asym_id 
_struct_conf.beg_auth_seq_id 
_struct_conf.end_auth_comp_id 
_struct_conf.end_auth_asym_id 
_struct_conf.end_auth_seq_id 
_struct_conf.pdbx_PDB_helix_class 
_struct_conf.details 
_struct_conf.pdbx_PDB_helix_length 
HELX_P HELX_P1 1 ARG A 116 ? GLN A 118 ? ARG A 116 GLN A 118 5 ? 3 
HELX_P HELX_P2 2 ARG A 166 ? GLN A 168 ? ARG A 166 GLN A 168 5 ? 3 
# 
_struct_conf_type.id          HELX_P 
_struct_conf_type.criteria    ? 
_struct_conf_type.reference   ? 
# 
loop_
_struct_conn.id 
_struct_conn.conn_type_id 
_struct_conn.pdbx_leaving_atom_flag 
_struct_conn.pdbx_PDB_id 
_struct_conn.ptnr1_label_asym_id 
_struct_conn.ptnr1_label_comp_id 
_struct_conn.ptnr1_label_seq_id 
_struct_conn.ptnr1_label_atom_id 
_struct_conn.pdbx_ptnr1_label_alt_id 
_struct_conn.pdbx_ptnr1_PDB_ins_code 
_struct_conn.pdbx_ptnr1_standard_comp_id 
_struct_conn.ptnr1_symmetry 
_struct_conn.ptnr2_label_asym_id 
_struct_conn.ptnr2_label_comp_id 
_struct_conn.ptnr2_label_seq_id 
_struct_conn.ptnr2_label_atom_id 
_struct_conn.pdbx_ptnr2_label_alt_id 
_struct_conn.pdbx_ptnr2_PDB_ins_code 
_struct_conn.ptnr1_auth_asym_id 
_struct_conn.ptnr1_auth_comp_id 
_struct_conn.ptnr1_auth_seq_id 
_struct_conn.ptnr2_auth_asym_id 
_struct_conn.ptnr2_auth_comp_id 
_struct_conn.ptnr2_auth_seq_id 
_struct_conn.ptnr2_symmetry 
_struct_conn.pdbx_ptnr3_label_atom_id 
_struct_conn.pdbx_ptnr3_label_seq_id 
_struct_conn.pdbx_ptnr3_label_comp_id 
_struct_conn.pdbx_ptnr3_label_asym_id 
_struct_conn.pdbx_ptnr3_label_alt_id 
_struct_conn.pdbx_ptnr3_PDB_ins_code 
_struct_conn.details 
_struct_conn.pdbx_dist_value 
_struct_conn.pdbx_value_order 
_struct_conn.pdbx_role 
disulf1 disulf ?   ? A CYS 21  SG  ? ? ? 1_555 A CYS 65  SG ? ? A CYS 21  A CYS 65  1_555 ? ? ? ? ? ? ? 2.029 ? ?               
disulf2 disulf ?   ? A CYS 25  SG  ? ? ? 1_555 A CYS 69  SG ? ? A CYS 25  A CYS 69  1_555 ? ? ? ? ? ? ? 2.037 ? ?               
disulf3 disulf ?   ? A CYS 108 SG  ? ? ? 1_555 A CYS 159 SG ? ? A CYS 108 A CYS 159 1_555 ? ? ? ? ? ? ? 2.022 ? ?               
covale1 covale one ? A ASN 175 ND2 ? ? ? 1_555 B NAG .   C1 ? ? A ASN 175 A NAG 275 1_555 ? ? ? ? ? ? ? 1.454 ? N-Glycosylation 
# 
loop_
_struct_conn_type.id 
_struct_conn_type.criteria 
_struct_conn_type.reference 
disulf ? ? 
covale ? ? 
# 
loop_
_pdbx_modification_feature.ordinal 
_pdbx_modification_feature.label_comp_id 
_pdbx_modification_feature.label_asym_id 
_pdbx_modification_feature.label_seq_id 
_pdbx_modification_feature.label_alt_id 
_pdbx_modification_feature.modified_residue_label_comp_id 
_pdbx_modification_feature.modified_residue_label_asym_id 
_pdbx_modification_feature.modified_residue_label_seq_id 
_pdbx_modification_feature.modified_residue_label_alt_id 
_pdbx_modification_feature.auth_comp_id 
_pdbx_modification_feature.auth_asym_id 
_pdbx_modification_feature.auth_seq_id 
_pdbx_modification_feature.PDB_ins_code 
_pdbx_modification_feature.symmetry 
_pdbx_modification_feature.modified_residue_auth_comp_id 
_pdbx_modification_feature.modified_residue_auth_asym_id 
_pdbx_modification_feature.modified_residue_auth_seq_id 
_pdbx_modification_feature.modified_residue_PDB_ins_code 
_pdbx_modification_feature.modified_residue_symmetry 
_pdbx_modification_feature.comp_id_linking_atom 
_pdbx_modification_feature.modified_residue_id_linking_atom 
_pdbx_modification_feature.modified_residue_id 
_pdbx_modification_feature.ref_pcm_id 
_pdbx_modification_feature.ref_comp_id 
_pdbx_modification_feature.type 
_pdbx_modification_feature.category 
1 NAG B .   ? ASN A 175 ? NAG A 275 ? 1_555 ASN A 175 ? 1_555 C1 ND2 ASN 1 NAG N-Glycosylation Carbohydrate       
2 CYS A 21  ? CYS A 65  ? CYS A 21  ? 1_555 CYS A 65  ? 1_555 SG SG  .   . .   None            'Disulfide bridge' 
3 CYS A 25  ? CYS A 69  ? CYS A 25  ? 1_555 CYS A 69  ? 1_555 SG SG  .   . .   None            'Disulfide bridge' 
4 CYS A 108 ? CYS A 159 ? CYS A 108 ? 1_555 CYS A 159 ? 1_555 SG SG  .   . .   None            'Disulfide bridge' 
# 
loop_
_struct_mon_prot_cis.pdbx_id 
_struct_mon_prot_cis.label_comp_id 
_struct_mon_prot_cis.label_seq_id 
_struct_mon_prot_cis.label_asym_id 
_struct_mon_prot_cis.label_alt_id 
_struct_mon_prot_cis.pdbx_PDB_ins_code 
_struct_mon_prot_cis.auth_comp_id 
_struct_mon_prot_cis.auth_seq_id 
_struct_mon_prot_cis.auth_asym_id 
_struct_mon_prot_cis.pdbx_label_comp_id_2 
_struct_mon_prot_cis.pdbx_label_seq_id_2 
_struct_mon_prot_cis.pdbx_label_asym_id_2 
_struct_mon_prot_cis.pdbx_PDB_ins_code_2 
_struct_mon_prot_cis.pdbx_auth_comp_id_2 
_struct_mon_prot_cis.pdbx_auth_seq_id_2 
_struct_mon_prot_cis.pdbx_auth_asym_id_2 
_struct_mon_prot_cis.pdbx_PDB_model_num 
_struct_mon_prot_cis.pdbx_omega_angle 
1 SER 5   A . ? SER 5   A PRO 6   A ? PRO 6   A 1 -0.03 
2 ALA 114 A . ? ALA 114 A PRO 115 A ? PRO 115 A 1 0.27  
3 GLU 138 A . ? GLU 138 A PRO 139 A ? PRO 139 A 1 -0.56 
# 
loop_
_struct_sheet.id 
_struct_sheet.type 
_struct_sheet.number_strands 
_struct_sheet.details 
A ? 4 ? 
B ? 2 ? 
C ? 3 ? 
D ? 3 ? 
E ? 4 ? 
# 
loop_
_struct_sheet_order.sheet_id 
_struct_sheet_order.range_id_1 
_struct_sheet_order.range_id_2 
_struct_sheet_order.offset 
_struct_sheet_order.sense 
A 1 2 ? anti-parallel 
A 2 3 ? anti-parallel 
A 3 4 ? anti-parallel 
B 1 2 ? parallel      
C 1 2 ? anti-parallel 
C 2 3 ? anti-parallel 
D 1 2 ? anti-parallel 
D 2 3 ? anti-parallel 
E 1 2 ? anti-parallel 
E 2 3 ? anti-parallel 
E 3 4 ? anti-parallel 
# 
loop_
_struct_sheet_range.sheet_id 
_struct_sheet_range.id 
_struct_sheet_range.beg_label_comp_id 
_struct_sheet_range.beg_label_asym_id 
_struct_sheet_range.beg_label_seq_id 
_struct_sheet_range.pdbx_beg_PDB_ins_code 
_struct_sheet_range.end_label_comp_id 
_struct_sheet_range.end_label_asym_id 
_struct_sheet_range.end_label_seq_id 
_struct_sheet_range.pdbx_end_PDB_ins_code 
_struct_sheet_range.beg_auth_comp_id 
_struct_sheet_range.beg_auth_asym_id 
_struct_sheet_range.beg_auth_seq_id 
_struct_sheet_range.end_auth_comp_id 
_struct_sheet_range.end_auth_asym_id 
_struct_sheet_range.end_auth_seq_id 
A 1 THR A 2   ? SER A 5   ? THR A 2   SER A 5   
A 2 VAL A 17  ? THR A 23  ? VAL A 17  THR A 23  
A 3 ARG A 49  ? SER A 55  ? ARG A 49  SER A 55  
A 4 PRO A 38  ? LEU A 42  ? PRO A 38  LEU A 42  
B 1 LYS A 8   ? PRO A 12  ? LYS A 8   PRO A 12  
B 2 PHE A 79  ? TYR A 83  ? PHE A 79  TYR A 83  
C 1 LEU A 30  ? GLU A 34  ? LEU A 30  GLU A 34  
C 2 MET A 64  ? ASN A 68  ? MET A 64  ASN A 68  
C 3 GLN A 73  ? LYS A 77  ? GLN A 73  LYS A 77  
D 1 ARG A 88  ? LEU A 91  ? ARG A 88  LEU A 91  
D 2 GLN A 103 ? GLU A 111 ? GLN A 103 GLU A 111 
D 3 ALA A 140 ? LEU A 147 ? ALA A 140 LEU A 147 
E 1 LEU A 172 ? THR A 176 ? LEU A 172 THR A 176 
E 2 PHE A 157 ? ASP A 164 ? PHE A 157 ASP A 164 
E 3 LEU A 119 ? ARG A 125 ? LEU A 119 ARG A 125 
E 4 LYS A 128 ? PRO A 134 ? LYS A 128 PRO A 134 
# 
loop_
_pdbx_struct_sheet_hbond.sheet_id 
_pdbx_struct_sheet_hbond.range_id_1 
_pdbx_struct_sheet_hbond.range_id_2 
_pdbx_struct_sheet_hbond.range_1_label_atom_id 
_pdbx_struct_sheet_hbond.range_1_label_comp_id 
_pdbx_struct_sheet_hbond.range_1_label_asym_id 
_pdbx_struct_sheet_hbond.range_1_label_seq_id 
_pdbx_struct_sheet_hbond.range_1_PDB_ins_code 
_pdbx_struct_sheet_hbond.range_1_auth_atom_id 
_pdbx_struct_sheet_hbond.range_1_auth_comp_id 
_pdbx_struct_sheet_hbond.range_1_auth_asym_id 
_pdbx_struct_sheet_hbond.range_1_auth_seq_id 
_pdbx_struct_sheet_hbond.range_2_label_atom_id 
_pdbx_struct_sheet_hbond.range_2_label_comp_id 
_pdbx_struct_sheet_hbond.range_2_label_asym_id 
_pdbx_struct_sheet_hbond.range_2_label_seq_id 
_pdbx_struct_sheet_hbond.range_2_PDB_ins_code 
_pdbx_struct_sheet_hbond.range_2_auth_atom_id 
_pdbx_struct_sheet_hbond.range_2_auth_comp_id 
_pdbx_struct_sheet_hbond.range_2_auth_asym_id 
_pdbx_struct_sheet_hbond.range_2_auth_seq_id 
A 1 2 O SER A 3   ? O SER A 3   N SER A 22  ? N SER A 22  
A 2 3 O VAL A 17  ? O VAL A 17  N LEU A 54  ? N LEU A 54  
A 3 4 O VAL A 51  ? O VAL A 51  N LEU A 42  ? N LEU A 42  
B 1 2 O VAL A 9   ? O VAL A 9   N PHE A 79  ? N PHE A 79  
C 1 2 O LEU A 30  ? O LEU A 30  N ASN A 68  ? N ASN A 68  
C 2 3 O CYS A 65  ? O CYS A 65  N ALA A 76  ? N ALA A 76  
D 1 2 O ARG A 88  ? O ARG A 88  N GLU A 111 ? N GLU A 111 
D 2 3 O LEU A 104 ? O LEU A 104 N VAL A 146 ? N VAL A 146 
E 1 2 O PHE A 173 ? O PHE A 173 N LEU A 163 ? N LEU A 163 
E 2 3 O SER A 158 ? O SER A 158 N LEU A 124 ? N LEU A 124 
E 3 4 O VAL A 121 ? O VAL A 121 N GLU A 133 ? N GLU A 133 
# 
_pdbx_entry_details.entry_id                   1IAM 
_pdbx_entry_details.compound_details           ? 
_pdbx_entry_details.source_details             ? 
_pdbx_entry_details.nonpolymer_details         ? 
_pdbx_entry_details.sequence_details           ? 
_pdbx_entry_details.has_ligand_of_interest     ? 
_pdbx_entry_details.has_protein_modification   Y 
# 
loop_
_pdbx_validate_torsion.id 
_pdbx_validate_torsion.PDB_model_num 
_pdbx_validate_torsion.auth_comp_id 
_pdbx_validate_torsion.auth_asym_id 
_pdbx_validate_torsion.auth_seq_id 
_pdbx_validate_torsion.PDB_ins_code 
_pdbx_validate_torsion.label_alt_id 
_pdbx_validate_torsion.phi 
_pdbx_validate_torsion.psi 
1 1 THR A 35  ? ? -172.57 142.84  
2 1 LEU A 44  ? ? -117.82 -133.55 
3 1 HIS A 153 ? ? -113.52 -98.28  
4 1 LEU A 170 ? ? -110.09 -139.61 
# 
_pdbx_struct_mod_residue.id               1 
_pdbx_struct_mod_residue.label_asym_id    A 
_pdbx_struct_mod_residue.label_comp_id    ASN 
_pdbx_struct_mod_residue.label_seq_id     175 
_pdbx_struct_mod_residue.auth_asym_id     A 
_pdbx_struct_mod_residue.auth_comp_id     ASN 
_pdbx_struct_mod_residue.auth_seq_id      175 
_pdbx_struct_mod_residue.PDB_ins_code     ? 
_pdbx_struct_mod_residue.parent_comp_id   ASN 
_pdbx_struct_mod_residue.details          'GLYCOSYLATION SITE' 
# 
loop_
_pdbx_struct_special_symmetry.id 
_pdbx_struct_special_symmetry.PDB_model_num 
_pdbx_struct_special_symmetry.auth_asym_id 
_pdbx_struct_special_symmetry.auth_comp_id 
_pdbx_struct_special_symmetry.auth_seq_id 
_pdbx_struct_special_symmetry.PDB_ins_code 
_pdbx_struct_special_symmetry.label_asym_id 
_pdbx_struct_special_symmetry.label_comp_id 
_pdbx_struct_special_symmetry.label_seq_id 
1 1 A HOH 514 ? C HOH . 
2 1 A HOH 515 ? C HOH . 
# 
loop_
_chem_comp_atom.comp_id 
_chem_comp_atom.atom_id 
_chem_comp_atom.type_symbol 
_chem_comp_atom.pdbx_aromatic_flag 
_chem_comp_atom.pdbx_stereo_config 
_chem_comp_atom.pdbx_ordinal 
ALA N    N N N 1   
ALA CA   C N S 2   
ALA C    C N N 3   
ALA O    O N N 4   
ALA CB   C N N 5   
ALA OXT  O N N 6   
ALA H    H N N 7   
ALA H2   H N N 8   
ALA HA   H N N 9   
ALA HB1  H N N 10  
ALA HB2  H N N 11  
ALA HB3  H N N 12  
ALA HXT  H N N 13  
ARG N    N N N 14  
ARG CA   C N S 15  
ARG C    C N N 16  
ARG O    O N N 17  
ARG CB   C N N 18  
ARG CG   C N N 19  
ARG CD   C N N 20  
ARG NE   N N N 21  
ARG CZ   C N N 22  
ARG NH1  N N N 23  
ARG NH2  N N N 24  
ARG OXT  O N N 25  
ARG H    H N N 26  
ARG H2   H N N 27  
ARG HA   H N N 28  
ARG HB2  H N N 29  
ARG HB3  H N N 30  
ARG HG2  H N N 31  
ARG HG3  H N N 32  
ARG HD2  H N N 33  
ARG HD3  H N N 34  
ARG HE   H N N 35  
ARG HH11 H N N 36  
ARG HH12 H N N 37  
ARG HH21 H N N 38  
ARG HH22 H N N 39  
ARG HXT  H N N 40  
ASN N    N N N 41  
ASN CA   C N S 42  
ASN C    C N N 43  
ASN O    O N N 44  
ASN CB   C N N 45  
ASN CG   C N N 46  
ASN OD1  O N N 47  
ASN ND2  N N N 48  
ASN OXT  O N N 49  
ASN H    H N N 50  
ASN H2   H N N 51  
ASN HA   H N N 52  
ASN HB2  H N N 53  
ASN HB3  H N N 54  
ASN HD21 H N N 55  
ASN HD22 H N N 56  
ASN HXT  H N N 57  
ASP N    N N N 58  
ASP CA   C N S 59  
ASP C    C N N 60  
ASP O    O N N 61  
ASP CB   C N N 62  
ASP CG   C N N 63  
ASP OD1  O N N 64  
ASP OD2  O N N 65  
ASP OXT  O N N 66  
ASP H    H N N 67  
ASP H2   H N N 68  
ASP HA   H N N 69  
ASP HB2  H N N 70  
ASP HB3  H N N 71  
ASP HD2  H N N 72  
ASP HXT  H N N 73  
CYS N    N N N 74  
CYS CA   C N R 75  
CYS C    C N N 76  
CYS O    O N N 77  
CYS CB   C N N 78  
CYS SG   S N N 79  
CYS OXT  O N N 80  
CYS H    H N N 81  
CYS H2   H N N 82  
CYS HA   H N N 83  
CYS HB2  H N N 84  
CYS HB3  H N N 85  
CYS HG   H N N 86  
CYS HXT  H N N 87  
GLN N    N N N 88  
GLN CA   C N S 89  
GLN C    C N N 90  
GLN O    O N N 91  
GLN CB   C N N 92  
GLN CG   C N N 93  
GLN CD   C N N 94  
GLN OE1  O N N 95  
GLN NE2  N N N 96  
GLN OXT  O N N 97  
GLN H    H N N 98  
GLN H2   H N N 99  
GLN HA   H N N 100 
GLN HB2  H N N 101 
GLN HB3  H N N 102 
GLN HG2  H N N 103 
GLN HG3  H N N 104 
GLN HE21 H N N 105 
GLN HE22 H N N 106 
GLN HXT  H N N 107 
GLU N    N N N 108 
GLU CA   C N S 109 
GLU C    C N N 110 
GLU O    O N N 111 
GLU CB   C N N 112 
GLU CG   C N N 113 
GLU CD   C N N 114 
GLU OE1  O N N 115 
GLU OE2  O N N 116 
GLU OXT  O N N 117 
GLU H    H N N 118 
GLU H2   H N N 119 
GLU HA   H N N 120 
GLU HB2  H N N 121 
GLU HB3  H N N 122 
GLU HG2  H N N 123 
GLU HG3  H N N 124 
GLU HE2  H N N 125 
GLU HXT  H N N 126 
GLY N    N N N 127 
GLY CA   C N N 128 
GLY C    C N N 129 
GLY O    O N N 130 
GLY OXT  O N N 131 
GLY H    H N N 132 
GLY H2   H N N 133 
GLY HA2  H N N 134 
GLY HA3  H N N 135 
GLY HXT  H N N 136 
HIS N    N N N 137 
HIS CA   C N S 138 
HIS C    C N N 139 
HIS O    O N N 140 
HIS CB   C N N 141 
HIS CG   C Y N 142 
HIS ND1  N Y N 143 
HIS CD2  C Y N 144 
HIS CE1  C Y N 145 
HIS NE2  N Y N 146 
HIS OXT  O N N 147 
HIS H    H N N 148 
HIS H2   H N N 149 
HIS HA   H N N 150 
HIS HB2  H N N 151 
HIS HB3  H N N 152 
HIS HD1  H N N 153 
HIS HD2  H N N 154 
HIS HE1  H N N 155 
HIS HE2  H N N 156 
HIS HXT  H N N 157 
HOH O    O N N 158 
HOH H1   H N N 159 
HOH H2   H N N 160 
ILE N    N N N 161 
ILE CA   C N S 162 
ILE C    C N N 163 
ILE O    O N N 164 
ILE CB   C N S 165 
ILE CG1  C N N 166 
ILE CG2  C N N 167 
ILE CD1  C N N 168 
ILE OXT  O N N 169 
ILE H    H N N 170 
ILE H2   H N N 171 
ILE HA   H N N 172 
ILE HB   H N N 173 
ILE HG12 H N N 174 
ILE HG13 H N N 175 
ILE HG21 H N N 176 
ILE HG22 H N N 177 
ILE HG23 H N N 178 
ILE HD11 H N N 179 
ILE HD12 H N N 180 
ILE HD13 H N N 181 
ILE HXT  H N N 182 
LEU N    N N N 183 
LEU CA   C N S 184 
LEU C    C N N 185 
LEU O    O N N 186 
LEU CB   C N N 187 
LEU CG   C N N 188 
LEU CD1  C N N 189 
LEU CD2  C N N 190 
LEU OXT  O N N 191 
LEU H    H N N 192 
LEU H2   H N N 193 
LEU HA   H N N 194 
LEU HB2  H N N 195 
LEU HB3  H N N 196 
LEU HG   H N N 197 
LEU HD11 H N N 198 
LEU HD12 H N N 199 
LEU HD13 H N N 200 
LEU HD21 H N N 201 
LEU HD22 H N N 202 
LEU HD23 H N N 203 
LEU HXT  H N N 204 
LYS N    N N N 205 
LYS CA   C N S 206 
LYS C    C N N 207 
LYS O    O N N 208 
LYS CB   C N N 209 
LYS CG   C N N 210 
LYS CD   C N N 211 
LYS CE   C N N 212 
LYS NZ   N N N 213 
LYS OXT  O N N 214 
LYS H    H N N 215 
LYS H2   H N N 216 
LYS HA   H N N 217 
LYS HB2  H N N 218 
LYS HB3  H N N 219 
LYS HG2  H N N 220 
LYS HG3  H N N 221 
LYS HD2  H N N 222 
LYS HD3  H N N 223 
LYS HE2  H N N 224 
LYS HE3  H N N 225 
LYS HZ1  H N N 226 
LYS HZ2  H N N 227 
LYS HZ3  H N N 228 
LYS HXT  H N N 229 
MET N    N N N 230 
MET CA   C N S 231 
MET C    C N N 232 
MET O    O N N 233 
MET CB   C N N 234 
MET CG   C N N 235 
MET SD   S N N 236 
MET CE   C N N 237 
MET OXT  O N N 238 
MET H    H N N 239 
MET H2   H N N 240 
MET HA   H N N 241 
MET HB2  H N N 242 
MET HB3  H N N 243 
MET HG2  H N N 244 
MET HG3  H N N 245 
MET HE1  H N N 246 
MET HE2  H N N 247 
MET HE3  H N N 248 
MET HXT  H N N 249 
NAG C1   C N R 250 
NAG C2   C N R 251 
NAG C3   C N R 252 
NAG C4   C N S 253 
NAG C5   C N R 254 
NAG C6   C N N 255 
NAG C7   C N N 256 
NAG C8   C N N 257 
NAG N2   N N N 258 
NAG O1   O N N 259 
NAG O3   O N N 260 
NAG O4   O N N 261 
NAG O5   O N N 262 
NAG O6   O N N 263 
NAG O7   O N N 264 
NAG H1   H N N 265 
NAG H2   H N N 266 
NAG H3   H N N 267 
NAG H4   H N N 268 
NAG H5   H N N 269 
NAG H61  H N N 270 
NAG H62  H N N 271 
NAG H81  H N N 272 
NAG H82  H N N 273 
NAG H83  H N N 274 
NAG HN2  H N N 275 
NAG HO1  H N N 276 
NAG HO3  H N N 277 
NAG HO4  H N N 278 
NAG HO6  H N N 279 
PHE N    N N N 280 
PHE CA   C N S 281 
PHE C    C N N 282 
PHE O    O N N 283 
PHE CB   C N N 284 
PHE CG   C Y N 285 
PHE CD1  C Y N 286 
PHE CD2  C Y N 287 
PHE CE1  C Y N 288 
PHE CE2  C Y N 289 
PHE CZ   C Y N 290 
PHE OXT  O N N 291 
PHE H    H N N 292 
PHE H2   H N N 293 
PHE HA   H N N 294 
PHE HB2  H N N 295 
PHE HB3  H N N 296 
PHE HD1  H N N 297 
PHE HD2  H N N 298 
PHE HE1  H N N 299 
PHE HE2  H N N 300 
PHE HZ   H N N 301 
PHE HXT  H N N 302 
PRO N    N N N 303 
PRO CA   C N S 304 
PRO C    C N N 305 
PRO O    O N N 306 
PRO CB   C N N 307 
PRO CG   C N N 308 
PRO CD   C N N 309 
PRO OXT  O N N 310 
PRO H    H N N 311 
PRO HA   H N N 312 
PRO HB2  H N N 313 
PRO HB3  H N N 314 
PRO HG2  H N N 315 
PRO HG3  H N N 316 
PRO HD2  H N N 317 
PRO HD3  H N N 318 
PRO HXT  H N N 319 
SER N    N N N 320 
SER CA   C N S 321 
SER C    C N N 322 
SER O    O N N 323 
SER CB   C N N 324 
SER OG   O N N 325 
SER OXT  O N N 326 
SER H    H N N 327 
SER H2   H N N 328 
SER HA   H N N 329 
SER HB2  H N N 330 
SER HB3  H N N 331 
SER HG   H N N 332 
SER HXT  H N N 333 
THR N    N N N 334 
THR CA   C N S 335 
THR C    C N N 336 
THR O    O N N 337 
THR CB   C N R 338 
THR OG1  O N N 339 
THR CG2  C N N 340 
THR OXT  O N N 341 
THR H    H N N 342 
THR H2   H N N 343 
THR HA   H N N 344 
THR HB   H N N 345 
THR HG1  H N N 346 
THR HG21 H N N 347 
THR HG22 H N N 348 
THR HG23 H N N 349 
THR HXT  H N N 350 
TRP N    N N N 351 
TRP CA   C N S 352 
TRP C    C N N 353 
TRP O    O N N 354 
TRP CB   C N N 355 
TRP CG   C Y N 356 
TRP CD1  C Y N 357 
TRP CD2  C Y N 358 
TRP NE1  N Y N 359 
TRP CE2  C Y N 360 
TRP CE3  C Y N 361 
TRP CZ2  C Y N 362 
TRP CZ3  C Y N 363 
TRP CH2  C Y N 364 
TRP OXT  O N N 365 
TRP H    H N N 366 
TRP H2   H N N 367 
TRP HA   H N N 368 
TRP HB2  H N N 369 
TRP HB3  H N N 370 
TRP HD1  H N N 371 
TRP HE1  H N N 372 
TRP HE3  H N N 373 
TRP HZ2  H N N 374 
TRP HZ3  H N N 375 
TRP HH2  H N N 376 
TRP HXT  H N N 377 
TYR N    N N N 378 
TYR CA   C N S 379 
TYR C    C N N 380 
TYR O    O N N 381 
TYR CB   C N N 382 
TYR CG   C Y N 383 
TYR CD1  C Y N 384 
TYR CD2  C Y N 385 
TYR CE1  C Y N 386 
TYR CE2  C Y N 387 
TYR CZ   C Y N 388 
TYR OH   O N N 389 
TYR OXT  O N N 390 
TYR H    H N N 391 
TYR H2   H N N 392 
TYR HA   H N N 393 
TYR HB2  H N N 394 
TYR HB3  H N N 395 
TYR HD1  H N N 396 
TYR HD2  H N N 397 
TYR HE1  H N N 398 
TYR HE2  H N N 399 
TYR HH   H N N 400 
TYR HXT  H N N 401 
VAL N    N N N 402 
VAL CA   C N S 403 
VAL C    C N N 404 
VAL O    O N N 405 
VAL CB   C N N 406 
VAL CG1  C N N 407 
VAL CG2  C N N 408 
VAL OXT  O N N 409 
VAL H    H N N 410 
VAL H2   H N N 411 
VAL HA   H N N 412 
VAL HB   H N N 413 
VAL HG11 H N N 414 
VAL HG12 H N N 415 
VAL HG13 H N N 416 
VAL HG21 H N N 417 
VAL HG22 H N N 418 
VAL HG23 H N N 419 
VAL HXT  H N N 420 
# 
loop_
_chem_comp_bond.comp_id 
_chem_comp_bond.atom_id_1 
_chem_comp_bond.atom_id_2 
_chem_comp_bond.value_order 
_chem_comp_bond.pdbx_aromatic_flag 
_chem_comp_bond.pdbx_stereo_config 
_chem_comp_bond.pdbx_ordinal 
ALA N   CA   sing N N 1   
ALA N   H    sing N N 2   
ALA N   H2   sing N N 3   
ALA CA  C    sing N N 4   
ALA CA  CB   sing N N 5   
ALA CA  HA   sing N N 6   
ALA C   O    doub N N 7   
ALA C   OXT  sing N N 8   
ALA CB  HB1  sing N N 9   
ALA CB  HB2  sing N N 10  
ALA CB  HB3  sing N N 11  
ALA OXT HXT  sing N N 12  
ARG N   CA   sing N N 13  
ARG N   H    sing N N 14  
ARG N   H2   sing N N 15  
ARG CA  C    sing N N 16  
ARG CA  CB   sing N N 17  
ARG CA  HA   sing N N 18  
ARG C   O    doub N N 19  
ARG C   OXT  sing N N 20  
ARG CB  CG   sing N N 21  
ARG CB  HB2  sing N N 22  
ARG CB  HB3  sing N N 23  
ARG CG  CD   sing N N 24  
ARG CG  HG2  sing N N 25  
ARG CG  HG3  sing N N 26  
ARG CD  NE   sing N N 27  
ARG CD  HD2  sing N N 28  
ARG CD  HD3  sing N N 29  
ARG NE  CZ   sing N N 30  
ARG NE  HE   sing N N 31  
ARG CZ  NH1  sing N N 32  
ARG CZ  NH2  doub N N 33  
ARG NH1 HH11 sing N N 34  
ARG NH1 HH12 sing N N 35  
ARG NH2 HH21 sing N N 36  
ARG NH2 HH22 sing N N 37  
ARG OXT HXT  sing N N 38  
ASN N   CA   sing N N 39  
ASN N   H    sing N N 40  
ASN N   H2   sing N N 41  
ASN CA  C    sing N N 42  
ASN CA  CB   sing N N 43  
ASN CA  HA   sing N N 44  
ASN C   O    doub N N 45  
ASN C   OXT  sing N N 46  
ASN CB  CG   sing N N 47  
ASN CB  HB2  sing N N 48  
ASN CB  HB3  sing N N 49  
ASN CG  OD1  doub N N 50  
ASN CG  ND2  sing N N 51  
ASN ND2 HD21 sing N N 52  
ASN ND2 HD22 sing N N 53  
ASN OXT HXT  sing N N 54  
ASP N   CA   sing N N 55  
ASP N   H    sing N N 56  
ASP N   H2   sing N N 57  
ASP CA  C    sing N N 58  
ASP CA  CB   sing N N 59  
ASP CA  HA   sing N N 60  
ASP C   O    doub N N 61  
ASP C   OXT  sing N N 62  
ASP CB  CG   sing N N 63  
ASP CB  HB2  sing N N 64  
ASP CB  HB3  sing N N 65  
ASP CG  OD1  doub N N 66  
ASP CG  OD2  sing N N 67  
ASP OD2 HD2  sing N N 68  
ASP OXT HXT  sing N N 69  
CYS N   CA   sing N N 70  
CYS N   H    sing N N 71  
CYS N   H2   sing N N 72  
CYS CA  C    sing N N 73  
CYS CA  CB   sing N N 74  
CYS CA  HA   sing N N 75  
CYS C   O    doub N N 76  
CYS C   OXT  sing N N 77  
CYS CB  SG   sing N N 78  
CYS CB  HB2  sing N N 79  
CYS CB  HB3  sing N N 80  
CYS SG  HG   sing N N 81  
CYS OXT HXT  sing N N 82  
GLN N   CA   sing N N 83  
GLN N   H    sing N N 84  
GLN N   H2   sing N N 85  
GLN CA  C    sing N N 86  
GLN CA  CB   sing N N 87  
GLN CA  HA   sing N N 88  
GLN C   O    doub N N 89  
GLN C   OXT  sing N N 90  
GLN CB  CG   sing N N 91  
GLN CB  HB2  sing N N 92  
GLN CB  HB3  sing N N 93  
GLN CG  CD   sing N N 94  
GLN CG  HG2  sing N N 95  
GLN CG  HG3  sing N N 96  
GLN CD  OE1  doub N N 97  
GLN CD  NE2  sing N N 98  
GLN NE2 HE21 sing N N 99  
GLN NE2 HE22 sing N N 100 
GLN OXT HXT  sing N N 101 
GLU N   CA   sing N N 102 
GLU N   H    sing N N 103 
GLU N   H2   sing N N 104 
GLU CA  C    sing N N 105 
GLU CA  CB   sing N N 106 
GLU CA  HA   sing N N 107 
GLU C   O    doub N N 108 
GLU C   OXT  sing N N 109 
GLU CB  CG   sing N N 110 
GLU CB  HB2  sing N N 111 
GLU CB  HB3  sing N N 112 
GLU CG  CD   sing N N 113 
GLU CG  HG2  sing N N 114 
GLU CG  HG3  sing N N 115 
GLU CD  OE1  doub N N 116 
GLU CD  OE2  sing N N 117 
GLU OE2 HE2  sing N N 118 
GLU OXT HXT  sing N N 119 
GLY N   CA   sing N N 120 
GLY N   H    sing N N 121 
GLY N   H2   sing N N 122 
GLY CA  C    sing N N 123 
GLY CA  HA2  sing N N 124 
GLY CA  HA3  sing N N 125 
GLY C   O    doub N N 126 
GLY C   OXT  sing N N 127 
GLY OXT HXT  sing N N 128 
HIS N   CA   sing N N 129 
HIS N   H    sing N N 130 
HIS N   H2   sing N N 131 
HIS CA  C    sing N N 132 
HIS CA  CB   sing N N 133 
HIS CA  HA   sing N N 134 
HIS C   O    doub N N 135 
HIS C   OXT  sing N N 136 
HIS CB  CG   sing N N 137 
HIS CB  HB2  sing N N 138 
HIS CB  HB3  sing N N 139 
HIS CG  ND1  sing Y N 140 
HIS CG  CD2  doub Y N 141 
HIS ND1 CE1  doub Y N 142 
HIS ND1 HD1  sing N N 143 
HIS CD2 NE2  sing Y N 144 
HIS CD2 HD2  sing N N 145 
HIS CE1 NE2  sing Y N 146 
HIS CE1 HE1  sing N N 147 
HIS NE2 HE2  sing N N 148 
HIS OXT HXT  sing N N 149 
HOH O   H1   sing N N 150 
HOH O   H2   sing N N 151 
ILE N   CA   sing N N 152 
ILE N   H    sing N N 153 
ILE N   H2   sing N N 154 
ILE CA  C    sing N N 155 
ILE CA  CB   sing N N 156 
ILE CA  HA   sing N N 157 
ILE C   O    doub N N 158 
ILE C   OXT  sing N N 159 
ILE CB  CG1  sing N N 160 
ILE CB  CG2  sing N N 161 
ILE CB  HB   sing N N 162 
ILE CG1 CD1  sing N N 163 
ILE CG1 HG12 sing N N 164 
ILE CG1 HG13 sing N N 165 
ILE CG2 HG21 sing N N 166 
ILE CG2 HG22 sing N N 167 
ILE CG2 HG23 sing N N 168 
ILE CD1 HD11 sing N N 169 
ILE CD1 HD12 sing N N 170 
ILE CD1 HD13 sing N N 171 
ILE OXT HXT  sing N N 172 
LEU N   CA   sing N N 173 
LEU N   H    sing N N 174 
LEU N   H2   sing N N 175 
LEU CA  C    sing N N 176 
LEU CA  CB   sing N N 177 
LEU CA  HA   sing N N 178 
LEU C   O    doub N N 179 
LEU C   OXT  sing N N 180 
LEU CB  CG   sing N N 181 
LEU CB  HB2  sing N N 182 
LEU CB  HB3  sing N N 183 
LEU CG  CD1  sing N N 184 
LEU CG  CD2  sing N N 185 
LEU CG  HG   sing N N 186 
LEU CD1 HD11 sing N N 187 
LEU CD1 HD12 sing N N 188 
LEU CD1 HD13 sing N N 189 
LEU CD2 HD21 sing N N 190 
LEU CD2 HD22 sing N N 191 
LEU CD2 HD23 sing N N 192 
LEU OXT HXT  sing N N 193 
LYS N   CA   sing N N 194 
LYS N   H    sing N N 195 
LYS N   H2   sing N N 196 
LYS CA  C    sing N N 197 
LYS CA  CB   sing N N 198 
LYS CA  HA   sing N N 199 
LYS C   O    doub N N 200 
LYS C   OXT  sing N N 201 
LYS CB  CG   sing N N 202 
LYS CB  HB2  sing N N 203 
LYS CB  HB3  sing N N 204 
LYS CG  CD   sing N N 205 
LYS CG  HG2  sing N N 206 
LYS CG  HG3  sing N N 207 
LYS CD  CE   sing N N 208 
LYS CD  HD2  sing N N 209 
LYS CD  HD3  sing N N 210 
LYS CE  NZ   sing N N 211 
LYS CE  HE2  sing N N 212 
LYS CE  HE3  sing N N 213 
LYS NZ  HZ1  sing N N 214 
LYS NZ  HZ2  sing N N 215 
LYS NZ  HZ3  sing N N 216 
LYS OXT HXT  sing N N 217 
MET N   CA   sing N N 218 
MET N   H    sing N N 219 
MET N   H2   sing N N 220 
MET CA  C    sing N N 221 
MET CA  CB   sing N N 222 
MET CA  HA   sing N N 223 
MET C   O    doub N N 224 
MET C   OXT  sing N N 225 
MET CB  CG   sing N N 226 
MET CB  HB2  sing N N 227 
MET CB  HB3  sing N N 228 
MET CG  SD   sing N N 229 
MET CG  HG2  sing N N 230 
MET CG  HG3  sing N N 231 
MET SD  CE   sing N N 232 
MET CE  HE1  sing N N 233 
MET CE  HE2  sing N N 234 
MET CE  HE3  sing N N 235 
MET OXT HXT  sing N N 236 
NAG C1  C2   sing N N 237 
NAG C1  O1   sing N N 238 
NAG C1  O5   sing N N 239 
NAG C1  H1   sing N N 240 
NAG C2  C3   sing N N 241 
NAG C2  N2   sing N N 242 
NAG C2  H2   sing N N 243 
NAG C3  C4   sing N N 244 
NAG C3  O3   sing N N 245 
NAG C3  H3   sing N N 246 
NAG C4  C5   sing N N 247 
NAG C4  O4   sing N N 248 
NAG C4  H4   sing N N 249 
NAG C5  C6   sing N N 250 
NAG C5  O5   sing N N 251 
NAG C5  H5   sing N N 252 
NAG C6  O6   sing N N 253 
NAG C6  H61  sing N N 254 
NAG C6  H62  sing N N 255 
NAG C7  C8   sing N N 256 
NAG C7  N2   sing N N 257 
NAG C7  O7   doub N N 258 
NAG C8  H81  sing N N 259 
NAG C8  H82  sing N N 260 
NAG C8  H83  sing N N 261 
NAG N2  HN2  sing N N 262 
NAG O1  HO1  sing N N 263 
NAG O3  HO3  sing N N 264 
NAG O4  HO4  sing N N 265 
NAG O6  HO6  sing N N 266 
PHE N   CA   sing N N 267 
PHE N   H    sing N N 268 
PHE N   H2   sing N N 269 
PHE CA  C    sing N N 270 
PHE CA  CB   sing N N 271 
PHE CA  HA   sing N N 272 
PHE C   O    doub N N 273 
PHE C   OXT  sing N N 274 
PHE CB  CG   sing N N 275 
PHE CB  HB2  sing N N 276 
PHE CB  HB3  sing N N 277 
PHE CG  CD1  doub Y N 278 
PHE CG  CD2  sing Y N 279 
PHE CD1 CE1  sing Y N 280 
PHE CD1 HD1  sing N N 281 
PHE CD2 CE2  doub Y N 282 
PHE CD2 HD2  sing N N 283 
PHE CE1 CZ   doub Y N 284 
PHE CE1 HE1  sing N N 285 
PHE CE2 CZ   sing Y N 286 
PHE CE2 HE2  sing N N 287 
PHE CZ  HZ   sing N N 288 
PHE OXT HXT  sing N N 289 
PRO N   CA   sing N N 290 
PRO N   CD   sing N N 291 
PRO N   H    sing N N 292 
PRO CA  C    sing N N 293 
PRO CA  CB   sing N N 294 
PRO CA  HA   sing N N 295 
PRO C   O    doub N N 296 
PRO C   OXT  sing N N 297 
PRO CB  CG   sing N N 298 
PRO CB  HB2  sing N N 299 
PRO CB  HB3  sing N N 300 
PRO CG  CD   sing N N 301 
PRO CG  HG2  sing N N 302 
PRO CG  HG3  sing N N 303 
PRO CD  HD2  sing N N 304 
PRO CD  HD3  sing N N 305 
PRO OXT HXT  sing N N 306 
SER N   CA   sing N N 307 
SER N   H    sing N N 308 
SER N   H2   sing N N 309 
SER CA  C    sing N N 310 
SER CA  CB   sing N N 311 
SER CA  HA   sing N N 312 
SER C   O    doub N N 313 
SER C   OXT  sing N N 314 
SER CB  OG   sing N N 315 
SER CB  HB2  sing N N 316 
SER CB  HB3  sing N N 317 
SER OG  HG   sing N N 318 
SER OXT HXT  sing N N 319 
THR N   CA   sing N N 320 
THR N   H    sing N N 321 
THR N   H2   sing N N 322 
THR CA  C    sing N N 323 
THR CA  CB   sing N N 324 
THR CA  HA   sing N N 325 
THR C   O    doub N N 326 
THR C   OXT  sing N N 327 
THR CB  OG1  sing N N 328 
THR CB  CG2  sing N N 329 
THR CB  HB   sing N N 330 
THR OG1 HG1  sing N N 331 
THR CG2 HG21 sing N N 332 
THR CG2 HG22 sing N N 333 
THR CG2 HG23 sing N N 334 
THR OXT HXT  sing N N 335 
TRP N   CA   sing N N 336 
TRP N   H    sing N N 337 
TRP N   H2   sing N N 338 
TRP CA  C    sing N N 339 
TRP CA  CB   sing N N 340 
TRP CA  HA   sing N N 341 
TRP C   O    doub N N 342 
TRP C   OXT  sing N N 343 
TRP CB  CG   sing N N 344 
TRP CB  HB2  sing N N 345 
TRP CB  HB3  sing N N 346 
TRP CG  CD1  doub Y N 347 
TRP CG  CD2  sing Y N 348 
TRP CD1 NE1  sing Y N 349 
TRP CD1 HD1  sing N N 350 
TRP CD2 CE2  doub Y N 351 
TRP CD2 CE3  sing Y N 352 
TRP NE1 CE2  sing Y N 353 
TRP NE1 HE1  sing N N 354 
TRP CE2 CZ2  sing Y N 355 
TRP CE3 CZ3  doub Y N 356 
TRP CE3 HE3  sing N N 357 
TRP CZ2 CH2  doub Y N 358 
TRP CZ2 HZ2  sing N N 359 
TRP CZ3 CH2  sing Y N 360 
TRP CZ3 HZ3  sing N N 361 
TRP CH2 HH2  sing N N 362 
TRP OXT HXT  sing N N 363 
TYR N   CA   sing N N 364 
TYR N   H    sing N N 365 
TYR N   H2   sing N N 366 
TYR CA  C    sing N N 367 
TYR CA  CB   sing N N 368 
TYR CA  HA   sing N N 369 
TYR C   O    doub N N 370 
TYR C   OXT  sing N N 371 
TYR CB  CG   sing N N 372 
TYR CB  HB2  sing N N 373 
TYR CB  HB3  sing N N 374 
TYR CG  CD1  doub Y N 375 
TYR CG  CD2  sing Y N 376 
TYR CD1 CE1  sing Y N 377 
TYR CD1 HD1  sing N N 378 
TYR CD2 CE2  doub Y N 379 
TYR CD2 HD2  sing N N 380 
TYR CE1 CZ   doub Y N 381 
TYR CE1 HE1  sing N N 382 
TYR CE2 CZ   sing Y N 383 
TYR CE2 HE2  sing N N 384 
TYR CZ  OH   sing N N 385 
TYR OH  HH   sing N N 386 
TYR OXT HXT  sing N N 387 
VAL N   CA   sing N N 388 
VAL N   H    sing N N 389 
VAL N   H2   sing N N 390 
VAL CA  C    sing N N 391 
VAL CA  CB   sing N N 392 
VAL CA  HA   sing N N 393 
VAL C   O    doub N N 394 
VAL C   OXT  sing N N 395 
VAL CB  CG1  sing N N 396 
VAL CB  CG2  sing N N 397 
VAL CB  HB   sing N N 398 
VAL CG1 HG11 sing N N 399 
VAL CG1 HG12 sing N N 400 
VAL CG1 HG13 sing N N 401 
VAL CG2 HG21 sing N N 402 
VAL CG2 HG22 sing N N 403 
VAL CG2 HG23 sing N N 404 
VAL OXT HXT  sing N N 405 
# 
_pdbx_initial_refinement_model.id               1 
_pdbx_initial_refinement_model.entity_id_list   ? 
_pdbx_initial_refinement_model.type             'experimental model' 
_pdbx_initial_refinement_model.source_name      PDB 
_pdbx_initial_refinement_model.accession_code   1ZXQ 
_pdbx_initial_refinement_model.details          'ICAM-2, PDB ENTRY 1ZXQ' 
# 
_atom_sites.entry_id                    1IAM 
_atom_sites.fract_transf_matrix[1][1]   0.00280258 
_atom_sites.fract_transf_matrix[1][2]   -0.01808854 
_atom_sites.fract_transf_matrix[1][3]   0.01535351 
_atom_sites.fract_transf_matrix[2][1]   0.00679269 
_atom_sites.fract_transf_matrix[2][2]   0.00331786 
_atom_sites.fract_transf_matrix[2][3]   0.00266898 
_atom_sites.fract_transf_matrix[3][1]   -0.00622713 
_atom_sites.fract_transf_matrix[3][2]   0.00607606 
_atom_sites.fract_transf_matrix[3][3]   0.00829511 
_atom_sites.fract_transf_vector[1]      0.861603 
_atom_sites.fract_transf_vector[2]      0.616579 
_atom_sites.fract_transf_vector[3]      0.006008 
# 
loop_
_atom_type.symbol 
C 
N 
O 
S 
# 
loop_
_atom_site.group_PDB 
_atom_site.id 
_atom_site.type_symbol 
_atom_site.label_atom_id 
_atom_site.label_alt_id 
_atom_site.label_comp_id 
_atom_site.label_asym_id 
_atom_site.label_entity_id 
_atom_site.label_seq_id 
_atom_site.pdbx_PDB_ins_code 
_atom_site.Cartn_x 
_atom_site.Cartn_y 
_atom_site.Cartn_z 
_atom_site.occupancy 
_atom_site.B_iso_or_equiv 
_atom_site.pdbx_formal_charge 
_atom_site.auth_seq_id 
_atom_site.auth_comp_id 
_atom_site.auth_asym_id 
_atom_site.auth_atom_id 
_atom_site.pdbx_PDB_model_num 
ATOM   1    N N   . GLN A 1 1   ? -27.667 16.056  -3.260  1.00 28.86 ? 1   GLN A N   1 
ATOM   2    C CA  . GLN A 1 1   ? -27.033 17.185  -3.970  1.00 27.62 ? 1   GLN A CA  1 
ATOM   3    C C   . GLN A 1 1   ? -25.795 16.646  -4.714  1.00 26.76 ? 1   GLN A C   1 
ATOM   4    O O   . GLN A 1 1   ? -25.950 16.001  -5.767  1.00 26.61 ? 1   GLN A O   1 
ATOM   5    C CB  . GLN A 1 1   ? -26.670 18.286  -2.976  1.00 29.66 ? 1   GLN A CB  1 
ATOM   6    C CG  . GLN A 1 1   ? -27.791 18.681  -1.998  1.00 32.10 ? 1   GLN A CG  1 
ATOM   7    C CD  . GLN A 1 1   ? -27.946 17.693  -0.840  1.00 34.55 ? 1   GLN A CD  1 
ATOM   8    O OE1 . GLN A 1 1   ? -27.632 16.504  -0.979  1.00 37.11 ? 1   GLN A OE1 1 
ATOM   9    N NE2 . GLN A 1 1   ? -28.446 18.173  0.296   1.00 34.08 ? 1   GLN A NE2 1 
ATOM   10   N N   . THR A 1 2   ? -24.599 16.838  -4.160  1.00 23.89 ? 2   THR A N   1 
ATOM   11   C CA  . THR A 1 2   ? -23.381 16.369  -4.823  1.00 22.61 ? 2   THR A CA  1 
ATOM   12   C C   . THR A 1 2   ? -23.095 14.866  -4.631  1.00 21.95 ? 2   THR A C   1 
ATOM   13   O O   . THR A 1 2   ? -23.467 14.274  -3.623  1.00 22.48 ? 2   THR A O   1 
ATOM   14   C CB  . THR A 1 2   ? -22.156 17.199  -4.384  1.00 20.64 ? 2   THR A CB  1 
ATOM   15   O OG1 . THR A 1 2   ? -22.482 18.586  -4.437  1.00 19.36 ? 2   THR A OG1 1 
ATOM   16   C CG2 . THR A 1 2   ? -20.995 16.978  -5.332  1.00 19.53 ? 2   THR A CG2 1 
ATOM   17   N N   . SER A 1 3   ? -22.491 14.257  -5.646  1.00 21.51 ? 3   SER A N   1 
ATOM   18   C CA  . SER A 1 3   ? -22.126 12.846  -5.643  1.00 21.07 ? 3   SER A CA  1 
ATOM   19   C C   . SER A 1 3   ? -20.857 12.658  -6.446  1.00 19.59 ? 3   SER A C   1 
ATOM   20   O O   . SER A 1 3   ? -20.568 13.454  -7.337  1.00 19.79 ? 3   SER A O   1 
ATOM   21   C CB  . SER A 1 3   ? -23.223 11.998  -6.292  1.00 22.37 ? 3   SER A CB  1 
ATOM   22   O OG  . SER A 1 3   ? -24.433 12.110  -5.573  1.00 26.99 ? 3   SER A OG  1 
ATOM   23   N N   . VAL A 1 4   ? -20.096 11.617  -6.114  1.00 17.79 ? 4   VAL A N   1 
ATOM   24   C CA  . VAL A 1 4   ? -18.874 11.288  -6.832  1.00 15.42 ? 4   VAL A CA  1 
ATOM   25   C C   . VAL A 1 4   ? -18.851 9.783   -7.067  1.00 16.14 ? 4   VAL A C   1 
ATOM   26   O O   . VAL A 1 4   ? -19.352 9.000   -6.254  1.00 17.56 ? 4   VAL A O   1 
ATOM   27   C CB  . VAL A 1 4   ? -17.567 11.747  -6.096  1.00 13.91 ? 4   VAL A CB  1 
ATOM   28   C CG1 . VAL A 1 4   ? -17.358 10.985  -4.778  1.00 14.69 ? 4   VAL A CG1 1 
ATOM   29   C CG2 . VAL A 1 4   ? -16.367 11.529  -7.004  1.00 9.63  ? 4   VAL A CG2 1 
ATOM   30   N N   . SER A 1 5   ? -18.343 9.387   -8.221  1.00 16.04 ? 5   SER A N   1 
ATOM   31   C CA  . SER A 1 5   ? -18.250 7.985   -8.564  1.00 16.60 ? 5   SER A CA  1 
ATOM   32   C C   . SER A 1 5   ? -16.933 7.822   -9.333  1.00 18.41 ? 5   SER A C   1 
ATOM   33   O O   . SER A 1 5   ? -16.674 8.581   -10.272 1.00 19.19 ? 5   SER A O   1 
ATOM   34   C CB  . SER A 1 5   ? -19.467 7.590   -9.404  1.00 16.11 ? 5   SER A CB  1 
ATOM   35   O OG  . SER A 1 5   ? -19.353 6.283   -9.950  1.00 14.76 ? 5   SER A OG  1 
ATOM   36   N N   . PRO A 1 6   ? -16.042 6.901   -8.887  1.00 19.79 ? 6   PRO A N   1 
ATOM   37   C CA  . PRO A 1 6   ? -16.163 6.004   -7.728  1.00 19.15 ? 6   PRO A CA  1 
ATOM   38   C C   . PRO A 1 6   ? -15.911 6.756   -6.422  1.00 19.96 ? 6   PRO A C   1 
ATOM   39   O O   . PRO A 1 6   ? -15.158 7.727   -6.416  1.00 20.16 ? 6   PRO A O   1 
ATOM   40   C CB  . PRO A 1 6   ? -15.024 4.999   -7.945  1.00 18.75 ? 6   PRO A CB  1 
ATOM   41   C CG  . PRO A 1 6   ? -14.515 5.243   -9.327  1.00 18.32 ? 6   PRO A CG  1 
ATOM   42   C CD  . PRO A 1 6   ? -14.736 6.704   -9.540  1.00 19.32 ? 6   PRO A CD  1 
ATOM   43   N N   . SER A 1 7   ? -16.539 6.320   -5.329  1.00 20.88 ? 7   SER A N   1 
ATOM   44   C CA  . SER A 1 7   ? -16.337 6.950   -4.015  1.00 20.87 ? 7   SER A CA  1 
ATOM   45   C C   . SER A 1 7   ? -15.085 6.406   -3.318  1.00 20.66 ? 7   SER A C   1 
ATOM   46   O O   . SER A 1 7   ? -14.603 6.964   -2.323  1.00 19.66 ? 7   SER A O   1 
ATOM   47   C CB  . SER A 1 7   ? -17.561 6.715   -3.138  1.00 21.84 ? 7   SER A CB  1 
ATOM   48   O OG  . SER A 1 7   ? -17.972 5.362   -3.248  1.00 22.73 ? 7   SER A OG  1 
ATOM   49   N N   . LYS A 1 8   ? -14.556 5.318   -3.862  1.00 21.17 ? 8   LYS A N   1 
ATOM   50   C CA  . LYS A 1 8   ? -13.352 4.674   -3.341  1.00 21.37 ? 8   LYS A CA  1 
ATOM   51   C C   . LYS A 1 8   ? -12.671 4.016   -4.538  1.00 20.68 ? 8   LYS A C   1 
ATOM   52   O O   . LYS A 1 8   ? -13.338 3.464   -5.414  1.00 20.51 ? 8   LYS A O   1 
ATOM   53   C CB  . LYS A 1 8   ? -13.717 3.641   -2.247  1.00 22.68 ? 8   LYS A CB  1 
ATOM   54   C CG  . LYS A 1 8   ? -12.783 2.408   -2.140  1.00 25.42 ? 8   LYS A CG  1 
ATOM   55   C CD  . LYS A 1 8   ? -11.317 2.759   -1.843  1.00 26.38 ? 8   LYS A CD  1 
ATOM   56   C CE  . LYS A 1 8   ? -10.366 1.607   -2.202  1.00 27.33 ? 8   LYS A CE  1 
ATOM   57   N NZ  . LYS A 1 8   ? -10.460 0.426   -1.286  1.00 28.31 ? 8   LYS A NZ  1 
ATOM   58   N N   . VAL A 1 9   ? -11.355 4.165   -4.627  1.00 20.84 ? 9   VAL A N   1 
ATOM   59   C CA  . VAL A 1 9   ? -10.604 3.561   -5.724  1.00 21.00 ? 9   VAL A CA  1 
ATOM   60   C C   . VAL A 1 9   ? -9.210  3.137   -5.267  1.00 20.12 ? 9   VAL A C   1 
ATOM   61   O O   . VAL A 1 9   ? -8.616  3.785   -4.409  1.00 19.83 ? 9   VAL A O   1 
ATOM   62   C CB  . VAL A 1 9   ? -10.405 4.546   -6.927  1.00 22.40 ? 9   VAL A CB  1 
ATOM   63   C CG1 . VAL A 1 9   ? -10.719 3.824   -8.232  1.00 22.12 ? 9   VAL A CG1 1 
ATOM   64   C CG2 . VAL A 1 9   ? -11.248 5.828   -6.772  1.00 22.95 ? 9   VAL A CG2 1 
ATOM   65   N N   . ILE A 1 10  ? -8.706  2.032   -5.812  1.00 19.29 ? 10  ILE A N   1 
ATOM   66   C CA  . ILE A 1 10  ? -7.357  1.578   -5.486  1.00 17.67 ? 10  ILE A CA  1 
ATOM   67   C C   . ILE A 1 10  ? -6.605  1.509   -6.800  1.00 16.85 ? 10  ILE A C   1 
ATOM   68   O O   . ILE A 1 10  ? -7.072  0.893   -7.757  1.00 17.52 ? 10  ILE A O   1 
ATOM   69   C CB  . ILE A 1 10  ? -7.322  0.211   -4.770  1.00 18.90 ? 10  ILE A CB  1 
ATOM   70   C CG1 . ILE A 1 10  ? -5.875  -0.119  -4.391  1.00 18.91 ? 10  ILE A CG1 1 
ATOM   71   C CG2 . ILE A 1 10  ? -7.960  -0.907  -5.644  1.00 17.56 ? 10  ILE A CG2 1 
ATOM   72   C CD1 . ILE A 1 10  ? -5.749  -1.176  -3.308  1.00 22.75 ? 10  ILE A CD1 1 
ATOM   73   N N   . LEU A 1 11  ? -5.460  2.171   -6.874  1.00 15.71 ? 11  LEU A N   1 
ATOM   74   C CA  . LEU A 1 11  ? -4.715  2.164   -8.117  1.00 13.58 ? 11  LEU A CA  1 
ATOM   75   C C   . LEU A 1 11  ? -3.222  2.090   -7.849  1.00 12.25 ? 11  LEU A C   1 
ATOM   76   O O   . LEU A 1 11  ? -2.772  2.386   -6.743  1.00 12.93 ? 11  LEU A O   1 
ATOM   77   C CB  . LEU A 1 11  ? -5.054  3.424   -8.932  1.00 13.41 ? 11  LEU A CB  1 
ATOM   78   C CG  . LEU A 1 11  ? -4.501  4.794   -8.525  1.00 14.30 ? 11  LEU A CG  1 
ATOM   79   C CD1 . LEU A 1 11  ? -4.448  5.699   -9.756  1.00 16.73 ? 11  LEU A CD1 1 
ATOM   80   C CD2 . LEU A 1 11  ? -5.348  5.431   -7.427  1.00 14.93 ? 11  LEU A CD2 1 
ATOM   81   N N   . PRO A 1 12  ? -2.439  1.628   -8.841  1.00 11.07 ? 12  PRO A N   1 
ATOM   82   C CA  . PRO A 1 12  ? -0.990  1.538   -8.668  1.00 10.97 ? 12  PRO A CA  1 
ATOM   83   C C   . PRO A 1 12  ? -0.402  2.933   -8.522  1.00 12.06 ? 12  PRO A C   1 
ATOM   84   O O   . PRO A 1 12  ? -0.993  3.915   -9.005  1.00 10.38 ? 12  PRO A O   1 
ATOM   85   C CB  . PRO A 1 12  ? -0.529  0.872   -9.974  1.00 9.57  ? 12  PRO A CB  1 
ATOM   86   C CG  . PRO A 1 12  ? -1.561  1.313   -10.960 1.00 11.44 ? 12  PRO A CG  1 
ATOM   87   C CD  . PRO A 1 12  ? -2.840  1.166   -10.184 1.00 9.07  ? 12  PRO A CD  1 
ATOM   88   N N   . ARG A 1 13  ? 0.714   3.030   -7.796  1.00 13.74 ? 13  ARG A N   1 
ATOM   89   C CA  . ARG A 1 13  ? 1.390   4.318   -7.594  1.00 15.27 ? 13  ARG A CA  1 
ATOM   90   C C   . ARG A 1 13  ? 1.722   4.935   -8.956  1.00 15.57 ? 13  ARG A C   1 
ATOM   91   O O   . ARG A 1 13  ? 2.159   4.236   -9.871  1.00 15.83 ? 13  ARG A O   1 
ATOM   92   C CB  . ARG A 1 13  ? 2.675   4.152   -6.764  1.00 15.72 ? 13  ARG A CB  1 
ATOM   93   C CG  . ARG A 1 13  ? 3.410   5.471   -6.519  1.00 17.32 ? 13  ARG A CG  1 
ATOM   94   C CD  . ARG A 1 13  ? 4.637   5.351   -5.622  1.00 18.82 ? 13  ARG A CD  1 
ATOM   95   N NE  . ARG A 1 13  ? 5.552   4.272   -6.005  1.00 20.25 ? 13  ARG A NE  1 
ATOM   96   C CZ  . ARG A 1 13  ? 6.781   4.127   -5.507  1.00 20.19 ? 13  ARG A CZ  1 
ATOM   97   N NH1 . ARG A 1 13  ? 7.275   5.031   -4.675  1.00 19.81 ? 13  ARG A NH1 1 
ATOM   98   N NH2 . ARG A 1 13  ? 7.541   3.103   -5.885  1.00 19.91 ? 13  ARG A NH2 1 
ATOM   99   N N   . GLY A 1 14  ? 1.460   6.230   -9.096  1.00 16.84 ? 14  GLY A N   1 
ATOM   100  C CA  . GLY A 1 14  ? 1.739   6.922   -10.348 1.00 17.21 ? 14  GLY A CA  1 
ATOM   101  C C   . GLY A 1 14  ? 0.695   6.716   -11.434 1.00 17.18 ? 14  GLY A C   1 
ATOM   102  O O   . GLY A 1 14  ? 0.876   7.189   -12.554 1.00 19.20 ? 14  GLY A O   1 
ATOM   103  N N   . GLY A 1 15  ? -0.408  6.047   -11.110 1.00 16.61 ? 15  GLY A N   1 
ATOM   104  C CA  . GLY A 1 15  ? -1.456  5.799   -12.095 1.00 14.94 ? 15  GLY A CA  1 
ATOM   105  C C   . GLY A 1 15  ? -2.463  6.922   -12.294 1.00 14.82 ? 15  GLY A C   1 
ATOM   106  O O   . GLY A 1 15  ? -2.314  8.005   -11.740 1.00 14.32 ? 15  GLY A O   1 
ATOM   107  N N   . SER A 1 16  ? -3.507  6.642   -13.078 1.00 15.24 ? 16  SER A N   1 
ATOM   108  C CA  . SER A 1 16  ? -4.569  7.606   -13.384 1.00 15.51 ? 16  SER A CA  1 
ATOM   109  C C   . SER A 1 16  ? -5.946  6.989   -13.139 1.00 14.70 ? 16  SER A C   1 
ATOM   110  O O   . SER A 1 16  ? -6.107  5.769   -13.217 1.00 15.12 ? 16  SER A O   1 
ATOM   111  C CB  . SER A 1 16  ? -4.467  8.039   -14.853 1.00 15.29 ? 16  SER A CB  1 
ATOM   112  O OG  . SER A 1 16  ? -3.167  8.532   -15.125 1.00 18.20 ? 16  SER A OG  1 
ATOM   113  N N   . VAL A 1 17  ? -6.933  7.842   -12.874 1.00 13.38 ? 17  VAL A N   1 
ATOM   114  C CA  . VAL A 1 17  ? -8.294  7.403   -12.617 1.00 11.50 ? 17  VAL A CA  1 
ATOM   115  C C   . VAL A 1 17  ? -9.314  8.432   -13.121 1.00 12.16 ? 17  VAL A C   1 
ATOM   116  O O   . VAL A 1 17  ? -9.049  9.639   -13.118 1.00 10.98 ? 17  VAL A O   1 
ATOM   117  C CB  . VAL A 1 17  ? -8.512  7.171   -11.086 1.00 10.90 ? 17  VAL A CB  1 
ATOM   118  C CG1 . VAL A 1 17  ? -8.298  8.473   -10.305 1.00 10.68 ? 17  VAL A CG1 1 
ATOM   119  C CG2 . VAL A 1 17  ? -9.905  6.584   -10.807 1.00 10.42 ? 17  VAL A CG2 1 
ATOM   120  N N   . LEU A 1 18  ? -10.467 7.943   -13.568 1.00 11.84 ? 18  LEU A N   1 
ATOM   121  C CA  . LEU A 1 18  ? -11.560 8.794   -14.038 1.00 11.68 ? 18  LEU A CA  1 
ATOM   122  C C   . LEU A 1 18  ? -12.524 9.021   -12.890 1.00 12.76 ? 18  LEU A C   1 
ATOM   123  O O   . LEU A 1 18  ? -12.966 8.066   -12.271 1.00 14.63 ? 18  LEU A O   1 
ATOM   124  C CB  . LEU A 1 18  ? -12.316 8.133   -15.178 1.00 9.71  ? 18  LEU A CB  1 
ATOM   125  C CG  . LEU A 1 18  ? -11.647 8.120   -16.557 1.00 8.31  ? 18  LEU A CG  1 
ATOM   126  C CD1 . LEU A 1 18  ? -12.529 7.366   -17.559 1.00 6.32  ? 18  LEU A CD1 1 
ATOM   127  C CD2 . LEU A 1 18  ? -11.415 9.555   -16.982 1.00 5.26  ? 18  LEU A CD2 1 
ATOM   128  N N   . VAL A 1 19  ? -12.861 10.281  -12.631 1.00 12.66 ? 19  VAL A N   1 
ATOM   129  C CA  . VAL A 1 19  ? -13.760 10.663  -11.556 1.00 11.75 ? 19  VAL A CA  1 
ATOM   130  C C   . VAL A 1 19  ? -14.922 11.481  -12.138 1.00 14.29 ? 19  VAL A C   1 
ATOM   131  O O   . VAL A 1 19  ? -14.703 12.388  -12.949 1.00 13.11 ? 19  VAL A O   1 
ATOM   132  C CB  . VAL A 1 19  ? -13.028 11.554  -10.526 1.00 14.03 ? 19  VAL A CB  1 
ATOM   133  C CG1 . VAL A 1 19  ? -13.940 11.867  -9.361  1.00 12.44 ? 19  VAL A CG1 1 
ATOM   134  C CG2 . VAL A 1 19  ? -11.738 10.875  -10.030 1.00 12.99 ? 19  VAL A CG2 1 
ATOM   135  N N   . THR A 1 20  ? -16.153 11.146  -11.753 1.00 13.24 ? 20  THR A N   1 
ATOM   136  C CA  . THR A 1 20  ? -17.308 11.882  -12.233 1.00 13.37 ? 20  THR A CA  1 
ATOM   137  C C   . THR A 1 20  ? -17.997 12.577  -11.054 1.00 15.03 ? 20  THR A C   1 
ATOM   138  O O   . THR A 1 20  ? -18.324 11.941  -10.039 1.00 15.15 ? 20  THR A O   1 
ATOM   139  C CB  . THR A 1 20  ? -18.312 10.969  -12.966 1.00 12.47 ? 20  THR A CB  1 
ATOM   140  O OG1 . THR A 1 20  ? -17.682 10.391  -14.119 1.00 12.22 ? 20  THR A OG1 1 
ATOM   141  C CG2 . THR A 1 20  ? -19.562 11.751  -13.404 1.00 10.17 ? 20  THR A CG2 1 
ATOM   142  N N   . CYS A 1 21  ? -18.114 13.899  -11.168 1.00 15.66 ? 21  CYS A N   1 
ATOM   143  C CA  . CYS A 1 21  ? -18.768 14.727  -10.171 1.00 15.65 ? 21  CYS A CA  1 
ATOM   144  C C   . CYS A 1 21  ? -20.166 15.026  -10.689 1.00 16.89 ? 21  CYS A C   1 
ATOM   145  O O   . CYS A 1 21  ? -20.339 15.539  -11.802 1.00 14.96 ? 21  CYS A O   1 
ATOM   146  C CB  . CYS A 1 21  ? -17.999 16.024  -9.967  1.00 16.79 ? 21  CYS A CB  1 
ATOM   147  S SG  . CYS A 1 21  ? -16.367 15.817  -9.188  1.00 15.17 ? 21  CYS A SG  1 
ATOM   148  N N   . SER A 1 22  ? -21.157 14.760  -9.851  1.00 17.97 ? 22  SER A N   1 
ATOM   149  C CA  . SER A 1 22  ? -22.529 14.963  -10.246 1.00 20.66 ? 22  SER A CA  1 
ATOM   150  C C   . SER A 1 22  ? -23.311 15.732  -9.191  1.00 21.10 ? 22  SER A C   1 
ATOM   151  O O   . SER A 1 22  ? -22.841 15.899  -8.061  1.00 21.53 ? 22  SER A O   1 
ATOM   152  C CB  . SER A 1 22  ? -23.159 13.593  -10.487 1.00 19.82 ? 22  SER A CB  1 
ATOM   153  O OG  . SER A 1 22  ? -24.353 13.710  -11.218 1.00 26.79 ? 22  SER A OG  1 
ATOM   154  N N   . THR A 1 23  ? -24.427 16.309  -9.618  1.00 21.73 ? 23  THR A N   1 
ATOM   155  C CA  . THR A 1 23  ? -25.327 17.029  -8.729  1.00 23.78 ? 23  THR A CA  1 
ATOM   156  C C   . THR A 1 23  ? -26.753 16.839  -9.235  1.00 26.05 ? 23  THR A C   1 
ATOM   157  O O   . THR A 1 23  ? -27.040 16.993  -10.421 1.00 24.74 ? 23  THR A O   1 
ATOM   158  C CB  . THR A 1 23  ? -25.008 18.547  -8.599  1.00 23.42 ? 23  THR A CB  1 
ATOM   159  O OG1 . THR A 1 23  ? -25.877 19.119  -7.610  1.00 22.61 ? 23  THR A OG1 1 
ATOM   160  C CG2 . THR A 1 23  ? -25.206 19.289  -9.934  1.00 21.12 ? 23  THR A CG2 1 
ATOM   161  N N   . SER A 1 24  ? -27.625 16.454  -8.315  1.00 29.72 ? 24  SER A N   1 
ATOM   162  C CA  . SER A 1 24  ? -29.031 16.206  -8.606  1.00 32.16 ? 24  SER A CA  1 
ATOM   163  C C   . SER A 1 24  ? -29.946 17.410  -8.803  1.00 33.38 ? 24  SER A C   1 
ATOM   164  O O   . SER A 1 24  ? -31.082 17.231  -9.227  1.00 33.69 ? 24  SER A O   1 
ATOM   165  C CB  . SER A 1 24  ? -29.625 15.350  -7.495  1.00 33.44 ? 24  SER A CB  1 
ATOM   166  O OG  . SER A 1 24  ? -29.587 13.977  -7.823  1.00 36.26 ? 24  SER A OG  1 
ATOM   167  N N   . CYS A 1 25  ? -29.492 18.619  -8.477  1.00 35.33 ? 25  CYS A N   1 
ATOM   168  C CA  . CYS A 1 25  ? -30.370 19.783  -8.615  1.00 37.06 ? 25  CYS A CA  1 
ATOM   169  C C   . CYS A 1 25  ? -30.575 20.320  -10.026 1.00 38.35 ? 25  CYS A C   1 
ATOM   170  O O   . CYS A 1 25  ? -29.687 20.242  -10.864 1.00 38.17 ? 25  CYS A O   1 
ATOM   171  C CB  . CYS A 1 25  ? -29.929 20.919  -7.691  1.00 37.42 ? 25  CYS A CB  1 
ATOM   172  S SG  . CYS A 1 25  ? -28.441 21.831  -8.211  1.00 37.12 ? 25  CYS A SG  1 
ATOM   173  N N   . ASP A 1 26  ? -31.759 20.880  -10.265 1.00 40.56 ? 26  ASP A N   1 
ATOM   174  C CA  . ASP A 1 26  ? -32.128 21.468  -11.558 1.00 42.39 ? 26  ASP A CA  1 
ATOM   175  C C   . ASP A 1 26  ? -31.057 22.390  -12.137 1.00 42.41 ? 26  ASP A C   1 
ATOM   176  O O   . ASP A 1 26  ? -30.454 22.095  -13.171 1.00 42.65 ? 26  ASP A O   1 
ATOM   177  C CB  . ASP A 1 26  ? -33.415 22.290  -11.428 1.00 43.54 ? 26  ASP A CB  1 
ATOM   178  C CG  . ASP A 1 26  ? -34.606 21.458  -11.051 1.00 44.78 ? 26  ASP A CG  1 
ATOM   179  O OD1 . ASP A 1 26  ? -34.517 20.725  -10.041 1.00 45.35 ? 26  ASP A OD1 1 
ATOM   180  O OD2 . ASP A 1 26  ? -35.636 21.559  -11.756 1.00 45.65 ? 26  ASP A OD2 1 
ATOM   181  N N   . GLN A 1 27  ? -30.873 23.539  -11.501 1.00 41.86 ? 27  GLN A N   1 
ATOM   182  C CA  . GLN A 1 27  ? -29.884 24.495  -11.976 1.00 42.63 ? 27  GLN A CA  1 
ATOM   183  C C   . GLN A 1 27  ? -28.675 24.658  -11.053 1.00 41.91 ? 27  GLN A C   1 
ATOM   184  O O   . GLN A 1 27  ? -28.719 25.418  -10.083 1.00 42.24 ? 27  GLN A O   1 
ATOM   185  C CB  . GLN A 1 27  ? -30.532 25.857  -12.246 1.00 43.77 ? 27  GLN A CB  1 
ATOM   186  C CG  . GLN A 1 27  ? -31.978 25.975  -11.811 1.00 46.30 ? 27  GLN A CG  1 
ATOM   187  C CD  . GLN A 1 27  ? -32.938 26.016  -12.985 1.00 48.30 ? 27  GLN A CD  1 
ATOM   188  O OE1 . GLN A 1 27  ? -33.905 26.787  -12.983 1.00 49.93 ? 27  GLN A OE1 1 
ATOM   189  N NE2 . GLN A 1 27  ? -32.687 25.178  -13.991 1.00 48.74 ? 27  GLN A NE2 1 
ATOM   190  N N   . PRO A 1 28  ? -27.582 23.926  -11.336 1.00 40.67 ? 28  PRO A N   1 
ATOM   191  C CA  . PRO A 1 28  ? -26.359 23.998  -10.532 1.00 39.54 ? 28  PRO A CA  1 
ATOM   192  C C   . PRO A 1 28  ? -25.665 25.296  -10.897 1.00 38.12 ? 28  PRO A C   1 
ATOM   193  O O   . PRO A 1 28  ? -25.373 25.526  -12.064 1.00 39.47 ? 28  PRO A O   1 
ATOM   194  C CB  . PRO A 1 28  ? -25.529 22.813  -11.048 1.00 39.82 ? 28  PRO A CB  1 
ATOM   195  C CG  . PRO A 1 28  ? -26.490 21.967  -11.820 1.00 40.01 ? 28  PRO A CG  1 
ATOM   196  C CD  . PRO A 1 28  ? -27.423 22.964  -12.435 1.00 40.00 ? 28  PRO A CD  1 
ATOM   197  N N   . LYS A 1 29  ? -25.391 26.143  -9.922  1.00 36.85 ? 29  LYS A N   1 
ATOM   198  C CA  . LYS A 1 29  ? -24.724 27.410  -10.212 1.00 34.93 ? 29  LYS A CA  1 
ATOM   199  C C   . LYS A 1 29  ? -23.247 27.142  -10.483 1.00 33.30 ? 29  LYS A C   1 
ATOM   200  O O   . LYS A 1 29  ? -22.597 27.872  -11.237 1.00 33.71 ? 29  LYS A O   1 
ATOM   201  C CB  . LYS A 1 29  ? -24.855 28.374  -9.022  1.00 36.35 ? 29  LYS A CB  1 
ATOM   202  C CG  . LYS A 1 29  ? -26.281 28.566  -8.512  1.00 37.08 ? 29  LYS A CG  1 
ATOM   203  C CD  . LYS A 1 29  ? -26.294 29.114  -7.094  1.00 39.03 ? 29  LYS A CD  1 
ATOM   204  C CE  . LYS A 1 29  ? -26.400 30.630  -7.065  1.00 40.44 ? 29  LYS A CE  1 
ATOM   205  N NZ  . LYS A 1 29  ? -27.765 31.112  -7.464  1.00 42.52 ? 29  LYS A NZ  1 
ATOM   206  N N   . LEU A 1 30  ? -22.738 26.064  -9.892  1.00 29.14 ? 30  LEU A N   1 
ATOM   207  C CA  . LEU A 1 30  ? -21.333 25.711  -10.007 1.00 25.09 ? 30  LEU A CA  1 
ATOM   208  C C   . LEU A 1 30  ? -21.138 24.240  -9.653  1.00 22.62 ? 30  LEU A C   1 
ATOM   209  O O   . LEU A 1 30  ? -21.786 23.718  -8.752  1.00 22.58 ? 30  LEU A O   1 
ATOM   210  C CB  . LEU A 1 30  ? -20.530 26.610  -9.056  1.00 24.44 ? 30  LEU A CB  1 
ATOM   211  C CG  . LEU A 1 30  ? -19.061 26.385  -8.705  1.00 23.97 ? 30  LEU A CG  1 
ATOM   212  C CD1 . LEU A 1 30  ? -18.168 26.533  -9.922  1.00 22.93 ? 30  LEU A CD1 1 
ATOM   213  C CD2 . LEU A 1 30  ? -18.675 27.384  -7.615  1.00 23.09 ? 30  LEU A CD2 1 
ATOM   214  N N   . LEU A 1 31  ? -20.263 23.576  -10.392 1.00 19.39 ? 31  LEU A N   1 
ATOM   215  C CA  . LEU A 1 31  ? -19.967 22.165  -10.190 1.00 17.15 ? 31  LEU A CA  1 
ATOM   216  C C   . LEU A 1 31  ? -18.509 21.966  -10.561 1.00 16.29 ? 31  LEU A C   1 
ATOM   217  O O   . LEU A 1 31  ? -18.072 22.410  -11.625 1.00 15.85 ? 31  LEU A O   1 
ATOM   218  C CB  . LEU A 1 31  ? -20.867 21.311  -11.093 1.00 17.15 ? 31  LEU A CB  1 
ATOM   219  C CG  . LEU A 1 31  ? -20.663 19.800  -11.204 1.00 13.69 ? 31  LEU A CG  1 
ATOM   220  C CD1 . LEU A 1 31  ? -20.893 19.130  -9.881  1.00 14.24 ? 31  LEU A CD1 1 
ATOM   221  C CD2 . LEU A 1 31  ? -21.625 19.274  -12.218 1.00 14.58 ? 31  LEU A CD2 1 
ATOM   222  N N   . GLY A 1 32  ? -17.753 21.318  -9.683  1.00 15.94 ? 32  GLY A N   1 
ATOM   223  C CA  . GLY A 1 32  ? -16.346 21.092  -9.950  1.00 15.06 ? 32  GLY A CA  1 
ATOM   224  C C   . GLY A 1 32  ? -15.714 20.140  -8.954  1.00 15.94 ? 32  GLY A C   1 
ATOM   225  O O   . GLY A 1 32  ? -16.413 19.483  -8.181  1.00 15.56 ? 32  GLY A O   1 
ATOM   226  N N   . ILE A 1 33  ? -14.392 20.062  -8.972  1.00 15.23 ? 33  ILE A N   1 
ATOM   227  C CA  . ILE A 1 33  ? -13.674 19.192  -8.065  1.00 16.02 ? 33  ILE A CA  1 
ATOM   228  C C   . ILE A 1 33  ? -12.458 19.919  -7.493  1.00 16.38 ? 33  ILE A C   1 
ATOM   229  O O   . ILE A 1 33  ? -11.791 20.685  -8.198  1.00 17.30 ? 33  ILE A O   1 
ATOM   230  C CB  . ILE A 1 33  ? -13.235 17.879  -8.780  1.00 15.55 ? 33  ILE A CB  1 
ATOM   231  C CG1 . ILE A 1 33  ? -12.764 16.832  -7.759  1.00 14.47 ? 33  ILE A CG1 1 
ATOM   232  C CG2 . ILE A 1 33  ? -12.109 18.156  -9.772  1.00 15.33 ? 33  ILE A CG2 1 
ATOM   233  C CD1 . ILE A 1 33  ? -12.352 15.503  -8.416  1.00 15.26 ? 33  ILE A CD1 1 
ATOM   234  N N   . GLU A 1 34  ? -12.199 19.706  -6.206  1.00 16.55 ? 34  GLU A N   1 
ATOM   235  C CA  . GLU A 1 34  ? -11.060 20.298  -5.522  1.00 16.59 ? 34  GLU A CA  1 
ATOM   236  C C   . GLU A 1 34  ? -10.034 19.187  -5.227  1.00 15.32 ? 34  GLU A C   1 
ATOM   237  O O   . GLU A 1 34  ? -10.326 18.208  -4.525  1.00 13.95 ? 34  GLU A O   1 
ATOM   238  C CB  . GLU A 1 34  ? -11.520 20.969  -4.218  1.00 19.97 ? 34  GLU A CB  1 
ATOM   239  C CG  . GLU A 1 34  ? -10.477 21.876  -3.563  1.00 23.49 ? 34  GLU A CG  1 
ATOM   240  C CD  . GLU A 1 34  ? -10.980 22.506  -2.279  1.00 26.54 ? 34  GLU A CD  1 
ATOM   241  O OE1 . GLU A 1 34  ? -10.975 21.823  -1.231  1.00 27.32 ? 34  GLU A OE1 1 
ATOM   242  O OE2 . GLU A 1 34  ? -11.381 23.691  -2.310  1.00 30.27 ? 34  GLU A OE2 1 
ATOM   243  N N   . THR A 1 35  ? -8.841  19.334  -5.792  1.00 14.87 ? 35  THR A N   1 
ATOM   244  C CA  . THR A 1 35  ? -7.761  18.361  -5.622  1.00 13.52 ? 35  THR A CA  1 
ATOM   245  C C   . THR A 1 35  ? -6.523  18.959  -6.253  1.00 14.27 ? 35  THR A C   1 
ATOM   246  O O   . THR A 1 35  ? -6.642  19.685  -7.246  1.00 14.58 ? 35  THR A O   1 
ATOM   247  C CB  . THR A 1 35  ? -8.072  17.040  -6.352  1.00 12.82 ? 35  THR A CB  1 
ATOM   248  O OG1 . THR A 1 35  ? -6.917  16.195  -6.329  1.00 14.96 ? 35  THR A OG1 1 
ATOM   249  C CG2 . THR A 1 35  ? -8.449  17.304  -7.812  1.00 12.23 ? 35  THR A CG2 1 
ATOM   250  N N   . PRO A 1 36  ? -5.331  18.735  -5.646  1.00 14.33 ? 36  PRO A N   1 
ATOM   251  C CA  . PRO A 1 36  ? -4.036  19.235  -6.128  1.00 14.36 ? 36  PRO A CA  1 
ATOM   252  C C   . PRO A 1 36  ? -3.433  18.361  -7.212  1.00 14.98 ? 36  PRO A C   1 
ATOM   253  O O   . PRO A 1 36  ? -2.368  18.677  -7.744  1.00 14.05 ? 36  PRO A O   1 
ATOM   254  C CB  . PRO A 1 36  ? -3.166  19.200  -4.873  1.00 14.69 ? 36  PRO A CB  1 
ATOM   255  C CG  . PRO A 1 36  ? -3.703  18.022  -4.134  1.00 15.44 ? 36  PRO A CG  1 
ATOM   256  C CD  . PRO A 1 36  ? -5.199  18.243  -4.257  1.00 14.83 ? 36  PRO A CD  1 
ATOM   257  N N   . LEU A 1 37  ? -4.080  17.225  -7.470  1.00 14.40 ? 37  LEU A N   1 
ATOM   258  C CA  . LEU A 1 37  ? -3.635  16.274  -8.486  1.00 14.47 ? 37  LEU A CA  1 
ATOM   259  C C   . LEU A 1 37  ? -3.742  16.825  -9.914  1.00 15.43 ? 37  LEU A C   1 
ATOM   260  O O   . LEU A 1 37  ? -4.644  17.610  -10.223 1.00 14.57 ? 37  LEU A O   1 
ATOM   261  C CB  . LEU A 1 37  ? -4.479  14.993  -8.400  1.00 14.54 ? 37  LEU A CB  1 
ATOM   262  C CG  . LEU A 1 37  ? -4.095  14.023  -7.277  1.00 15.25 ? 37  LEU A CG  1 
ATOM   263  C CD1 . LEU A 1 37  ? -5.176  12.988  -7.067  1.00 13.16 ? 37  LEU A CD1 1 
ATOM   264  C CD2 . LEU A 1 37  ? -2.770  13.361  -7.627  1.00 15.16 ? 37  LEU A CD2 1 
ATOM   265  N N   . PRO A 1 38  ? -2.832  16.393  -10.807 1.00 15.77 ? 38  PRO A N   1 
ATOM   266  C CA  . PRO A 1 38  ? -2.857  16.852  -12.196 1.00 15.77 ? 38  PRO A CA  1 
ATOM   267  C C   . PRO A 1 38  ? -4.202  16.429  -12.788 1.00 16.19 ? 38  PRO A C   1 
ATOM   268  O O   . PRO A 1 38  ? -4.520  15.245  -12.791 1.00 16.12 ? 38  PRO A O   1 
ATOM   269  C CB  . PRO A 1 38  ? -1.706  16.063  -12.825 1.00 15.51 ? 38  PRO A CB  1 
ATOM   270  C CG  . PRO A 1 38  ? -0.750  15.894  -11.689 1.00 15.48 ? 38  PRO A CG  1 
ATOM   271  C CD  . PRO A 1 38  ? -1.686  15.481  -10.585 1.00 16.01 ? 38  PRO A CD  1 
ATOM   272  N N   . LYS A 1 39  ? -5.001  17.388  -13.256 1.00 15.77 ? 39  LYS A N   1 
ATOM   273  C CA  . LYS A 1 39  ? -6.305  17.061  -13.819 1.00 16.74 ? 39  LYS A CA  1 
ATOM   274  C C   . LYS A 1 39  ? -6.591  17.555  -15.224 1.00 17.06 ? 39  LYS A C   1 
ATOM   275  O O   . LYS A 1 39  ? -6.010  18.547  -15.700 1.00 16.33 ? 39  LYS A O   1 
ATOM   276  C CB  . LYS A 1 39  ? -7.439  17.485  -12.884 1.00 15.90 ? 39  LYS A CB  1 
ATOM   277  C CG  . LYS A 1 39  ? -7.389  18.892  -12.407 1.00 19.38 ? 39  LYS A CG  1 
ATOM   278  C CD  . LYS A 1 39  ? -8.502  19.148  -11.400 1.00 20.77 ? 39  LYS A CD  1 
ATOM   279  C CE  . LYS A 1 39  ? -8.389  20.543  -10.779 1.00 23.97 ? 39  LYS A CE  1 
ATOM   280  N NZ  . LYS A 1 39  ? -9.282  20.747  -9.573  1.00 24.78 ? 39  LYS A NZ  1 
ATOM   281  N N   . LYS A 1 40  ? -7.527  16.858  -15.869 1.00 17.10 ? 40  LYS A N   1 
ATOM   282  C CA  . LYS A 1 40  ? -7.962  17.143  -17.238 1.00 16.85 ? 40  LYS A CA  1 
ATOM   283  C C   . LYS A 1 40  ? -9.497  17.056  -17.202 1.00 17.72 ? 40  LYS A C   1 
ATOM   284  O O   . LYS A 1 40  ? -10.039 16.123  -16.601 1.00 16.57 ? 40  LYS A O   1 
ATOM   285  C CB  . LYS A 1 40  ? -7.430  16.016  -18.124 1.00 17.32 ? 40  LYS A CB  1 
ATOM   286  C CG  . LYS A 1 40  ? -6.934  16.384  -19.487 1.00 18.67 ? 40  LYS A CG  1 
ATOM   287  C CD  . LYS A 1 40  ? -6.701  15.127  -20.339 1.00 20.25 ? 40  LYS A CD  1 
ATOM   288  C CE  . LYS A 1 40  ? -5.368  14.391  -20.050 1.00 22.02 ? 40  LYS A CE  1 
ATOM   289  N NZ  . LYS A 1 40  ? -5.154  13.849  -18.647 1.00 21.26 ? 40  LYS A NZ  1 
ATOM   290  N N   . GLU A 1 41  ? -10.207 18.028  -17.764 1.00 17.52 ? 41  GLU A N   1 
ATOM   291  C CA  . GLU A 1 41  ? -11.667 17.924  -17.790 1.00 19.18 ? 41  GLU A CA  1 
ATOM   292  C C   . GLU A 1 41  ? -12.208 17.401  -19.135 1.00 20.70 ? 41  GLU A C   1 
ATOM   293  O O   . GLU A 1 41  ? -11.828 17.895  -20.207 1.00 19.63 ? 41  GLU A O   1 
ATOM   294  C CB  . GLU A 1 41  ? -12.354 19.249  -17.448 1.00 19.22 ? 41  GLU A CB  1 
ATOM   295  C CG  . GLU A 1 41  ? -13.880 19.086  -17.293 1.00 20.58 ? 41  GLU A CG  1 
ATOM   296  C CD  . GLU A 1 41  ? -14.632 20.390  -16.988 1.00 21.91 ? 41  GLU A CD  1 
ATOM   297  O OE1 . GLU A 1 41  ? -14.032 21.345  -16.453 1.00 24.36 ? 41  GLU A OE1 1 
ATOM   298  O OE2 . GLU A 1 41  ? -15.854 20.449  -17.250 1.00 21.01 ? 41  GLU A OE2 1 
ATOM   299  N N   . LEU A 1 42  ? -13.002 16.331  -19.075 1.00 22.32 ? 42  LEU A N   1 
ATOM   300  C CA  . LEU A 1 42  ? -13.668 15.777  -20.275 1.00 24.35 ? 42  LEU A CA  1 
ATOM   301  C C   . LEU A 1 42  ? -15.099 16.346  -20.328 1.00 25.73 ? 42  LEU A C   1 
ATOM   302  O O   . LEU A 1 42  ? -15.476 17.158  -19.492 1.00 25.87 ? 42  LEU A O   1 
ATOM   303  C CB  . LEU A 1 42  ? -13.750 14.251  -20.217 1.00 23.04 ? 42  LEU A CB  1 
ATOM   304  C CG  . LEU A 1 42  ? -12.495 13.411  -20.427 1.00 22.54 ? 42  LEU A CG  1 
ATOM   305  C CD1 . LEU A 1 42  ? -11.654 13.393  -19.144 1.00 23.45 ? 42  LEU A CD1 1 
ATOM   306  C CD2 . LEU A 1 42  ? -12.950 12.016  -20.769 1.00 24.11 ? 42  LEU A CD2 1 
ATOM   307  N N   . LEU A 1 43  ? -15.939 15.865  -21.236 1.00 28.17 ? 43  LEU A N   1 
ATOM   308  C CA  . LEU A 1 43  ? -17.304 16.407  -21.313 1.00 29.55 ? 43  LEU A CA  1 
ATOM   309  C C   . LEU A 1 43  ? -18.460 15.392  -21.499 1.00 30.77 ? 43  LEU A C   1 
ATOM   310  O O   . LEU A 1 43  ? -18.416 14.547  -22.379 1.00 30.74 ? 43  LEU A O   1 
ATOM   311  C CB  . LEU A 1 43  ? -17.351 17.513  -22.400 1.00 27.84 ? 43  LEU A CB  1 
ATOM   312  C CG  . LEU A 1 43  ? -17.465 19.014  -22.014 1.00 26.65 ? 43  LEU A CG  1 
ATOM   313  C CD1 . LEU A 1 43  ? -16.373 19.497  -21.055 1.00 22.42 ? 43  LEU A CD1 1 
ATOM   314  C CD2 . LEU A 1 43  ? -17.450 19.867  -23.279 1.00 21.33 ? 43  LEU A CD2 1 
ATOM   315  N N   . LEU A 1 44  ? -19.435 15.455  -20.592 1.00 32.96 ? 44  LEU A N   1 
ATOM   316  C CA  . LEU A 1 44  ? -20.668 14.633  -20.566 1.00 35.83 ? 44  LEU A CA  1 
ATOM   317  C C   . LEU A 1 44  ? -21.765 15.706  -20.712 1.00 37.50 ? 44  LEU A C   1 
ATOM   318  O O   . LEU A 1 44  ? -21.627 16.550  -21.582 1.00 38.08 ? 44  LEU A O   1 
ATOM   319  C CB  . LEU A 1 44  ? -20.783 13.899  -19.223 1.00 35.76 ? 44  LEU A CB  1 
ATOM   320  C CG  . LEU A 1 44  ? -20.247 12.488  -18.997 1.00 35.31 ? 44  LEU A CG  1 
ATOM   321  C CD1 . LEU A 1 44  ? -20.640 12.067  -17.589 1.00 35.20 ? 44  LEU A CD1 1 
ATOM   322  C CD2 . LEU A 1 44  ? -20.818 11.524  -20.017 1.00 35.54 ? 44  LEU A CD2 1 
ATOM   323  N N   . PRO A 1 45  ? -22.865 15.701  -19.906 1.00 39.68 ? 45  PRO A N   1 
ATOM   324  C CA  . PRO A 1 45  ? -23.764 16.827  -20.213 1.00 40.80 ? 45  PRO A CA  1 
ATOM   325  C C   . PRO A 1 45  ? -23.139 18.176  -19.835 1.00 41.29 ? 45  PRO A C   1 
ATOM   326  O O   . PRO A 1 45  ? -23.734 19.216  -20.073 1.00 41.73 ? 45  PRO A O   1 
ATOM   327  C CB  . PRO A 1 45  ? -24.990 16.549  -19.346 1.00 39.75 ? 45  PRO A CB  1 
ATOM   328  C CG  . PRO A 1 45  ? -25.005 15.065  -19.260 1.00 40.46 ? 45  PRO A CG  1 
ATOM   329  C CD  . PRO A 1 45  ? -23.553 14.762  -18.999 1.00 40.84 ? 45  PRO A CD  1 
ATOM   330  N N   . GLY A 1 46  ? -21.969 18.148  -19.202 1.00 41.52 ? 46  GLY A N   1 
ATOM   331  C CA  . GLY A 1 46  ? -21.289 19.375  -18.827 1.00 40.77 ? 46  GLY A CA  1 
ATOM   332  C C   . GLY A 1 46  ? -21.872 20.091  -17.632 1.00 40.19 ? 46  GLY A C   1 
ATOM   333  O O   . GLY A 1 46  ? -21.144 20.500  -16.728 1.00 40.99 ? 46  GLY A O   1 
ATOM   334  N N   . ASN A 1 47  ? -23.188 20.263  -17.647 1.00 39.15 ? 47  ASN A N   1 
ATOM   335  C CA  . ASN A 1 47  ? -23.900 20.956  -16.589 1.00 36.67 ? 47  ASN A CA  1 
ATOM   336  C C   . ASN A 1 47  ? -24.080 20.156  -15.303 1.00 34.55 ? 47  ASN A C   1 
ATOM   337  O O   . ASN A 1 47  ? -23.441 20.480  -14.310 1.00 34.37 ? 47  ASN A O   1 
ATOM   338  C CB  . ASN A 1 47  ? -25.246 21.465  -17.111 1.00 38.00 ? 47  ASN A CB  1 
ATOM   339  C CG  . ASN A 1 47  ? -25.093 22.443  -18.272 1.00 38.89 ? 47  ASN A CG  1 
ATOM   340  O OD1 . ASN A 1 47  ? -24.084 22.430  -18.983 1.00 39.33 ? 47  ASN A OD1 1 
ATOM   341  N ND2 . ASN A 1 47  ? -26.095 23.297  -18.463 1.00 40.32 ? 47  ASN A ND2 1 
ATOM   342  N N   . ASN A 1 48  ? -24.916 19.108  -15.309 1.00 31.74 ? 48  ASN A N   1 
ATOM   343  C CA  . ASN A 1 48  ? -25.142 18.326  -14.080 1.00 28.83 ? 48  ASN A CA  1 
ATOM   344  C C   . ASN A 1 48  ? -24.090 17.263  -13.785 1.00 26.78 ? 48  ASN A C   1 
ATOM   345  O O   . ASN A 1 48  ? -24.082 16.680  -12.694 1.00 26.02 ? 48  ASN A O   1 
ATOM   346  C CB  . ASN A 1 48  ? -26.546 17.709  -14.040 1.00 30.42 ? 48  ASN A CB  1 
ATOM   347  C CG  . ASN A 1 48  ? -27.632 18.726  -13.714 1.00 31.58 ? 48  ASN A CG  1 
ATOM   348  O OD1 . ASN A 1 48  ? -27.853 19.692  -14.456 1.00 30.42 ? 48  ASN A OD1 1 
ATOM   349  N ND2 . ASN A 1 48  ? -28.318 18.510  -12.599 1.00 32.46 ? 48  ASN A ND2 1 
ATOM   350  N N   . ARG A 1 49  ? -23.226 16.986  -14.765 1.00 24.18 ? 49  ARG A N   1 
ATOM   351  C CA  . ARG A 1 49  ? -22.147 16.008  -14.597 1.00 22.97 ? 49  ARG A CA  1 
ATOM   352  C C   . ARG A 1 49  ? -20.846 16.468  -15.260 1.00 20.89 ? 49  ARG A C   1 
ATOM   353  O O   . ARG A 1 49  ? -20.866 17.067  -16.344 1.00 20.35 ? 49  ARG A O   1 
ATOM   354  C CB  . ARG A 1 49  ? -22.523 14.623  -15.158 1.00 23.51 ? 49  ARG A CB  1 
ATOM   355  C CG  . ARG A 1 49  ? -23.611 13.878  -14.375 1.00 24.80 ? 49  ARG A CG  1 
ATOM   356  C CD  . ARG A 1 49  ? -23.522 12.355  -14.524 1.00 24.10 ? 49  ARG A CD  1 
ATOM   357  N NE  . ARG A 1 49  ? -23.934 11.861  -15.834 1.00 24.10 ? 49  ARG A NE  1 
ATOM   358  C CZ  . ARG A 1 49  ? -23.560 10.685  -16.343 1.00 24.79 ? 49  ARG A CZ  1 
ATOM   359  N NH1 . ARG A 1 49  ? -22.760 9.882   -15.650 1.00 23.85 ? 49  ARG A NH1 1 
ATOM   360  N NH2 . ARG A 1 49  ? -23.982 10.310  -17.546 1.00 23.41 ? 49  ARG A NH2 1 
ATOM   361  N N   . LYS A 1 50  ? -19.722 16.209  -14.592 1.00 17.69 ? 50  LYS A N   1 
ATOM   362  C CA  . LYS A 1 50  ? -18.407 16.545  -15.125 1.00 15.35 ? 50  LYS A CA  1 
ATOM   363  C C   . LYS A 1 50  ? -17.449 15.368  -14.878 1.00 14.00 ? 50  LYS A C   1 
ATOM   364  O O   . LYS A 1 50  ? -17.542 14.684  -13.853 1.00 11.33 ? 50  LYS A O   1 
ATOM   365  C CB  . LYS A 1 50  ? -17.864 17.823  -14.483 1.00 16.03 ? 50  LYS A CB  1 
ATOM   366  C CG  . LYS A 1 50  ? -18.719 19.051  -14.731 1.00 15.40 ? 50  LYS A CG  1 
ATOM   367  C CD  . LYS A 1 50  ? -17.966 20.316  -14.395 1.00 14.42 ? 50  LYS A CD  1 
ATOM   368  C CE  . LYS A 1 50  ? -18.783 21.554  -14.708 1.00 13.40 ? 50  LYS A CE  1 
ATOM   369  N NZ  . LYS A 1 50  ? -17.952 22.749  -14.413 1.00 14.47 ? 50  LYS A NZ  1 
ATOM   370  N N   . VAL A 1 51  ? -16.571 15.097  -15.840 1.00 11.40 ? 51  VAL A N   1 
ATOM   371  C CA  . VAL A 1 51  ? -15.623 14.003  -15.708 1.00 10.70 ? 51  VAL A CA  1 
ATOM   372  C C   . VAL A 1 51  ? -14.202 14.536  -15.778 1.00 11.19 ? 51  VAL A C   1 
ATOM   373  O O   . VAL A 1 51  ? -13.872 15.367  -16.641 1.00 10.71 ? 51  VAL A O   1 
ATOM   374  C CB  . VAL A 1 51  ? -15.831 12.933  -16.791 1.00 11.60 ? 51  VAL A CB  1 
ATOM   375  C CG1 . VAL A 1 51  ? -14.841 11.776  -16.603 1.00 10.76 ? 51  VAL A CG1 1 
ATOM   376  C CG2 . VAL A 1 51  ? -17.245 12.406  -16.737 1.00 9.68  ? 51  VAL A CG2 1 
ATOM   377  N N   . TYR A 1 52  ? -13.364 14.049  -14.868 1.00 9.62  ? 52  TYR A N   1 
ATOM   378  C CA  . TYR A 1 52  ? -11.970 14.457  -14.783 1.00 10.73 ? 52  TYR A CA  1 
ATOM   379  C C   . TYR A 1 52  ? -11.035 13.268  -14.730 1.00 11.83 ? 52  TYR A C   1 
ATOM   380  O O   . TYR A 1 52  ? -11.320 12.277  -14.063 1.00 14.55 ? 52  TYR A O   1 
ATOM   381  C CB  . TYR A 1 52  ? -11.742 15.224  -13.488 1.00 8.55  ? 52  TYR A CB  1 
ATOM   382  C CG  . TYR A 1 52  ? -12.672 16.373  -13.286 1.00 8.02  ? 52  TYR A CG  1 
ATOM   383  C CD1 . TYR A 1 52  ? -13.881 16.185  -12.628 1.00 7.65  ? 52  TYR A CD1 1 
ATOM   384  C CD2 . TYR A 1 52  ? -12.339 17.662  -13.741 1.00 8.99  ? 52  TYR A CD2 1 
ATOM   385  C CE1 . TYR A 1 52  ? -14.738 17.232  -12.408 1.00 8.89  ? 52  TYR A CE1 1 
ATOM   386  C CE2 . TYR A 1 52  ? -13.202 18.732  -13.531 1.00 8.17  ? 52  TYR A CE2 1 
ATOM   387  C CZ  . TYR A 1 52  ? -14.395 18.505  -12.854 1.00 8.11  ? 52  TYR A CZ  1 
ATOM   388  O OH  . TYR A 1 52  ? -15.222 19.545  -12.556 1.00 9.85  ? 52  TYR A OH  1 
ATOM   389  N N   . GLU A 1 53  ? -9.905  13.369  -15.401 1.00 11.69 ? 53  GLU A N   1 
ATOM   390  C CA  . GLU A 1 53  ? -8.924  12.301  -15.324 1.00 13.02 ? 53  GLU A CA  1 
ATOM   391  C C   . GLU A 1 53  ? -7.831  12.851  -14.410 1.00 13.00 ? 53  GLU A C   1 
ATOM   392  O O   . GLU A 1 53  ? -7.315  13.937  -14.645 1.00 14.19 ? 53  GLU A O   1 
ATOM   393  C CB  . GLU A 1 53  ? -8.349  11.949  -16.698 1.00 14.57 ? 53  GLU A CB  1 
ATOM   394  C CG  . GLU A 1 53  ? -7.260  10.882  -16.660 1.00 18.07 ? 53  GLU A CG  1 
ATOM   395  C CD  . GLU A 1 53  ? -6.664  10.585  -18.032 1.00 20.85 ? 53  GLU A CD  1 
ATOM   396  O OE1 . GLU A 1 53  ? -6.327  11.533  -18.781 1.00 18.28 ? 53  GLU A OE1 1 
ATOM   397  O OE2 . GLU A 1 53  ? -6.527  9.393   -18.370 1.00 23.52 ? 53  GLU A OE2 1 
ATOM   398  N N   . LEU A 1 54  ? -7.615  12.179  -13.288 1.00 13.17 ? 54  LEU A N   1 
ATOM   399  C CA  . LEU A 1 54  ? -6.598  12.555  -12.322 1.00 13.00 ? 54  LEU A CA  1 
ATOM   400  C C   . LEU A 1 54  ? -5.410  11.695  -12.701 1.00 11.78 ? 54  LEU A C   1 
ATOM   401  O O   . LEU A 1 54  ? -5.564  10.508  -12.910 1.00 13.16 ? 54  LEU A O   1 
ATOM   402  C CB  . LEU A 1 54  ? -7.098  12.248  -10.905 1.00 13.89 ? 54  LEU A CB  1 
ATOM   403  C CG  . LEU A 1 54  ? -7.796  13.400  -10.169 1.00 15.32 ? 54  LEU A CG  1 
ATOM   404  C CD1 . LEU A 1 54  ? -8.567  14.296  -11.119 1.00 12.40 ? 54  LEU A CD1 1 
ATOM   405  C CD2 . LEU A 1 54  ? -8.694  12.855  -9.040  1.00 12.46 ? 54  LEU A CD2 1 
ATOM   406  N N   . SER A 1 55  ? -4.232  12.287  -12.839 1.00 11.67 ? 55  SER A N   1 
ATOM   407  C CA  . SER A 1 55  ? -3.099  11.504  -13.278 1.00 13.25 ? 55  SER A CA  1 
ATOM   408  C C   . SER A 1 55  ? -1.882  11.594  -12.396 1.00 12.57 ? 55  SER A C   1 
ATOM   409  O O   . SER A 1 55  ? -1.720  12.562  -11.660 1.00 13.43 ? 55  SER A O   1 
ATOM   410  C CB  . SER A 1 55  ? -2.751  11.868  -14.726 1.00 16.46 ? 55  SER A CB  1 
ATOM   411  O OG  . SER A 1 55  ? -2.599  13.268  -14.853 1.00 19.10 ? 55  SER A OG  1 
ATOM   412  N N   . ASN A 1 56  ? -1.079  10.530  -12.441 1.00 12.63 ? 56  ASN A N   1 
ATOM   413  C CA  . ASN A 1 56  ? 0.155   10.380  -11.663 1.00 12.40 ? 56  ASN A CA  1 
ATOM   414  C C   . ASN A 1 56  ? -0.094  10.530  -10.168 1.00 11.35 ? 56  ASN A C   1 
ATOM   415  O O   . ASN A 1 56  ? 0.567   11.305  -9.486  1.00 12.94 ? 56  ASN A O   1 
ATOM   416  C CB  . ASN A 1 56  ? 1.240   11.350  -12.152 1.00 12.82 ? 56  ASN A CB  1 
ATOM   417  C CG  . ASN A 1 56  ? 2.602   11.071  -11.530 1.00 13.94 ? 56  ASN A CG  1 
ATOM   418  O OD1 . ASN A 1 56  ? 3.216   10.016  -11.760 1.00 15.04 ? 56  ASN A OD1 1 
ATOM   419  N ND2 . ASN A 1 56  ? 3.093   12.017  -10.762 1.00 12.57 ? 56  ASN A ND2 1 
ATOM   420  N N   . VAL A 1 57  ? -1.082  9.801   -9.664  1.00 12.18 ? 57  VAL A N   1 
ATOM   421  C CA  . VAL A 1 57  ? -1.424  9.839   -8.237  1.00 12.15 ? 57  VAL A CA  1 
ATOM   422  C C   . VAL A 1 57  ? -0.327  9.056   -7.508  1.00 13.65 ? 57  VAL A C   1 
ATOM   423  O O   . VAL A 1 57  ? -0.226  7.857   -7.682  1.00 15.41 ? 57  VAL A O   1 
ATOM   424  C CB  . VAL A 1 57  ? -2.806  9.171   -7.990  1.00 10.49 ? 57  VAL A CB  1 
ATOM   425  C CG1 . VAL A 1 57  ? -3.264  9.398   -6.558  1.00 6.56  ? 57  VAL A CG1 1 
ATOM   426  C CG2 . VAL A 1 57  ? -3.857  9.742   -8.973  1.00 9.41  ? 57  VAL A CG2 1 
ATOM   427  N N   . GLN A 1 58  ? 0.534   9.740   -6.762  1.00 15.85 ? 58  GLN A N   1 
ATOM   428  C CA  . GLN A 1 58  ? 1.633   9.077   -6.045  1.00 18.81 ? 58  GLN A CA  1 
ATOM   429  C C   . GLN A 1 58  ? 1.335   8.607   -4.620  1.00 19.47 ? 58  GLN A C   1 
ATOM   430  O O   . GLN A 1 58  ? 1.965   7.672   -4.133  1.00 20.44 ? 58  GLN A O   1 
ATOM   431  C CB  . GLN A 1 58  ? 2.878   9.973   -6.044  1.00 20.54 ? 58  GLN A CB  1 
ATOM   432  C CG  . GLN A 1 58  ? 3.555   10.087  -7.406  1.00 22.15 ? 58  GLN A CG  1 
ATOM   433  C CD  . GLN A 1 58  ? 4.284   8.818   -7.822  1.00 24.50 ? 58  GLN A CD  1 
ATOM   434  O OE1 . GLN A 1 58  ? 5.036   8.233   -7.041  1.00 26.74 ? 58  GLN A OE1 1 
ATOM   435  N NE2 . GLN A 1 58  ? 4.121   8.427   -9.078  1.00 25.02 ? 58  GLN A NE2 1 
ATOM   436  N N   . GLU A 1 59  ? 0.372   9.238   -3.961  1.00 20.71 ? 59  GLU A N   1 
ATOM   437  C CA  . GLU A 1 59  ? 0.006   8.879   -2.600  1.00 22.56 ? 59  GLU A CA  1 
ATOM   438  C C   . GLU A 1 59  ? -1.483  9.062   -2.376  1.00 22.60 ? 59  GLU A C   1 
ATOM   439  O O   . GLU A 1 59  ? -2.152  9.748   -3.147  1.00 22.74 ? 59  GLU A O   1 
ATOM   440  C CB  . GLU A 1 59  ? 0.784   9.727   -1.595  1.00 25.50 ? 59  GLU A CB  1 
ATOM   441  C CG  . GLU A 1 59  ? 0.646   11.219  -1.786  1.00 29.55 ? 59  GLU A CG  1 
ATOM   442  C CD  . GLU A 1 59  ? 1.695   12.008  -1.013  1.00 32.62 ? 59  GLU A CD  1 
ATOM   443  O OE1 . GLU A 1 59  ? 2.896   11.667  -1.111  1.00 34.05 ? 59  GLU A OE1 1 
ATOM   444  O OE2 . GLU A 1 59  ? 1.319   12.979  -0.323  1.00 34.26 ? 59  GLU A OE2 1 
ATOM   445  N N   . ASP A 1 60  ? -1.997  8.437   -1.320  1.00 21.34 ? 60  ASP A N   1 
ATOM   446  C CA  . ASP A 1 60  ? -3.419  8.514   -0.989  1.00 21.07 ? 60  ASP A CA  1 
ATOM   447  C C   . ASP A 1 60  ? -3.952  9.928   -1.036  1.00 19.71 ? 60  ASP A C   1 
ATOM   448  O O   . ASP A 1 60  ? -3.322  10.865  -0.538  1.00 19.13 ? 60  ASP A O   1 
ATOM   449  C CB  . ASP A 1 60  ? -3.674  7.882   0.378   1.00 20.47 ? 60  ASP A CB  1 
ATOM   450  C CG  . ASP A 1 60  ? -3.520  6.395   0.358   1.00 21.15 ? 60  ASP A CG  1 
ATOM   451  O OD1 . ASP A 1 60  ? -3.070  5.843   -0.673  1.00 21.09 ? 60  ASP A OD1 1 
ATOM   452  O OD2 . ASP A 1 60  ? -3.876  5.760   1.358   1.00 23.74 ? 60  ASP A OD2 1 
ATOM   453  N N   . SER A 1 61  ? -5.161  10.065  -1.556  1.00 20.56 ? 61  SER A N   1 
ATOM   454  C CA  . SER A 1 61  ? -5.759  11.387  -1.713  1.00 20.97 ? 61  SER A CA  1 
ATOM   455  C C   . SER A 1 61  ? -7.264  11.312  -1.625  1.00 20.10 ? 61  SER A C   1 
ATOM   456  O O   . SER A 1 61  ? -7.847  10.290  -1.950  1.00 19.75 ? 61  SER A O   1 
ATOM   457  C CB  . SER A 1 61  ? -5.374  11.955  -3.084  1.00 20.56 ? 61  SER A CB  1 
ATOM   458  O OG  . SER A 1 61  ? -4.574  13.112  -2.952  1.00 24.49 ? 61  SER A OG  1 
ATOM   459  N N   . GLN A 1 62  ? -7.897  12.398  -1.210  1.00 20.37 ? 62  GLN A N   1 
ATOM   460  C CA  . GLN A 1 62  ? -9.349  12.406  -1.125  1.00 21.98 ? 62  GLN A CA  1 
ATOM   461  C C   . GLN A 1 62  ? -9.958  13.582  -1.885  1.00 21.86 ? 62  GLN A C   1 
ATOM   462  O O   . GLN A 1 62  ? -10.439 14.540  -1.279  1.00 23.46 ? 62  GLN A O   1 
ATOM   463  C CB  . GLN A 1 62  ? -9.822  12.438  0.327   1.00 22.30 ? 62  GLN A CB  1 
ATOM   464  C CG  . GLN A 1 62  ? -9.283  11.326  1.204   1.00 23.09 ? 62  GLN A CG  1 
ATOM   465  C CD  . GLN A 1 62  ? -8.001  11.717  1.877   1.00 22.26 ? 62  GLN A CD  1 
ATOM   466  O OE1 . GLN A 1 62  ? -7.944  12.729  2.559   1.00 23.99 ? 62  GLN A OE1 1 
ATOM   467  N NE2 . GLN A 1 62  ? -6.962  10.923  1.695   1.00 24.77 ? 62  GLN A NE2 1 
ATOM   468  N N   . PRO A 1 63  ? -9.872  13.562  -3.219  1.00 21.91 ? 63  PRO A N   1 
ATOM   469  C CA  . PRO A 1 63  ? -10.435 14.640  -4.039  1.00 22.16 ? 63  PRO A CA  1 
ATOM   470  C C   . PRO A 1 63  ? -11.915 14.808  -3.723  1.00 21.69 ? 63  PRO A C   1 
ATOM   471  O O   . PRO A 1 63  ? -12.616 13.820  -3.524  1.00 21.42 ? 63  PRO A O   1 
ATOM   472  C CB  . PRO A 1 63  ? -10.266 14.098  -5.460  1.00 21.90 ? 63  PRO A CB  1 
ATOM   473  C CG  . PRO A 1 63  ? -9.009  13.301  -5.360  1.00 22.38 ? 63  PRO A CG  1 
ATOM   474  C CD  . PRO A 1 63  ? -9.196  12.561  -4.060  1.00 21.44 ? 63  PRO A CD  1 
ATOM   475  N N   . MET A 1 64  ? -12.397 16.047  -3.669  1.00 22.73 ? 64  MET A N   1 
ATOM   476  C CA  . MET A 1 64  ? -13.827 16.238  -3.410  1.00 22.81 ? 64  MET A CA  1 
ATOM   477  C C   . MET A 1 64  ? -14.581 17.034  -4.467  1.00 21.86 ? 64  MET A C   1 
ATOM   478  O O   . MET A 1 64  ? -14.095 18.049  -4.974  1.00 22.41 ? 64  MET A O   1 
ATOM   479  C CB  . MET A 1 64  ? -14.081 16.859  -2.031  1.00 24.22 ? 64  MET A CB  1 
ATOM   480  C CG  . MET A 1 64  ? -13.628 18.279  -1.863  1.00 25.80 ? 64  MET A CG  1 
ATOM   481  S SD  . MET A 1 64  ? -14.232 18.927  -0.299  1.00 31.03 ? 64  MET A SD  1 
ATOM   482  C CE  . MET A 1 64  ? -14.012 20.690  -0.600  1.00 27.37 ? 64  MET A CE  1 
ATOM   483  N N   . CYS A 1 65  ? -15.752 16.541  -4.829  1.00 20.45 ? 65  CYS A N   1 
ATOM   484  C CA  . CYS A 1 65  ? -16.592 17.254  -5.781  1.00 19.31 ? 65  CYS A CA  1 
ATOM   485  C C   . CYS A 1 65  ? -17.384 18.257  -4.955  1.00 19.16 ? 65  CYS A C   1 
ATOM   486  O O   . CYS A 1 65  ? -17.536 18.091  -3.730  1.00 16.97 ? 65  CYS A O   1 
ATOM   487  C CB  . CYS A 1 65  ? -17.586 16.321  -6.467  1.00 17.86 ? 65  CYS A CB  1 
ATOM   488  S SG  . CYS A 1 65  ? -16.847 14.969  -7.409  1.00 17.76 ? 65  CYS A SG  1 
ATOM   489  N N   . TYR A 1 66  ? -17.921 19.258  -5.647  1.00 19.37 ? 66  TYR A N   1 
ATOM   490  C CA  . TYR A 1 66  ? -18.723 20.303  -5.034  1.00 18.95 ? 66  TYR A CA  1 
ATOM   491  C C   . TYR A 1 66  ? -19.677 20.924  -6.035  1.00 20.98 ? 66  TYR A C   1 
ATOM   492  O O   . TYR A 1 66  ? -19.384 20.996  -7.231  1.00 22.08 ? 66  TYR A O   1 
ATOM   493  C CB  . TYR A 1 66  ? -17.825 21.399  -4.476  1.00 20.10 ? 66  TYR A CB  1 
ATOM   494  C CG  . TYR A 1 66  ? -16.979 22.139  -5.495  1.00 19.29 ? 66  TYR A CG  1 
ATOM   495  C CD1 . TYR A 1 66  ? -17.519 23.166  -6.285  1.00 20.42 ? 66  TYR A CD1 1 
ATOM   496  C CD2 . TYR A 1 66  ? -15.626 21.881  -5.606  1.00 20.04 ? 66  TYR A CD2 1 
ATOM   497  C CE1 . TYR A 1 66  ? -16.717 23.916  -7.149  1.00 19.58 ? 66  TYR A CE1 1 
ATOM   498  C CE2 . TYR A 1 66  ? -14.811 22.622  -6.468  1.00 20.32 ? 66  TYR A CE2 1 
ATOM   499  C CZ  . TYR A 1 66  ? -15.363 23.635  -7.228  1.00 20.74 ? 66  TYR A CZ  1 
ATOM   500  O OH  . TYR A 1 66  ? -14.540 24.368  -8.050  1.00 25.01 ? 66  TYR A OH  1 
ATOM   501  N N   . SER A 1 67  ? -20.820 21.377  -5.545  1.00 22.44 ? 67  SER A N   1 
ATOM   502  C CA  . SER A 1 67  ? -21.789 22.044  -6.385  1.00 23.64 ? 67  SER A CA  1 
ATOM   503  C C   . SER A 1 67  ? -22.575 23.045  -5.542  1.00 25.96 ? 67  SER A C   1 
ATOM   504  O O   . SER A 1 67  ? -22.884 22.797  -4.373  1.00 26.50 ? 67  SER A O   1 
ATOM   505  C CB  . SER A 1 67  ? -22.704 21.043  -7.090  1.00 22.89 ? 67  SER A CB  1 
ATOM   506  O OG  . SER A 1 67  ? -23.651 20.440  -6.228  1.00 24.15 ? 67  SER A OG  1 
ATOM   507  N N   . ASN A 1 68  ? -22.769 24.236  -6.096  1.00 27.48 ? 68  ASN A N   1 
ATOM   508  C CA  . ASN A 1 68  ? -23.523 25.271  -5.421  1.00 29.58 ? 68  ASN A CA  1 
ATOM   509  C C   . ASN A 1 68  ? -24.912 25.283  -6.031  1.00 30.42 ? 68  ASN A C   1 
ATOM   510  O O   . ASN A 1 68  ? -25.088 25.771  -7.137  1.00 31.76 ? 68  ASN A O   1 
ATOM   511  C CB  . ASN A 1 68  ? -22.873 26.638  -5.640  1.00 31.05 ? 68  ASN A CB  1 
ATOM   512  C CG  . ASN A 1 68  ? -21.708 26.893  -4.710  1.00 32.91 ? 68  ASN A CG  1 
ATOM   513  O OD1 . ASN A 1 68  ? -21.845 26.816  -3.486  1.00 33.98 ? 68  ASN A OD1 1 
ATOM   514  N ND2 . ASN A 1 68  ? -20.559 27.241  -5.283  1.00 33.26 ? 68  ASN A ND2 1 
ATOM   515  N N   . CYS A 1 69  ? -25.880 24.677  -5.365  1.00 31.75 ? 69  CYS A N   1 
ATOM   516  C CA  . CYS A 1 69  ? -27.245 24.678  -5.879  1.00 32.79 ? 69  CYS A CA  1 
ATOM   517  C C   . CYS A 1 69  ? -27.981 25.820  -5.180  1.00 33.19 ? 69  CYS A C   1 
ATOM   518  O O   . CYS A 1 69  ? -27.480 26.378  -4.195  1.00 32.50 ? 69  CYS A O   1 
ATOM   519  C CB  . CYS A 1 69  ? -27.941 23.340  -5.599  1.00 33.70 ? 69  CYS A CB  1 
ATOM   520  S SG  . CYS A 1 69  ? -27.295 21.912  -6.529  1.00 36.10 ? 69  CYS A SG  1 
ATOM   521  N N   . PRO A 1 70  ? -29.131 26.254  -5.732  1.00 33.62 ? 70  PRO A N   1 
ATOM   522  C CA  . PRO A 1 70  ? -29.873 27.343  -5.094  1.00 33.58 ? 70  PRO A CA  1 
ATOM   523  C C   . PRO A 1 70  ? -30.326 26.929  -3.694  1.00 33.83 ? 70  PRO A C   1 
ATOM   524  O O   . PRO A 1 70  ? -30.361 27.743  -2.771  1.00 34.15 ? 70  PRO A O   1 
ATOM   525  C CB  . PRO A 1 70  ? -31.049 27.554  -6.047  1.00 33.37 ? 70  PRO A CB  1 
ATOM   526  C CG  . PRO A 1 70  ? -31.209 26.230  -6.717  1.00 33.80 ? 70  PRO A CG  1 
ATOM   527  C CD  . PRO A 1 70  ? -29.787 25.846  -6.982  1.00 33.37 ? 70  PRO A CD  1 
ATOM   528  N N   . ASP A 1 71  ? -30.600 25.636  -3.547  1.00 33.20 ? 71  ASP A N   1 
ATOM   529  C CA  . ASP A 1 71  ? -31.042 25.046  -2.295  1.00 32.98 ? 71  ASP A CA  1 
ATOM   530  C C   . ASP A 1 71  ? -29.941 25.013  -1.217  1.00 31.15 ? 71  ASP A C   1 
ATOM   531  O O   . ASP A 1 71  ? -30.222 25.093  -0.020  1.00 30.83 ? 71  ASP A O   1 
ATOM   532  C CB  . ASP A 1 71  ? -31.530 23.622  -2.566  1.00 35.95 ? 71  ASP A CB  1 
ATOM   533  C CG  . ASP A 1 71  ? -32.341 23.521  -3.845  1.00 39.39 ? 71  ASP A CG  1 
ATOM   534  O OD1 . ASP A 1 71  ? -33.564 23.804  -3.792  1.00 41.62 ? 71  ASP A OD1 1 
ATOM   535  O OD2 . ASP A 1 71  ? -31.756 23.172  -4.903  1.00 39.96 ? 71  ASP A OD2 1 
ATOM   536  N N   . GLY A 1 72  ? -28.694 24.841  -1.643  1.00 29.18 ? 72  GLY A N   1 
ATOM   537  C CA  . GLY A 1 72  ? -27.595 24.785  -0.704  1.00 25.74 ? 72  GLY A CA  1 
ATOM   538  C C   . GLY A 1 72  ? -26.310 24.271  -1.318  1.00 24.89 ? 72  GLY A C   1 
ATOM   539  O O   . GLY A 1 72  ? -26.306 23.690  -2.405  1.00 24.36 ? 72  GLY A O   1 
ATOM   540  N N   . GLN A 1 73  ? -25.216 24.468  -0.594  1.00 22.85 ? 73  GLN A N   1 
ATOM   541  C CA  . GLN A 1 73  ? -23.893 24.058  -1.041  1.00 22.65 ? 73  GLN A CA  1 
ATOM   542  C C   . GLN A 1 73  ? -23.475 22.725  -0.396  1.00 22.00 ? 73  GLN A C   1 
ATOM   543  O O   . GLN A 1 73  ? -23.486 22.592  0.834   1.00 22.11 ? 73  GLN A O   1 
ATOM   544  C CB  . GLN A 1 73  ? -22.890 25.165  -0.687  1.00 22.34 ? 73  GLN A CB  1 
ATOM   545  C CG  . GLN A 1 73  ? -21.466 24.928  -1.124  1.00 25.23 ? 73  GLN A CG  1 
ATOM   546  C CD  . GLN A 1 73  ? -20.503 25.943  -0.528  1.00 26.28 ? 73  GLN A CD  1 
ATOM   547  O OE1 . GLN A 1 73  ? -19.703 25.617  0.346   1.00 27.85 ? 73  GLN A OE1 1 
ATOM   548  N NE2 . GLN A 1 73  ? -20.601 27.187  -0.970  1.00 28.51 ? 73  GLN A NE2 1 
ATOM   549  N N   . SER A 1 74  ? -23.098 21.751  -1.212  1.00 19.67 ? 74  SER A N   1 
ATOM   550  C CA  . SER A 1 74  ? -22.679 20.473  -0.684  1.00 18.52 ? 74  SER A CA  1 
ATOM   551  C C   . SER A 1 74  ? -21.393 19.936  -1.312  1.00 19.82 ? 74  SER A C   1 
ATOM   552  O O   . SER A 1 74  ? -20.855 20.505  -2.280  1.00 19.80 ? 74  SER A O   1 
ATOM   553  C CB  . SER A 1 74  ? -23.821 19.453  -0.764  1.00 17.07 ? 74  SER A CB  1 
ATOM   554  O OG  . SER A 1 74  ? -24.138 19.093  -2.092  1.00 15.79 ? 74  SER A OG  1 
ATOM   555  N N   . THR A 1 75  ? -20.890 18.848  -0.733  1.00 18.79 ? 75  THR A N   1 
ATOM   556  C CA  . THR A 1 75  ? -19.650 18.221  -1.172  1.00 18.56 ? 75  THR A CA  1 
ATOM   557  C C   . THR A 1 75  ? -19.789 16.684  -1.122  1.00 17.76 ? 75  THR A C   1 
ATOM   558  O O   . THR A 1 75  ? -20.728 16.148  -0.505  1.00 15.38 ? 75  THR A O   1 
ATOM   559  C CB  . THR A 1 75  ? -18.479 18.671  -0.244  1.00 18.28 ? 75  THR A CB  1 
ATOM   560  O OG1 . THR A 1 75  ? -18.263 20.084  -0.366  1.00 20.71 ? 75  THR A OG1 1 
ATOM   561  C CG2 . THR A 1 75  ? -17.222 17.990  -0.605  1.00 21.51 ? 75  THR A CG2 1 
ATOM   562  N N   . ALA A 1 76  ? -18.863 15.997  -1.788  1.00 16.76 ? 76  ALA A N   1 
ATOM   563  C CA  . ALA A 1 76  ? -18.793 14.535  -1.824  1.00 15.68 ? 76  ALA A CA  1 
ATOM   564  C C   . ALA A 1 76  ? -17.331 14.175  -2.045  1.00 16.43 ? 76  ALA A C   1 
ATOM   565  O O   . ALA A 1 76  ? -16.704 14.624  -2.995  1.00 16.93 ? 76  ALA A O   1 
ATOM   566  C CB  . ALA A 1 76  ? -19.654 13.979  -2.918  1.00 13.43 ? 76  ALA A CB  1 
ATOM   567  N N   . LYS A 1 77  ? -16.801 13.305  -1.208  1.00 18.15 ? 77  LYS A N   1 
ATOM   568  C CA  . LYS A 1 77  ? -15.403 12.953  -1.303  1.00 18.40 ? 77  LYS A CA  1 
ATOM   569  C C   . LYS A 1 77  ? -15.140 11.544  -1.846  1.00 17.18 ? 77  LYS A C   1 
ATOM   570  O O   . LYS A 1 77  ? -15.927 10.632  -1.630  1.00 14.53 ? 77  LYS A O   1 
ATOM   571  C CB  . LYS A 1 77  ? -14.793 13.126  0.092   1.00 22.37 ? 77  LYS A CB  1 
ATOM   572  C CG  . LYS A 1 77  ? -13.272 13.113  0.158   1.00 25.39 ? 77  LYS A CG  1 
ATOM   573  C CD  . LYS A 1 77  ? -12.800 13.021  1.607   1.00 27.44 ? 77  LYS A CD  1 
ATOM   574  C CE  . LYS A 1 77  ? -13.099 14.270  2.406   1.00 30.00 ? 77  LYS A CE  1 
ATOM   575  N NZ  . LYS A 1 77  ? -12.216 15.420  2.060   1.00 32.46 ? 77  LYS A NZ  1 
ATOM   576  N N   . THR A 1 78  ? -14.067 11.396  -2.618  1.00 16.34 ? 78  THR A N   1 
ATOM   577  C CA  . THR A 1 78  ? -13.690 10.084  -3.129  1.00 16.05 ? 78  THR A CA  1 
ATOM   578  C C   . THR A 1 78  ? -12.330 9.767   -2.508  1.00 16.28 ? 78  THR A C   1 
ATOM   579  O O   . THR A 1 78  ? -11.434 10.627  -2.458  1.00 16.02 ? 78  THR A O   1 
ATOM   580  C CB  . THR A 1 78  ? -13.576 10.021  -4.673  1.00 15.92 ? 78  THR A CB  1 
ATOM   581  O OG1 . THR A 1 78  ? -13.280 8.674   -5.079  1.00 14.36 ? 78  THR A OG1 1 
ATOM   582  C CG2 . THR A 1 78  ? -12.463 10.923  -5.182  1.00 16.31 ? 78  THR A CG2 1 
ATOM   583  N N   . PHE A 1 79  ? -12.187 8.546   -2.005  1.00 14.46 ? 79  PHE A N   1 
ATOM   584  C CA  . PHE A 1 79  ? -10.936 8.152   -1.403  1.00 12.81 ? 79  PHE A CA  1 
ATOM   585  C C   . PHE A 1 79  ? -10.123 7.320   -2.360  1.00 12.53 ? 79  PHE A C   1 
ATOM   586  O O   . PHE A 1 79  ? -10.566 6.259   -2.783  1.00 11.25 ? 79  PHE A O   1 
ATOM   587  C CB  . PHE A 1 79  ? -11.188 7.385   -0.108  1.00 14.14 ? 79  PHE A CB  1 
ATOM   588  C CG  . PHE A 1 79  ? -11.665 8.246   1.027   1.00 13.73 ? 79  PHE A CG  1 
ATOM   589  C CD1 . PHE A 1 79  ? -12.935 8.819   1.002   1.00 14.68 ? 79  PHE A CD1 1 
ATOM   590  C CD2 . PHE A 1 79  ? -10.836 8.498   2.112   1.00 14.76 ? 79  PHE A CD2 1 
ATOM   591  C CE1 . PHE A 1 79  ? -13.374 9.649   2.047   1.00 14.98 ? 79  PHE A CE1 1 
ATOM   592  C CE2 . PHE A 1 79  ? -11.257 9.322   3.165   1.00 16.38 ? 79  PHE A CE2 1 
ATOM   593  C CZ  . PHE A 1 79  ? -12.533 9.902   3.131   1.00 14.61 ? 79  PHE A CZ  1 
ATOM   594  N N   . LEU A 1 80  ? -8.938  7.824   -2.704  1.00 12.98 ? 80  LEU A N   1 
ATOM   595  C CA  . LEU A 1 80  ? -8.001  7.150   -3.602  1.00 12.85 ? 80  LEU A CA  1 
ATOM   596  C C   . LEU A 1 80  ? -6.880  6.519   -2.781  1.00 12.13 ? 80  LEU A C   1 
ATOM   597  O O   . LEU A 1 80  ? -6.281  7.182   -1.951  1.00 11.33 ? 80  LEU A O   1 
ATOM   598  C CB  . LEU A 1 80  ? -7.370  8.141   -4.598  1.00 14.47 ? 80  LEU A CB  1 
ATOM   599  C CG  . LEU A 1 80  ? -8.095  8.497   -5.908  1.00 16.58 ? 80  LEU A CG  1 
ATOM   600  C CD1 . LEU A 1 80  ? -9.496  8.949   -5.610  1.00 17.46 ? 80  LEU A CD1 1 
ATOM   601  C CD2 . LEU A 1 80  ? -7.329  9.603   -6.656  1.00 17.08 ? 80  LEU A CD2 1 
ATOM   602  N N   . THR A 1 81  ? -6.584  5.260   -3.065  1.00 12.59 ? 81  THR A N   1 
ATOM   603  C CA  . THR A 1 81  ? -5.537  4.516   -2.381  1.00 12.42 ? 81  THR A CA  1 
ATOM   604  C C   . THR A 1 81  ? -4.538  4.025   -3.429  1.00 11.60 ? 81  THR A C   1 
ATOM   605  O O   . THR A 1 81  ? -4.941  3.466   -4.429  1.00 11.48 ? 81  THR A O   1 
ATOM   606  C CB  . THR A 1 81  ? -6.134  3.292   -1.616  1.00 13.03 ? 81  THR A CB  1 
ATOM   607  O OG1 . THR A 1 81  ? -7.036  3.762   -0.603  1.00 13.31 ? 81  THR A OG1 1 
ATOM   608  C CG2 . THR A 1 81  ? -5.021  2.463   -0.947  1.00 12.84 ? 81  THR A CG2 1 
ATOM   609  N N   . VAL A 1 82  ? -3.255  4.317   -3.250  1.00 11.40 ? 82  VAL A N   1 
ATOM   610  C CA  . VAL A 1 82  ? -2.263  3.845   -4.203  1.00 13.74 ? 82  VAL A CA  1 
ATOM   611  C C   . VAL A 1 82  ? -1.497  2.658   -3.624  1.00 12.67 ? 82  VAL A C   1 
ATOM   612  O O   . VAL A 1 82  ? -1.336  2.552   -2.420  1.00 13.80 ? 82  VAL A O   1 
ATOM   613  C CB  . VAL A 1 82  ? -1.256  4.968   -4.655  1.00 12.59 ? 82  VAL A CB  1 
ATOM   614  C CG1 . VAL A 1 82  ? -2.021  6.118   -5.323  1.00 13.21 ? 82  VAL A CG1 1 
ATOM   615  C CG2 . VAL A 1 82  ? -0.439  5.465   -3.482  1.00 13.61 ? 82  VAL A CG2 1 
ATOM   616  N N   . TYR A 1 83  ? -1.143  1.711   -4.476  1.00 13.17 ? 83  TYR A N   1 
ATOM   617  C CA  . TYR A 1 83  ? -0.376  0.562   -4.031  1.00 13.91 ? 83  TYR A CA  1 
ATOM   618  C C   . TYR A 1 83  ? 0.921   0.433   -4.807  1.00 13.59 ? 83  TYR A C   1 
ATOM   619  O O   . TYR A 1 83  ? 1.019   0.843   -5.978  1.00 13.89 ? 83  TYR A O   1 
ATOM   620  C CB  . TYR A 1 83  ? -1.176  -0.762  -4.128  1.00 11.74 ? 83  TYR A CB  1 
ATOM   621  C CG  . TYR A 1 83  ? -1.466  -1.269  -5.522  1.00 11.11 ? 83  TYR A CG  1 
ATOM   622  C CD1 . TYR A 1 83  ? -0.566  -2.097  -6.187  1.00 11.96 ? 83  TYR A CD1 1 
ATOM   623  C CD2 . TYR A 1 83  ? -2.662  -0.948  -6.168  1.00 12.19 ? 83  TYR A CD2 1 
ATOM   624  C CE1 . TYR A 1 83  ? -0.854  -2.595  -7.470  1.00 14.99 ? 83  TYR A CE1 1 
ATOM   625  C CE2 . TYR A 1 83  ? -2.964  -1.446  -7.444  1.00 11.47 ? 83  TYR A CE2 1 
ATOM   626  C CZ  . TYR A 1 83  ? -2.066  -2.263  -8.084  1.00 13.74 ? 83  TYR A CZ  1 
ATOM   627  O OH  . TYR A 1 83  ? -2.386  -2.785  -9.313  1.00 14.04 ? 83  TYR A OH  1 
ATOM   628  N N   . TRP A 1 84  ? 1.903   -0.135  -4.115  1.00 11.30 ? 84  TRP A N   1 
ATOM   629  C CA  . TRP A 1 84  ? 3.213   -0.426  -4.633  1.00 10.76 ? 84  TRP A CA  1 
ATOM   630  C C   . TRP A 1 84  ? 3.937   -1.379  -3.661  1.00 10.85 ? 84  TRP A C   1 
ATOM   631  O O   . TRP A 1 84  ? 3.846   -1.234  -2.436  1.00 9.68  ? 84  TRP A O   1 
ATOM   632  C CB  . TRP A 1 84  ? 4.026   0.857   -4.866  1.00 10.37 ? 84  TRP A CB  1 
ATOM   633  C CG  . TRP A 1 84  ? 4.058   1.851   -3.739  1.00 8.36  ? 84  TRP A CG  1 
ATOM   634  C CD1 . TRP A 1 84  ? 3.051   2.691   -3.353  1.00 9.40  ? 84  TRP A CD1 1 
ATOM   635  C CD2 . TRP A 1 84  ? 5.183   2.170   -2.921  1.00 10.18 ? 84  TRP A CD2 1 
ATOM   636  N NE1 . TRP A 1 84  ? 3.487   3.526   -2.359  1.00 8.37  ? 84  TRP A NE1 1 
ATOM   637  C CE2 . TRP A 1 84  ? 4.793   3.225   -2.071  1.00 11.87 ? 84  TRP A CE2 1 
ATOM   638  C CE3 . TRP A 1 84  ? 6.491   1.671   -2.824  1.00 10.94 ? 84  TRP A CE3 1 
ATOM   639  C CZ2 . TRP A 1 84  ? 5.666   3.789   -1.130  1.00 11.39 ? 84  TRP A CZ2 1 
ATOM   640  C CZ3 . TRP A 1 84  ? 7.350   2.227   -1.895  1.00 7.72  ? 84  TRP A CZ3 1 
ATOM   641  C CH2 . TRP A 1 84  ? 6.933   3.273   -1.059  1.00 9.94  ? 84  TRP A CH2 1 
ATOM   642  N N   . THR A 1 85  ? 4.575   -2.405  -4.204  1.00 12.08 ? 85  THR A N   1 
ATOM   643  C CA  . THR A 1 85  ? 5.302   -3.342  -3.372  1.00 13.56 ? 85  THR A CA  1 
ATOM   644  C C   . THR A 1 85  ? 6.538   -2.644  -2.842  1.00 15.74 ? 85  THR A C   1 
ATOM   645  O O   . THR A 1 85  ? 6.934   -1.595  -3.364  1.00 17.76 ? 85  THR A O   1 
ATOM   646  C CB  . THR A 1 85  ? 5.670   -4.593  -4.148  1.00 12.26 ? 85  THR A CB  1 
ATOM   647  O OG1 . THR A 1 85  ? 6.236   -4.224  -5.409  1.00 14.54 ? 85  THR A OG1 1 
ATOM   648  C CG2 . THR A 1 85  ? 4.442   -5.428  -4.387  1.00 12.01 ? 85  THR A CG2 1 
ATOM   649  N N   . PRO A 1 86  ? 7.121   -3.161  -1.748  1.00 17.40 ? 86  PRO A N   1 
ATOM   650  C CA  . PRO A 1 86  ? 8.319   -2.570  -1.144  1.00 17.45 ? 86  PRO A CA  1 
ATOM   651  C C   . PRO A 1 86  ? 9.436   -2.362  -2.144  1.00 17.95 ? 86  PRO A C   1 
ATOM   652  O O   . PRO A 1 86  ? 9.628   -3.183  -3.034  1.00 17.39 ? 86  PRO A O   1 
ATOM   653  C CB  . PRO A 1 86  ? 8.704   -3.609  -0.085  1.00 16.67 ? 86  PRO A CB  1 
ATOM   654  C CG  . PRO A 1 86  ? 7.378   -4.144  0.342   1.00 17.28 ? 86  PRO A CG  1 
ATOM   655  C CD  . PRO A 1 86  ? 6.669   -4.330  -0.969  1.00 15.92 ? 86  PRO A CD  1 
ATOM   656  N N   . GLU A 1 87  ? 10.212  -1.299  -1.962  1.00 19.97 ? 87  GLU A N   1 
ATOM   657  C CA  . GLU A 1 87  ? 11.315  -1.016  -2.875  1.00 23.54 ? 87  GLU A CA  1 
ATOM   658  C C   . GLU A 1 87  ? 12.541  -1.831  -2.424  1.00 23.49 ? 87  GLU A C   1 
ATOM   659  O O   . GLU A 1 87  ? 13.496  -2.011  -3.174  1.00 25.24 ? 87  GLU A O   1 
ATOM   660  C CB  . GLU A 1 87  ? 11.623  0.491   -2.900  1.00 26.24 ? 87  GLU A CB  1 
ATOM   661  C CG  . GLU A 1 87  ? 11.662  1.168   -4.307  1.00 31.28 ? 87  GLU A CG  1 
ATOM   662  C CD  . GLU A 1 87  ? 10.323  1.767   -4.764  1.00 33.91 ? 87  GLU A CD  1 
ATOM   663  O OE1 . GLU A 1 87  ? 9.990   2.930   -4.415  1.00 35.25 ? 87  GLU A OE1 1 
ATOM   664  O OE2 . GLU A 1 87  ? 9.613   1.106   -5.552  1.00 37.81 ? 87  GLU A OE2 1 
ATOM   665  N N   . ARG A 1 88  ? 12.488  -2.379  -1.218  1.00 22.93 ? 88  ARG A N   1 
ATOM   666  C CA  . ARG A 1 88  ? 13.608  -3.168  -0.709  1.00 21.36 ? 88  ARG A CA  1 
ATOM   667  C C   . ARG A 1 88  ? 13.145  -4.034  0.459   1.00 20.12 ? 88  ARG A C   1 
ATOM   668  O O   . ARG A 1 88  ? 12.442  -3.559  1.343   1.00 17.80 ? 88  ARG A O   1 
ATOM   669  C CB  . ARG A 1 88  ? 14.733  -2.233  -0.235  1.00 22.63 ? 88  ARG A CB  1 
ATOM   670  C CG  . ARG A 1 88  ? 16.040  -2.911  0.133   1.00 24.92 ? 88  ARG A CG  1 
ATOM   671  C CD  . ARG A 1 88  ? 17.086  -1.886  0.583   1.00 26.85 ? 88  ARG A CD  1 
ATOM   672  N NE  . ARG A 1 88  ? 16.691  -1.170  1.798   1.00 29.69 ? 88  ARG A NE  1 
ATOM   673  C CZ  . ARG A 1 88  ? 16.904  -1.598  3.049   1.00 31.94 ? 88  ARG A CZ  1 
ATOM   674  N NH1 . ARG A 1 88  ? 17.512  -2.764  3.282   1.00 33.22 ? 88  ARG A NH1 1 
ATOM   675  N NH2 . ARG A 1 88  ? 16.563  -0.831  4.078   1.00 32.05 ? 88  ARG A NH2 1 
ATOM   676  N N   . VAL A 1 89  ? 13.570  -5.294  0.459   1.00 19.75 ? 89  VAL A N   1 
ATOM   677  C CA  . VAL A 1 89  ? 13.222  -6.246  1.503   1.00 19.63 ? 89  VAL A CA  1 
ATOM   678  C C   . VAL A 1 89  ? 14.469  -7.073  1.762   1.00 20.19 ? 89  VAL A C   1 
ATOM   679  O O   . VAL A 1 89  ? 14.834  -7.904  0.933   1.00 18.59 ? 89  VAL A O   1 
ATOM   680  C CB  . VAL A 1 89  ? 12.076  -7.205  1.046   1.00 19.54 ? 89  VAL A CB  1 
ATOM   681  C CG1 . VAL A 1 89  ? 11.853  -8.323  2.076   1.00 19.83 ? 89  VAL A CG1 1 
ATOM   682  C CG2 . VAL A 1 89  ? 10.783  -6.422  0.859   1.00 20.11 ? 89  VAL A CG2 1 
ATOM   683  N N   . GLU A 1 90  ? 15.138  -6.825  2.884   1.00 20.46 ? 90  GLU A N   1 
ATOM   684  C CA  . GLU A 1 90  ? 16.345  -7.584  3.217   1.00 22.62 ? 90  GLU A CA  1 
ATOM   685  C C   . GLU A 1 90  ? 16.565  -7.742  4.728   1.00 21.79 ? 90  GLU A C   1 
ATOM   686  O O   . GLU A 1 90  ? 16.077  -6.941  5.544   1.00 21.49 ? 90  GLU A O   1 
ATOM   687  C CB  . GLU A 1 90  ? 17.611  -6.939  2.604   1.00 23.91 ? 90  GLU A CB  1 
ATOM   688  C CG  . GLU A 1 90  ? 17.657  -6.812  1.069   1.00 28.07 ? 90  GLU A CG  1 
ATOM   689  C CD  . GLU A 1 90  ? 17.659  -8.147  0.317   1.00 30.47 ? 90  GLU A CD  1 
ATOM   690  O OE1 . GLU A 1 90  ? 18.089  -9.176  0.885   1.00 31.06 ? 90  GLU A OE1 1 
ATOM   691  O OE2 . GLU A 1 90  ? 17.218  -8.161  -0.857  1.00 31.10 ? 90  GLU A OE2 1 
ATOM   692  N N   . LEU A 1 91  ? 17.318  -8.777  5.082   1.00 21.75 ? 91  LEU A N   1 
ATOM   693  C CA  . LEU A 1 91  ? 17.683  -9.057  6.471   1.00 22.15 ? 91  LEU A CA  1 
ATOM   694  C C   . LEU A 1 91  ? 18.941  -8.256  6.821   1.00 23.39 ? 91  LEU A C   1 
ATOM   695  O O   . LEU A 1 91  ? 19.880  -8.173  6.025   1.00 23.92 ? 91  LEU A O   1 
ATOM   696  C CB  . LEU A 1 91  ? 17.974  -10.549 6.647   1.00 20.47 ? 91  LEU A CB  1 
ATOM   697  C CG  . LEU A 1 91  ? 16.767  -11.486 6.675   1.00 19.16 ? 91  LEU A CG  1 
ATOM   698  C CD1 . LEU A 1 91  ? 17.188  -12.959 6.561   1.00 18.55 ? 91  LEU A CD1 1 
ATOM   699  C CD2 . LEU A 1 91  ? 16.029  -11.242 7.967   1.00 17.46 ? 91  LEU A CD2 1 
ATOM   700  N N   . ALA A 1 92  ? 18.956  -7.643  7.998   1.00 24.86 ? 92  ALA A N   1 
ATOM   701  C CA  . ALA A 1 92  ? 20.114  -6.877  8.428   1.00 26.77 ? 92  ALA A CA  1 
ATOM   702  C C   . ALA A 1 92  ? 21.335  -7.809  8.384   1.00 27.71 ? 92  ALA A C   1 
ATOM   703  O O   . ALA A 1 92  ? 21.222  -8.995  8.694   1.00 26.96 ? 92  ALA A O   1 
ATOM   704  C CB  . ALA A 1 92  ? 19.892  -6.350  9.825   1.00 26.98 ? 92  ALA A CB  1 
ATOM   705  N N   . PRO A 1 93  ? 22.508  -7.280  7.979   1.00 29.12 ? 93  PRO A N   1 
ATOM   706  C CA  . PRO A 1 93  ? 23.758  -8.044  7.875   1.00 30.52 ? 93  PRO A CA  1 
ATOM   707  C C   . PRO A 1 93  ? 24.092  -8.742  9.179   1.00 31.41 ? 93  PRO A C   1 
ATOM   708  O O   . PRO A 1 93  ? 24.146  -8.108  10.232  1.00 32.21 ? 93  PRO A O   1 
ATOM   709  C CB  . PRO A 1 93  ? 24.784  -6.969  7.503   1.00 30.14 ? 93  PRO A CB  1 
ATOM   710  C CG  . PRO A 1 93  ? 24.213  -5.730  8.110   1.00 30.67 ? 93  PRO A CG  1 
ATOM   711  C CD  . PRO A 1 93  ? 22.759  -5.848  7.747   1.00 29.19 ? 93  PRO A CD  1 
ATOM   712  N N   . LEU A 1 94  ? 24.325  -10.046 9.088   1.00 33.01 ? 94  LEU A N   1 
ATOM   713  C CA  . LEU A 1 94  ? 24.612  -10.881 10.248  1.00 35.17 ? 94  LEU A CA  1 
ATOM   714  C C   . LEU A 1 94  ? 25.823  -11.764 9.981   1.00 36.59 ? 94  LEU A C   1 
ATOM   715  O O   . LEU A 1 94  ? 25.994  -12.265 8.865   1.00 37.84 ? 94  LEU A O   1 
ATOM   716  C CB  . LEU A 1 94  ? 23.398  -11.773 10.523  1.00 34.81 ? 94  LEU A CB  1 
ATOM   717  C CG  . LEU A 1 94  ? 23.157  -12.276 11.944  1.00 35.41 ? 94  LEU A CG  1 
ATOM   718  C CD1 . LEU A 1 94  ? 23.135  -11.091 12.907  1.00 35.48 ? 94  LEU A CD1 1 
ATOM   719  C CD2 . LEU A 1 94  ? 21.845  -13.047 12.012  1.00 33.91 ? 94  LEU A CD2 1 
ATOM   720  N N   . PRO A 1 95  ? 26.695  -11.958 10.986  1.00 37.13 ? 95  PRO A N   1 
ATOM   721  C CA  . PRO A 1 95  ? 27.872  -12.807 10.773  1.00 38.18 ? 95  PRO A CA  1 
ATOM   722  C C   . PRO A 1 95  ? 27.443  -14.196 10.310  1.00 38.87 ? 95  PRO A C   1 
ATOM   723  O O   . PRO A 1 95  ? 26.442  -14.722 10.788  1.00 39.28 ? 95  PRO A O   1 
ATOM   724  C CB  . PRO A 1 95  ? 28.521  -12.851 12.163  1.00 38.16 ? 95  PRO A CB  1 
ATOM   725  C CG  . PRO A 1 95  ? 27.373  -12.608 13.099  1.00 38.12 ? 95  PRO A CG  1 
ATOM   726  C CD  . PRO A 1 95  ? 26.620  -11.514 12.387  1.00 37.77 ? 95  PRO A CD  1 
ATOM   727  N N   . SER A 1 96  ? 28.168  -14.769 9.356   1.00 40.16 ? 96  SER A N   1 
ATOM   728  C CA  . SER A 1 96  ? 27.831  -16.101 8.852   1.00 40.78 ? 96  SER A CA  1 
ATOM   729  C C   . SER A 1 96  ? 28.117  -17.189 9.877   1.00 40.85 ? 96  SER A C   1 
ATOM   730  O O   . SER A 1 96  ? 27.374  -18.161 9.988   1.00 41.29 ? 96  SER A O   1 
ATOM   731  C CB  . SER A 1 96  ? 28.583  -16.402 7.559   1.00 41.50 ? 96  SER A CB  1 
ATOM   732  O OG  . SER A 1 96  ? 28.260  -17.702 7.096   1.00 42.23 ? 96  SER A OG  1 
ATOM   733  N N   . TRP A 1 97  ? 29.208  -17.010 10.614  1.00 41.47 ? 97  TRP A N   1 
ATOM   734  C CA  . TRP A 1 97  ? 29.638  -17.941 11.655  1.00 41.03 ? 97  TRP A CA  1 
ATOM   735  C C   . TRP A 1 97  ? 28.750  -17.748 12.888  1.00 39.62 ? 97  TRP A C   1 
ATOM   736  O O   . TRP A 1 97  ? 28.620  -16.630 13.385  1.00 39.52 ? 97  TRP A O   1 
ATOM   737  C CB  . TRP A 1 97  ? 31.111  -17.677 12.002  1.00 43.15 ? 97  TRP A CB  1 
ATOM   738  C CG  . TRP A 1 97  ? 31.416  -16.254 12.432  1.00 45.31 ? 97  TRP A CG  1 
ATOM   739  C CD1 . TRP A 1 97  ? 31.600  -15.806 13.715  1.00 46.47 ? 97  TRP A CD1 1 
ATOM   740  C CD2 . TRP A 1 97  ? 31.573  -15.102 11.584  1.00 45.97 ? 97  TRP A CD2 1 
ATOM   741  N NE1 . TRP A 1 97  ? 31.863  -14.453 13.716  1.00 46.74 ? 97  TRP A NE1 1 
ATOM   742  C CE2 . TRP A 1 97  ? 31.855  -13.997 12.423  1.00 46.55 ? 97  TRP A CE2 1 
ATOM   743  C CE3 . TRP A 1 97  ? 31.507  -14.898 10.198  1.00 46.23 ? 97  TRP A CE3 1 
ATOM   744  C CZ2 . TRP A 1 97  ? 32.068  -12.703 11.919  1.00 46.79 ? 97  TRP A CZ2 1 
ATOM   745  C CZ3 . TRP A 1 97  ? 31.720  -13.607 9.696   1.00 46.46 ? 97  TRP A CZ3 1 
ATOM   746  C CH2 . TRP A 1 97  ? 31.998  -12.531 10.558  1.00 46.76 ? 97  TRP A CH2 1 
ATOM   747  N N   . GLN A 1 98  ? 28.152  -18.824 13.389  1.00 37.27 ? 98  GLN A N   1 
ATOM   748  C CA  . GLN A 1 98  ? 27.271  -18.699 14.552  1.00 36.55 ? 98  GLN A CA  1 
ATOM   749  C C   . GLN A 1 98  ? 27.410  -19.803 15.620  1.00 34.49 ? 98  GLN A C   1 
ATOM   750  O O   . GLN A 1 98  ? 27.221  -20.994 15.341  1.00 34.49 ? 98  GLN A O   1 
ATOM   751  C CB  . GLN A 1 98  ? 25.817  -18.606 14.068  1.00 36.86 ? 98  GLN A CB  1 
ATOM   752  C CG  . GLN A 1 98  ? 24.926  -17.759 14.939  1.00 37.55 ? 98  GLN A CG  1 
ATOM   753  C CD  . GLN A 1 98  ? 25.375  -16.314 15.021  1.00 37.00 ? 98  GLN A CD  1 
ATOM   754  O OE1 . GLN A 1 98  ? 25.679  -15.815 16.105  1.00 37.68 ? 98  GLN A OE1 1 
ATOM   755  N NE2 . GLN A 1 98  ? 25.398  -15.630 13.885  1.00 36.67 ? 98  GLN A NE2 1 
ATOM   756  N N   . PRO A 1 99  ? 27.719  -19.408 16.867  1.00 32.71 ? 99  PRO A N   1 
ATOM   757  C CA  . PRO A 1 99  ? 27.907  -20.268 18.048  1.00 30.33 ? 99  PRO A CA  1 
ATOM   758  C C   . PRO A 1 99  ? 26.711  -21.139 18.443  1.00 28.03 ? 99  PRO A C   1 
ATOM   759  O O   . PRO A 1 99  ? 25.639  -20.627 18.770  1.00 25.94 ? 99  PRO A O   1 
ATOM   760  C CB  . PRO A 1 99  ? 28.230  -19.253 19.147  1.00 31.38 ? 99  PRO A CB  1 
ATOM   761  C CG  . PRO A 1 99  ? 28.960  -18.186 18.402  1.00 32.01 ? 99  PRO A CG  1 
ATOM   762  C CD  . PRO A 1 99  ? 28.091  -18.015 17.182  1.00 32.46 ? 99  PRO A CD  1 
ATOM   763  N N   . VAL A 1 100 ? 26.914  -22.456 18.451  1.00 26.95 ? 100 VAL A N   1 
ATOM   764  C CA  . VAL A 1 100 ? 25.853  -23.405 18.821  1.00 25.50 ? 100 VAL A CA  1 
ATOM   765  C C   . VAL A 1 100 ? 25.456  -23.245 20.284  1.00 24.59 ? 100 VAL A C   1 
ATOM   766  O O   . VAL A 1 100 ? 26.317  -23.170 21.166  1.00 25.41 ? 100 VAL A O   1 
ATOM   767  C CB  . VAL A 1 100 ? 26.267  -24.882 18.571  1.00 25.00 ? 100 VAL A CB  1 
ATOM   768  C CG1 . VAL A 1 100 ? 25.415  -25.836 19.417  1.00 26.19 ? 100 VAL A CG1 1 
ATOM   769  C CG2 . VAL A 1 100 ? 26.080  -25.237 17.111  1.00 25.49 ? 100 VAL A CG2 1 
ATOM   770  N N   . GLY A 1 101 ? 24.151  -23.196 20.534  1.00 22.95 ? 101 GLY A N   1 
ATOM   771  C CA  . GLY A 1 101 ? 23.670  -23.053 21.890  1.00 21.72 ? 101 GLY A CA  1 
ATOM   772  C C   . GLY A 1 101 ? 23.471  -21.613 22.302  1.00 21.51 ? 101 GLY A C   1 
ATOM   773  O O   . GLY A 1 101 ? 23.019  -21.337 23.406  1.00 21.10 ? 101 GLY A O   1 
ATOM   774  N N   . LYS A 1 102 ? 23.840  -20.680 21.435  1.00 22.00 ? 102 LYS A N   1 
ATOM   775  C CA  . LYS A 1 102 ? 23.652  -19.274 21.749  1.00 21.27 ? 102 LYS A CA  1 
ATOM   776  C C   . LYS A 1 102 ? 22.519  -18.666 20.914  1.00 20.13 ? 102 LYS A C   1 
ATOM   777  O O   . LYS A 1 102 ? 22.079  -19.244 19.918  1.00 17.25 ? 102 LYS A O   1 
ATOM   778  C CB  . LYS A 1 102 ? 24.970  -18.514 21.596  1.00 22.10 ? 102 LYS A CB  1 
ATOM   779  C CG  . LYS A 1 102 ? 26.021  -18.945 22.628  1.00 22.67 ? 102 LYS A CG  1 
ATOM   780  C CD  . LYS A 1 102 ? 25.532  -18.715 24.070  1.00 23.73 ? 102 LYS A CD  1 
ATOM   781  C CE  . LYS A 1 102 ? 26.650  -18.927 25.108  1.00 25.09 ? 102 LYS A CE  1 
ATOM   782  N NZ  . LYS A 1 102 ? 26.221  -18.796 26.542  1.00 24.30 ? 102 LYS A NZ  1 
ATOM   783  N N   . GLN A 1 103 ? 22.027  -17.518 21.358  1.00 20.11 ? 103 GLN A N   1 
ATOM   784  C CA  . GLN A 1 103 ? 20.924  -16.840 20.692  1.00 21.35 ? 103 GLN A CA  1 
ATOM   785  C C   . GLN A 1 103 ? 21.369  -15.922 19.568  1.00 20.82 ? 103 GLN A C   1 
ATOM   786  O O   . GLN A 1 103 ? 22.358  -15.211 19.694  1.00 19.93 ? 103 GLN A O   1 
ATOM   787  C CB  . GLN A 1 103 ? 20.116  -16.036 21.709  1.00 22.26 ? 103 GLN A CB  1 
ATOM   788  C CG  . GLN A 1 103 ? 19.384  -16.878 22.730  1.00 25.12 ? 103 GLN A CG  1 
ATOM   789  C CD  . GLN A 1 103 ? 18.088  -17.497 22.216  1.00 27.35 ? 103 GLN A CD  1 
ATOM   790  O OE1 . GLN A 1 103 ? 17.401  -18.198 22.953  1.00 29.65 ? 103 GLN A OE1 1 
ATOM   791  N NE2 . GLN A 1 103 ? 17.729  -17.213 20.967  1.00 28.88 ? 103 GLN A NE2 1 
ATOM   792  N N   . LEU A 1 104 ? 20.617  -15.942 18.476  1.00 21.52 ? 104 LEU A N   1 
ATOM   793  C CA  . LEU A 1 104 ? 20.903  -15.094 17.323  1.00 21.98 ? 104 LEU A CA  1 
ATOM   794  C C   . LEU A 1 104 ? 19.643  -14.279 17.020  1.00 22.18 ? 104 LEU A C   1 
ATOM   795  O O   . LEU A 1 104 ? 18.528  -14.728 17.300  1.00 21.41 ? 104 LEU A O   1 
ATOM   796  C CB  . LEU A 1 104 ? 21.330  -15.981 16.147  1.00 23.93 ? 104 LEU A CB  1 
ATOM   797  C CG  . LEU A 1 104 ? 21.119  -15.685 14.662  1.00 24.92 ? 104 LEU A CG  1 
ATOM   798  C CD1 . LEU A 1 104 ? 21.916  -16.678 13.836  1.00 24.12 ? 104 LEU A CD1 1 
ATOM   799  C CD2 . LEU A 1 104 ? 19.646  -15.800 14.326  1.00 25.44 ? 104 LEU A CD2 1 
ATOM   800  N N   . THR A 1 105 ? 19.812  -13.052 16.541  1.00 20.88 ? 105 THR A N   1 
ATOM   801  C CA  . THR A 1 105 ? 18.654  -12.235 16.224  1.00 19.99 ? 105 THR A CA  1 
ATOM   802  C C   . THR A 1 105 ? 18.571  -11.876 14.747  1.00 19.65 ? 105 THR A C   1 
ATOM   803  O O   . THR A 1 105 ? 19.566  -11.462 14.121  1.00 18.12 ? 105 THR A O   1 
ATOM   804  C CB  . THR A 1 105 ? 18.597  -10.996 17.099  1.00 21.38 ? 105 THR A CB  1 
ATOM   805  O OG1 . THR A 1 105 ? 18.238  -11.397 18.430  1.00 24.09 ? 105 THR A OG1 1 
ATOM   806  C CG2 . THR A 1 105 ? 17.560  -9.982  16.560  1.00 20.88 ? 105 THR A CG2 1 
ATOM   807  N N   . LEU A 1 106 ? 17.403  -12.145 14.176  1.00 19.28 ? 106 LEU A N   1 
ATOM   808  C CA  . LEU A 1 106 ? 17.135  -11.859 12.773  1.00 20.13 ? 106 LEU A CA  1 
ATOM   809  C C   . LEU A 1 106 ? 16.369  -10.549 12.768  1.00 19.88 ? 106 LEU A C   1 
ATOM   810  O O   . LEU A 1 106 ? 15.517  -10.316 13.625  1.00 19.88 ? 106 LEU A O   1 
ATOM   811  C CB  . LEU A 1 106 ? 16.299  -12.975 12.128  1.00 19.96 ? 106 LEU A CB  1 
ATOM   812  C CG  . LEU A 1 106 ? 16.838  -14.415 12.141  1.00 21.71 ? 106 LEU A CG  1 
ATOM   813  C CD1 . LEU A 1 106 ? 15.893  -15.281 11.347  1.00 23.83 ? 106 LEU A CD1 1 
ATOM   814  C CD2 . LEU A 1 106 ? 18.223  -14.528 11.534  1.00 20.64 ? 106 LEU A CD2 1 
ATOM   815  N N   . ARG A 1 107 ? 16.662  -9.708  11.791  1.00 21.12 ? 107 ARG A N   1 
ATOM   816  C CA  . ARG A 1 107 ? 16.023  -8.408  11.688  1.00 22.53 ? 107 ARG A CA  1 
ATOM   817  C C   . ARG A 1 107 ? 15.750  -8.089  10.230  1.00 21.78 ? 107 ARG A C   1 
ATOM   818  O O   . ARG A 1 107 ? 16.681  -7.937  9.457   1.00 22.04 ? 107 ARG A O   1 
ATOM   819  C CB  . ARG A 1 107 ? 16.969  -7.377  12.272  1.00 25.53 ? 107 ARG A CB  1 
ATOM   820  C CG  . ARG A 1 107 ? 16.558  -5.952  12.155  1.00 29.44 ? 107 ARG A CG  1 
ATOM   821  C CD  . ARG A 1 107 ? 17.710  -5.124  12.671  1.00 34.15 ? 107 ARG A CD  1 
ATOM   822  N NE  . ARG A 1 107 ? 17.307  -3.753  12.945  1.00 38.20 ? 107 ARG A NE  1 
ATOM   823  C CZ  . ARG A 1 107 ? 18.124  -2.779  13.328  1.00 38.64 ? 107 ARG A CZ  1 
ATOM   824  N NH1 . ARG A 1 107 ? 19.424  -3.011  13.494  1.00 38.57 ? 107 ARG A NH1 1 
ATOM   825  N NH2 . ARG A 1 107 ? 17.619  -1.572  13.557  1.00 40.48 ? 107 ARG A NH2 1 
ATOM   826  N N   . CYS A 1 108 ? 14.480  -8.064  9.834   1.00 21.88 ? 108 CYS A N   1 
ATOM   827  C CA  . CYS A 1 108 ? 14.119  -7.740  8.455   1.00 21.70 ? 108 CYS A CA  1 
ATOM   828  C C   . CYS A 1 108 ? 13.795  -6.261  8.324   1.00 20.12 ? 108 CYS A C   1 
ATOM   829  O O   . CYS A 1 108 ? 13.172  -5.680  9.209   1.00 19.08 ? 108 CYS A O   1 
ATOM   830  C CB  . CYS A 1 108 ? 12.895  -8.537  8.017   1.00 23.56 ? 108 CYS A CB  1 
ATOM   831  S SG  . CYS A 1 108 ? 12.388  -8.213  6.290   1.00 26.24 ? 108 CYS A SG  1 
ATOM   832  N N   . GLN A 1 109 ? 14.219  -5.659  7.220   1.00 19.84 ? 109 GLN A N   1 
ATOM   833  C CA  . GLN A 1 109 ? 13.930  -4.236  6.953   1.00 19.63 ? 109 GLN A CA  1 
ATOM   834  C C   . GLN A 1 109 ? 13.213  -4.097  5.610   1.00 16.79 ? 109 GLN A C   1 
ATOM   835  O O   . GLN A 1 109 ? 13.676  -4.595  4.581   1.00 15.08 ? 109 GLN A O   1 
ATOM   836  C CB  . GLN A 1 109 ? 15.198  -3.388  6.990   1.00 20.86 ? 109 GLN A CB  1 
ATOM   837  C CG  . GLN A 1 109 ? 15.817  -3.345  8.353   1.00 25.36 ? 109 GLN A CG  1 
ATOM   838  C CD  . GLN A 1 109 ? 17.324  -3.333  8.308   1.00 28.93 ? 109 GLN A CD  1 
ATOM   839  O OE1 . GLN A 1 109 ? 17.936  -3.588  7.259   1.00 30.94 ? 109 GLN A OE1 1 
ATOM   840  N NE2 . GLN A 1 109 ? 17.945  -3.045  9.450   1.00 31.30 ? 109 GLN A NE2 1 
ATOM   841  N N   . VAL A 1 110 ? 12.037  -3.488  5.664   1.00 16.38 ? 110 VAL A N   1 
ATOM   842  C CA  . VAL A 1 110 ? 11.192  -3.299  4.502   1.00 15.99 ? 110 VAL A CA  1 
ATOM   843  C C   . VAL A 1 110 ? 11.013  -1.809  4.199   1.00 16.81 ? 110 VAL A C   1 
ATOM   844  O O   . VAL A 1 110 ? 10.338  -1.079  4.930   1.00 16.62 ? 110 VAL A O   1 
ATOM   845  C CB  . VAL A 1 110 ? 9.803   -3.948  4.752   1.00 15.24 ? 110 VAL A CB  1 
ATOM   846  C CG1 . VAL A 1 110 ? 8.871   -3.691  3.581   1.00 13.09 ? 110 VAL A CG1 1 
ATOM   847  C CG2 . VAL A 1 110 ? 9.965   -5.440  5.007   1.00 13.44 ? 110 VAL A CG2 1 
ATOM   848  N N   . GLU A 1 111 ? 11.612  -1.353  3.115   1.00 17.69 ? 111 GLU A N   1 
ATOM   849  C CA  . GLU A 1 111 ? 11.477  0.050   2.788   1.00 18.49 ? 111 GLU A CA  1 
ATOM   850  C C   . GLU A 1 111 ? 10.346  0.312   1.789   1.00 16.33 ? 111 GLU A C   1 
ATOM   851  O O   . GLU A 1 111 ? 10.303  -0.262  0.708   1.00 15.03 ? 111 GLU A O   1 
ATOM   852  C CB  . GLU A 1 111 ? 12.840  0.627   2.374   1.00 21.76 ? 111 GLU A CB  1 
ATOM   853  C CG  . GLU A 1 111 ? 13.657  0.991   3.634   1.00 23.94 ? 111 GLU A CG  1 
ATOM   854  C CD  . GLU A 1 111 ? 15.029  1.592   3.387   1.00 26.34 ? 111 GLU A CD  1 
ATOM   855  O OE1 . GLU A 1 111 ? 15.666  1.259   2.361   1.00 27.01 ? 111 GLU A OE1 1 
ATOM   856  O OE2 . GLU A 1 111 ? 15.522  2.328   4.283   1.00 27.90 ? 111 GLU A OE2 1 
ATOM   857  N N   . GLY A 1 112 ? 9.376   1.112   2.209   1.00 15.61 ? 112 GLY A N   1 
ATOM   858  C CA  . GLY A 1 112 ? 8.245   1.410   1.345   1.00 15.10 ? 112 GLY A CA  1 
ATOM   859  C C   . GLY A 1 112 ? 7.112   0.402   1.474   1.00 14.80 ? 112 GLY A C   1 
ATOM   860  O O   . GLY A 1 112 ? 6.961   -0.257  2.516   1.00 13.47 ? 112 GLY A O   1 
ATOM   861  N N   . GLY A 1 113 ? 6.303   0.305   0.422   1.00 14.08 ? 113 GLY A N   1 
ATOM   862  C CA  . GLY A 1 113 ? 5.185   -0.619  0.403   1.00 11.90 ? 113 GLY A CA  1 
ATOM   863  C C   . GLY A 1 113 ? 3.911   -0.002  0.922   1.00 12.51 ? 113 GLY A C   1 
ATOM   864  O O   . GLY A 1 113 ? 3.864   0.457   2.077   1.00 10.83 ? 113 GLY A O   1 
ATOM   865  N N   . ALA A 1 114 ? 2.880   0.020   0.071   1.00 11.86 ? 114 ALA A N   1 
ATOM   866  C CA  . ALA A 1 114 ? 1.585   0.605   0.443   1.00 11.57 ? 114 ALA A CA  1 
ATOM   867  C C   . ALA A 1 114 ? 0.436   0.003   -0.381  1.00 11.38 ? 114 ALA A C   1 
ATOM   868  O O   . ALA A 1 114 ? 0.651   -0.448  -1.508  1.00 10.55 ? 114 ALA A O   1 
ATOM   869  C CB  . ALA A 1 114 ? 1.625   2.106   0.265   1.00 10.27 ? 114 ALA A CB  1 
ATOM   870  N N   . PRO A 1 115 ? -0.799  0.004   0.157   1.00 11.35 ? 115 PRO A N   1 
ATOM   871  C CA  . PRO A 1 115 ? -1.172  0.535   1.471   1.00 12.28 ? 115 PRO A CA  1 
ATOM   872  C C   . PRO A 1 115 ? -0.588  -0.285  2.633   1.00 12.58 ? 115 PRO A C   1 
ATOM   873  O O   . PRO A 1 115 ? -0.615  -1.524  2.601   1.00 12.58 ? 115 PRO A O   1 
ATOM   874  C CB  . PRO A 1 115 ? -2.707  0.511   1.421   1.00 12.87 ? 115 PRO A CB  1 
ATOM   875  C CG  . PRO A 1 115 ? -3.012  -0.664  0.540   1.00 10.32 ? 115 PRO A CG  1 
ATOM   876  C CD  . PRO A 1 115 ? -1.986  -0.526  -0.554  1.00 10.97 ? 115 PRO A CD  1 
ATOM   877  N N   . ARG A 1 116 ? -0.035  0.400   3.636   1.00 12.20 ? 116 ARG A N   1 
ATOM   878  C CA  . ARG A 1 116 ? 0.575   -0.294  4.777   1.00 13.68 ? 116 ARG A CA  1 
ATOM   879  C C   . ARG A 1 116 ? -0.425  -1.134  5.546   1.00 13.03 ? 116 ARG A C   1 
ATOM   880  O O   . ARG A 1 116 ? -0.053  -2.150  6.128   1.00 13.15 ? 116 ARG A O   1 
ATOM   881  C CB  . ARG A 1 116 ? 1.308   0.669   5.739   1.00 12.53 ? 116 ARG A CB  1 
ATOM   882  C CG  . ARG A 1 116 ? 2.758   1.014   5.341   1.00 12.94 ? 116 ARG A CG  1 
ATOM   883  C CD  . ARG A 1 116 ? 3.647   -0.223  5.277   1.00 10.81 ? 116 ARG A CD  1 
ATOM   884  N NE  . ARG A 1 116 ? 5.060   0.059   5.014   1.00 12.31 ? 116 ARG A NE  1 
ATOM   885  C CZ  . ARG A 1 116 ? 5.894   0.635   5.882   1.00 13.11 ? 116 ARG A CZ  1 
ATOM   886  N NH1 . ARG A 1 116 ? 5.470   1.016   7.077   1.00 12.32 ? 116 ARG A NH1 1 
ATOM   887  N NH2 . ARG A 1 116 ? 7.181   0.750   5.591   1.00 14.02 ? 116 ARG A NH2 1 
ATOM   888  N N   . ALA A 1 117 ? -1.698  -0.737  5.512   1.00 13.92 ? 117 ALA A N   1 
ATOM   889  C CA  . ALA A 1 117 ? -2.752  -1.474  6.215   1.00 13.64 ? 117 ALA A CA  1 
ATOM   890  C C   . ALA A 1 117 ? -2.955  -2.884  5.677   1.00 14.39 ? 117 ALA A C   1 
ATOM   891  O O   . ALA A 1 117 ? -3.668  -3.687  6.279   1.00 16.89 ? 117 ALA A O   1 
ATOM   892  C CB  . ALA A 1 117 ? -4.061  -0.704  6.180   1.00 14.03 ? 117 ALA A CB  1 
ATOM   893  N N   . GLN A 1 118 ? -2.302  -3.223  4.572   1.00 13.89 ? 118 GLN A N   1 
ATOM   894  C CA  . GLN A 1 118 ? -2.462  -4.568  4.003   1.00 12.30 ? 118 GLN A CA  1 
ATOM   895  C C   . GLN A 1 118 ? -1.112  -5.234  3.750   1.00 10.90 ? 118 GLN A C   1 
ATOM   896  O O   . GLN A 1 118 ? -1.040  -6.258  3.075   1.00 9.34  ? 118 GLN A O   1 
ATOM   897  C CB  . GLN A 1 118 ? -3.273  -4.492  2.703   1.00 14.73 ? 118 GLN A CB  1 
ATOM   898  C CG  . GLN A 1 118 ? -4.714  -3.985  2.891   1.00 18.04 ? 118 GLN A CG  1 
ATOM   899  C CD  . GLN A 1 118 ? -5.676  -5.054  3.414   1.00 22.66 ? 118 GLN A CD  1 
ATOM   900  O OE1 . GLN A 1 118 ? -5.353  -6.256  3.471   1.00 24.99 ? 118 GLN A OE1 1 
ATOM   901  N NE2 . GLN A 1 118 ? -6.884  -4.630  3.754   1.00 22.77 ? 118 GLN A NE2 1 
ATOM   902  N N   . LEU A 1 119 ? -0.055  -4.676  4.340   1.00 9.21  ? 119 LEU A N   1 
ATOM   903  C CA  . LEU A 1 119 ? 1.295   -5.208  4.154   1.00 10.37 ? 119 LEU A CA  1 
ATOM   904  C C   . LEU A 1 119 ? 1.766   -5.942  5.423   1.00 10.33 ? 119 LEU A C   1 
ATOM   905  O O   . LEU A 1 119 ? 1.780   -5.382  6.525   1.00 8.75  ? 119 LEU A O   1 
ATOM   906  C CB  . LEU A 1 119 ? 2.274   -4.058  3.853   1.00 9.43  ? 119 LEU A CB  1 
ATOM   907  C CG  . LEU A 1 119 ? 3.474   -4.196  2.910   1.00 10.79 ? 119 LEU A CG  1 
ATOM   908  C CD1 . LEU A 1 119 ? 4.721   -3.792  3.612   1.00 10.34 ? 119 LEU A CD1 1 
ATOM   909  C CD2 . LEU A 1 119 ? 3.607   -5.561  2.302   1.00 8.28  ? 119 LEU A CD2 1 
ATOM   910  N N   . THR A 1 120 ? 2.161   -7.190  5.260   1.00 9.51  ? 120 THR A N   1 
ATOM   911  C CA  . THR A 1 120 ? 2.651   -7.941  6.386   1.00 9.88  ? 120 THR A CA  1 
ATOM   912  C C   . THR A 1 120 ? 4.066   -8.376  6.101   1.00 9.15  ? 120 THR A C   1 
ATOM   913  O O   . THR A 1 120 ? 4.409   -8.678  4.959   1.00 6.86  ? 120 THR A O   1 
ATOM   914  C CB  . THR A 1 120 ? 1.745   -9.178  6.686   1.00 11.47 ? 120 THR A CB  1 
ATOM   915  O OG1 . THR A 1 120 ? 0.416   -8.719  6.982   1.00 10.84 ? 120 THR A OG1 1 
ATOM   916  C CG2 . THR A 1 120 ? 2.285   -9.962  7.924   1.00 11.13 ? 120 THR A CG2 1 
ATOM   917  N N   . VAL A 1 121 ? 4.898   -8.328  7.135   1.00 9.27  ? 121 VAL A N   1 
ATOM   918  C CA  . VAL A 1 121 ? 6.290   -8.756  7.041   1.00 10.97 ? 121 VAL A CA  1 
ATOM   919  C C   . VAL A 1 121 ? 6.391   -10.090 7.797   1.00 11.60 ? 121 VAL A C   1 
ATOM   920  O O   . VAL A 1 121 ? 5.851   -10.243 8.903   1.00 9.19  ? 121 VAL A O   1 
ATOM   921  C CB  . VAL A 1 121 ? 7.269   -7.724  7.702   1.00 12.37 ? 121 VAL A CB  1 
ATOM   922  C CG1 . VAL A 1 121 ? 8.695   -8.052  7.341   1.00 10.37 ? 121 VAL A CG1 1 
ATOM   923  C CG2 . VAL A 1 121 ? 6.923   -6.295  7.281   1.00 12.90 ? 121 VAL A CG2 1 
ATOM   924  N N   . VAL A 1 122 ? 7.046   -11.071 7.182   1.00 12.67 ? 122 VAL A N   1 
ATOM   925  C CA  . VAL A 1 122 ? 7.201   -12.359 7.819   1.00 13.58 ? 122 VAL A CA  1 
ATOM   926  C C   . VAL A 1 122 ? 8.646   -12.880 7.756   1.00 15.21 ? 122 VAL A C   1 
ATOM   927  O O   . VAL A 1 122 ? 9.370   -12.626 6.793   1.00 13.86 ? 122 VAL A O   1 
ATOM   928  C CB  . VAL A 1 122 ? 6.107   -13.410 7.320   1.00 14.14 ? 122 VAL A CB  1 
ATOM   929  C CG1 . VAL A 1 122 ? 5.141   -12.789 6.285   1.00 10.48 ? 122 VAL A CG1 1 
ATOM   930  C CG2 . VAL A 1 122 ? 6.732   -14.672 6.819   1.00 14.12 ? 122 VAL A CG2 1 
ATOM   931  N N   . LEU A 1 123 ? 9.089   -13.495 8.857   1.00 16.02 ? 123 LEU A N   1 
ATOM   932  C CA  . LEU A 1 123 ? 10.436  -14.067 8.951   1.00 15.02 ? 123 LEU A CA  1 
ATOM   933  C C   . LEU A 1 123 ? 10.287  -15.582 8.824   1.00 16.30 ? 123 LEU A C   1 
ATOM   934  O O   . LEU A 1 123 ? 9.398   -16.174 9.446   1.00 15.60 ? 123 LEU A O   1 
ATOM   935  C CB  . LEU A 1 123 ? 11.078  -13.704 10.292  1.00 15.31 ? 123 LEU A CB  1 
ATOM   936  C CG  . LEU A 1 123 ? 11.562  -12.268 10.516  1.00 15.03 ? 123 LEU A CG  1 
ATOM   937  C CD1 . LEU A 1 123 ? 12.187  -12.137 11.887  1.00 15.65 ? 123 LEU A CD1 1 
ATOM   938  C CD2 . LEU A 1 123 ? 12.589  -11.895 9.456   1.00 15.49 ? 123 LEU A CD2 1 
ATOM   939  N N   . LEU A 1 124 ? 11.125  -16.200 7.997   1.00 17.31 ? 124 LEU A N   1 
ATOM   940  C CA  . LEU A 1 124 ? 11.058  -17.638 7.775   1.00 19.53 ? 124 LEU A CA  1 
ATOM   941  C C   . LEU A 1 124 ? 12.383  -18.400 7.968   1.00 21.08 ? 124 LEU A C   1 
ATOM   942  O O   . LEU A 1 124 ? 13.476  -17.862 7.764   1.00 20.29 ? 124 LEU A O   1 
ATOM   943  C CB  . LEU A 1 124 ? 10.526  -17.919 6.354   1.00 18.43 ? 124 LEU A CB  1 
ATOM   944  C CG  . LEU A 1 124 ? 9.223   -17.197 5.992   1.00 20.57 ? 124 LEU A CG  1 
ATOM   945  C CD1 . LEU A 1 124 ? 9.495   -16.173 4.908   1.00 21.23 ? 124 LEU A CD1 1 
ATOM   946  C CD2 . LEU A 1 124 ? 8.147   -18.163 5.533   1.00 20.09 ? 124 LEU A CD2 1 
ATOM   947  N N   . ARG A 1 125 ? 12.252  -19.652 8.390   1.00 23.32 ? 125 ARG A N   1 
ATOM   948  C CA  . ARG A 1 125 ? 13.384  -20.576 8.540   1.00 26.19 ? 125 ARG A CA  1 
ATOM   949  C C   . ARG A 1 125 ? 13.052  -21.573 7.431   1.00 26.33 ? 125 ARG A C   1 
ATOM   950  O O   . ARG A 1 125 ? 12.170  -22.412 7.590   1.00 25.92 ? 125 ARG A O   1 
ATOM   951  C CB  . ARG A 1 125 ? 13.382  -21.272 9.916   1.00 27.20 ? 125 ARG A CB  1 
ATOM   952  C CG  . ARG A 1 125 ? 14.105  -22.643 9.949   1.00 30.77 ? 125 ARG A CG  1 
ATOM   953  C CD  . ARG A 1 125 ? 14.441  -23.120 11.369  1.00 32.01 ? 125 ARG A CD  1 
ATOM   954  N NE  . ARG A 1 125 ? 13.341  -22.934 12.317  1.00 35.40 ? 125 ARG A NE  1 
ATOM   955  C CZ  . ARG A 1 125 ? 12.453  -23.869 12.654  1.00 36.87 ? 125 ARG A CZ  1 
ATOM   956  N NH1 . ARG A 1 125 ? 12.524  -25.093 12.127  1.00 37.94 ? 125 ARG A NH1 1 
ATOM   957  N NH2 . ARG A 1 125 ? 11.470  -23.570 13.501  1.00 38.14 ? 125 ARG A NH2 1 
ATOM   958  N N   . GLY A 1 126 ? 13.725  -21.460 6.293   1.00 27.76 ? 126 GLY A N   1 
ATOM   959  C CA  . GLY A 1 126 ? 13.422  -22.334 5.180   1.00 28.89 ? 126 GLY A CA  1 
ATOM   960  C C   . GLY A 1 126 ? 12.064  -21.902 4.662   1.00 30.81 ? 126 GLY A C   1 
ATOM   961  O O   . GLY A 1 126 ? 11.879  -20.748 4.288   1.00 31.03 ? 126 GLY A O   1 
ATOM   962  N N   . GLU A 1 127 ? 11.103  -22.814 4.683   1.00 31.93 ? 127 GLU A N   1 
ATOM   963  C CA  . GLU A 1 127 ? 9.750   -22.517 4.229   1.00 33.47 ? 127 GLU A CA  1 
ATOM   964  C C   . GLU A 1 127 ? 8.778   -22.375 5.399   1.00 32.52 ? 127 GLU A C   1 
ATOM   965  O O   . GLU A 1 127 ? 7.593   -22.148 5.198   1.00 32.39 ? 127 GLU A O   1 
ATOM   966  C CB  . GLU A 1 127 ? 9.259   -23.587 3.240   1.00 35.12 ? 127 GLU A CB  1 
ATOM   967  C CG  . GLU A 1 127 ? 9.557   -25.032 3.648   1.00 40.20 ? 127 GLU A CG  1 
ATOM   968  C CD  . GLU A 1 127 ? 11.041  -25.393 3.559   1.00 41.58 ? 127 GLU A CD  1 
ATOM   969  O OE1 . GLU A 1 127 ? 11.591  -25.400 2.442   1.00 44.04 ? 127 GLU A OE1 1 
ATOM   970  O OE2 . GLU A 1 127 ? 11.661  -25.659 4.614   1.00 41.70 ? 127 GLU A OE2 1 
ATOM   971  N N   . LYS A 1 128 ? 9.309   -22.436 6.620   1.00 32.49 ? 128 LYS A N   1 
ATOM   972  C CA  . LYS A 1 128 ? 8.500   -22.334 7.845   1.00 32.65 ? 128 LYS A CA  1 
ATOM   973  C C   . LYS A 1 128 ? 8.385   -20.884 8.327   1.00 31.40 ? 128 LYS A C   1 
ATOM   974  O O   . LYS A 1 128 ? 9.360   -20.130 8.306   1.00 31.36 ? 128 LYS A O   1 
ATOM   975  C CB  . LYS A 1 128 ? 9.127   -23.177 8.963   1.00 33.58 ? 128 LYS A CB  1 
ATOM   976  C CG  . LYS A 1 128 ? 9.736   -24.471 8.468   1.00 36.10 ? 128 LYS A CG  1 
ATOM   977  C CD  . LYS A 1 128 ? 11.077  -24.736 9.140   1.00 36.75 ? 128 LYS A CD  1 
ATOM   978  C CE  . LYS A 1 128 ? 11.858  -25.811 8.395   1.00 38.01 ? 128 LYS A CE  1 
ATOM   979  N NZ  . LYS A 1 128 ? 12.134  -25.420 6.990   1.00 37.57 ? 128 LYS A NZ  1 
ATOM   980  N N   . GLU A 1 129 ? 7.202   -20.508 8.780   1.00 29.97 ? 129 GLU A N   1 
ATOM   981  C CA  . GLU A 1 129 ? 6.979   -19.162 9.264   1.00 28.31 ? 129 GLU A CA  1 
ATOM   982  C C   . GLU A 1 129 ? 7.343   -19.055 10.754  1.00 26.46 ? 129 GLU A C   1 
ATOM   983  O O   . GLU A 1 129 ? 6.842   -19.825 11.579  1.00 26.21 ? 129 GLU A O   1 
ATOM   984  C CB  . GLU A 1 129 ? 5.521   -18.738 9.002   1.00 29.19 ? 129 GLU A CB  1 
ATOM   985  C CG  . GLU A 1 129 ? 4.444   -19.535 9.745   1.00 31.04 ? 129 GLU A CG  1 
ATOM   986  C CD  . GLU A 1 129 ? 4.023   -20.841 9.065   1.00 31.33 ? 129 GLU A CD  1 
ATOM   987  O OE1 . GLU A 1 129 ? 4.749   -21.856 9.189   1.00 31.04 ? 129 GLU A OE1 1 
ATOM   988  O OE2 . GLU A 1 129 ? 2.930   -20.862 8.445   1.00 31.47 ? 129 GLU A OE2 1 
ATOM   989  N N   . LEU A 1 130 ? 8.252   -18.129 11.075  1.00 23.26 ? 130 LEU A N   1 
ATOM   990  C CA  . LEU A 1 130 ? 8.718   -17.898 12.447  1.00 19.29 ? 130 LEU A CA  1 
ATOM   991  C C   . LEU A 1 130 ? 8.031   -16.736 13.147  1.00 17.97 ? 130 LEU A C   1 
ATOM   992  O O   . LEU A 1 130 ? 7.795   -16.768 14.363  1.00 17.13 ? 130 LEU A O   1 
ATOM   993  C CB  . LEU A 1 130 ? 10.213  -17.603 12.453  1.00 20.14 ? 130 LEU A CB  1 
ATOM   994  C CG  . LEU A 1 130 ? 11.209  -18.598 11.865  1.00 20.51 ? 130 LEU A CG  1 
ATOM   995  C CD1 . LEU A 1 130 ? 12.638  -18.082 12.062  1.00 20.15 ? 130 LEU A CD1 1 
ATOM   996  C CD2 . LEU A 1 130 ? 11.027  -19.943 12.546  1.00 20.76 ? 130 LEU A CD2 1 
ATOM   997  N N   . LYS A 1 131 ? 7.733   -15.697 12.372  1.00 15.48 ? 131 LYS A N   1 
ATOM   998  C CA  . LYS A 1 131 ? 7.132   -14.479 12.882  1.00 14.58 ? 131 LYS A CA  1 
ATOM   999  C C   . LYS A 1 131 ? 6.344   -13.826 11.742  1.00 14.52 ? 131 LYS A C   1 
ATOM   1000 O O   . LYS A 1 131 ? 6.749   -13.931 10.574  1.00 14.10 ? 131 LYS A O   1 
ATOM   1001 C CB  . LYS A 1 131 ? 8.277   -13.535 13.311  1.00 13.76 ? 131 LYS A CB  1 
ATOM   1002 C CG  . LYS A 1 131 ? 7.893   -12.311 14.134  1.00 14.15 ? 131 LYS A CG  1 
ATOM   1003 C CD  . LYS A 1 131 ? 8.087   -12.567 15.616  1.00 17.97 ? 131 LYS A CD  1 
ATOM   1004 C CE  . LYS A 1 131 ? 7.563   -11.414 16.484  1.00 19.67 ? 131 LYS A CE  1 
ATOM   1005 N NZ  . LYS A 1 131 ? 8.339   -10.155 16.281  1.00 20.65 ? 131 LYS A NZ  1 
ATOM   1006 N N   . ARG A 1 132 ? 5.259   -13.135 12.096  1.00 14.23 ? 132 ARG A N   1 
ATOM   1007 C CA  . ARG A 1 132 ? 4.389   -12.406 11.152  1.00 15.50 ? 132 ARG A CA  1 
ATOM   1008 C C   . ARG A 1 132 ? 3.993   -11.139 11.880  1.00 15.82 ? 132 ARG A C   1 
ATOM   1009 O O   . ARG A 1 132 ? 3.642   -11.217 13.058  1.00 17.10 ? 132 ARG A O   1 
ATOM   1010 C CB  . ARG A 1 132 ? 3.094   -13.170 10.842  1.00 13.16 ? 132 ARG A CB  1 
ATOM   1011 C CG  . ARG A 1 132 ? 3.245   -14.267 9.864   1.00 15.72 ? 132 ARG A CG  1 
ATOM   1012 C CD  . ARG A 1 132 ? 1.902   -14.854 9.504   1.00 16.96 ? 132 ARG A CD  1 
ATOM   1013 N NE  . ARG A 1 132 ? 1.124   -13.947 8.671   1.00 18.76 ? 132 ARG A NE  1 
ATOM   1014 C CZ  . ARG A 1 132 ? 1.171   -13.909 7.336   1.00 16.65 ? 132 ARG A CZ  1 
ATOM   1015 N NH1 . ARG A 1 132 ? 1.956   -14.734 6.647   1.00 16.18 ? 132 ARG A NH1 1 
ATOM   1016 N NH2 . ARG A 1 132 ? 0.421   -13.032 6.692   1.00 18.73 ? 132 ARG A NH2 1 
ATOM   1017 N N   . GLU A 1 133 ? 4.012   -9.997  11.189  1.00 16.09 ? 133 GLU A N   1 
ATOM   1018 C CA  . GLU A 1 133 ? 3.656   -8.712  11.807  1.00 17.58 ? 133 GLU A CA  1 
ATOM   1019 C C   . GLU A 1 133 ? 3.230   -7.649  10.791  1.00 16.02 ? 133 GLU A C   1 
ATOM   1020 O O   . GLU A 1 133 ? 3.716   -7.618  9.669   1.00 15.37 ? 133 GLU A O   1 
ATOM   1021 C CB  . GLU A 1 133 ? 4.864   -8.123  12.574  1.00 19.92 ? 133 GLU A CB  1 
ATOM   1022 C CG  . GLU A 1 133 ? 4.980   -8.444  14.051  1.00 23.15 ? 133 GLU A CG  1 
ATOM   1023 C CD  . GLU A 1 133 ? 6.056   -7.605  14.759  1.00 26.03 ? 133 GLU A CD  1 
ATOM   1024 O OE1 . GLU A 1 133 ? 6.313   -6.452  14.338  1.00 26.74 ? 133 GLU A OE1 1 
ATOM   1025 O OE2 . GLU A 1 133 ? 6.658   -8.095  15.748  1.00 27.66 ? 133 GLU A OE2 1 
ATOM   1026 N N   . PRO A 1 134 ? 2.270   -6.794  11.158  1.00 16.54 ? 134 PRO A N   1 
ATOM   1027 C CA  . PRO A 1 134 ? 1.859   -5.748  10.217  1.00 15.97 ? 134 PRO A CA  1 
ATOM   1028 C C   . PRO A 1 134 ? 3.090   -4.852  10.000  1.00 16.43 ? 134 PRO A C   1 
ATOM   1029 O O   . PRO A 1 134 ? 3.912   -4.682  10.911  1.00 17.14 ? 134 PRO A O   1 
ATOM   1030 C CB  . PRO A 1 134 ? 0.793   -4.984  11.004  1.00 16.32 ? 134 PRO A CB  1 
ATOM   1031 C CG  . PRO A 1 134 ? 0.195   -6.028  11.900  1.00 17.04 ? 134 PRO A CG  1 
ATOM   1032 C CD  . PRO A 1 134 ? 1.410   -6.808  12.358  1.00 16.68 ? 134 PRO A CD  1 
ATOM   1033 N N   . ALA A 1 135 ? 3.258   -4.321  8.795   1.00 16.74 ? 135 ALA A N   1 
ATOM   1034 C CA  . ALA A 1 135 ? 4.408   -3.457  8.517   1.00 17.25 ? 135 ALA A CA  1 
ATOM   1035 C C   . ALA A 1 135 ? 4.215   -2.077  9.135   1.00 18.02 ? 135 ALA A C   1 
ATOM   1036 O O   . ALA A 1 135 ? 3.296   -1.351  8.754   1.00 19.42 ? 135 ALA A O   1 
ATOM   1037 C CB  . ALA A 1 135 ? 4.621   -3.331  7.012   1.00 15.25 ? 135 ALA A CB  1 
ATOM   1038 N N   . VAL A 1 136 ? 5.063   -1.716  10.095  1.00 18.12 ? 136 VAL A N   1 
ATOM   1039 C CA  . VAL A 1 136 ? 4.962   -0.405  10.727  1.00 17.92 ? 136 VAL A CA  1 
ATOM   1040 C C   . VAL A 1 136 ? 6.318   0.315   10.728  1.00 18.02 ? 136 VAL A C   1 
ATOM   1041 O O   . VAL A 1 136 ? 7.368   -0.315  10.814  1.00 16.60 ? 136 VAL A O   1 
ATOM   1042 C CB  . VAL A 1 136 ? 4.409   -0.483  12.176  1.00 19.02 ? 136 VAL A CB  1 
ATOM   1043 C CG1 . VAL A 1 136 ? 4.135   0.929   12.696  1.00 20.46 ? 136 VAL A CG1 1 
ATOM   1044 C CG2 . VAL A 1 136 ? 3.108   -1.313  12.232  1.00 18.51 ? 136 VAL A CG2 1 
ATOM   1045 N N   . GLY A 1 137 ? 6.279   1.632   10.547  1.00 19.03 ? 137 GLY A N   1 
ATOM   1046 C CA  . GLY A 1 137 ? 7.491   2.438   10.529  1.00 17.83 ? 137 GLY A CA  1 
ATOM   1047 C C   . GLY A 1 137 ? 8.195   2.469   9.194   1.00 17.43 ? 137 GLY A C   1 
ATOM   1048 O O   . GLY A 1 137 ? 7.761   1.828   8.226   1.00 17.92 ? 137 GLY A O   1 
ATOM   1049 N N   . GLU A 1 138 ? 9.288   3.217   9.132   1.00 17.62 ? 138 GLU A N   1 
ATOM   1050 C CA  . GLU A 1 138 ? 10.057  3.323   7.899   1.00 16.88 ? 138 GLU A CA  1 
ATOM   1051 C C   . GLU A 1 138 ? 11.541  3.419   8.169   1.00 15.56 ? 138 GLU A C   1 
ATOM   1052 O O   . GLU A 1 138 ? 11.972  4.329   8.863   1.00 16.04 ? 138 GLU A O   1 
ATOM   1053 C CB  . GLU A 1 138 ? 9.626   4.553   7.093   1.00 17.91 ? 138 GLU A CB  1 
ATOM   1054 C CG  . GLU A 1 138 ? 10.189  4.554   5.678   1.00 17.66 ? 138 GLU A CG  1 
ATOM   1055 C CD  . GLU A 1 138 ? 9.695   3.365   4.879   1.00 17.95 ? 138 GLU A CD  1 
ATOM   1056 O OE1 . GLU A 1 138 ? 8.487   3.078   4.921   1.00 20.84 ? 138 GLU A OE1 1 
ATOM   1057 O OE2 . GLU A 1 138 ? 10.504  2.708   4.212   1.00 18.84 ? 138 GLU A OE2 1 
ATOM   1058 N N   . PRO A 1 139 ? 12.305  2.376   7.810   1.00 14.64 ? 139 PRO A N   1 
ATOM   1059 C CA  . PRO A 1 139 ? 11.808  1.142   7.186   1.00 14.03 ? 139 PRO A CA  1 
ATOM   1060 C C   . PRO A 1 139 ? 11.059  0.309   8.230   1.00 12.72 ? 139 PRO A C   1 
ATOM   1061 O O   . PRO A 1 139 ? 11.286  0.473   9.423   1.00 10.74 ? 139 PRO A O   1 
ATOM   1062 C CB  . PRO A 1 139 ? 13.088  0.434   6.740   1.00 14.50 ? 139 PRO A CB  1 
ATOM   1063 C CG  . PRO A 1 139 ? 14.111  0.924   7.703   1.00 15.02 ? 139 PRO A CG  1 
ATOM   1064 C CD  . PRO A 1 139 ? 13.774  2.387   7.850   1.00 14.90 ? 139 PRO A CD  1 
ATOM   1065 N N   . ALA A 1 140 ? 10.112  -0.512  7.776   1.00 12.10 ? 140 ALA A N   1 
ATOM   1066 C CA  . ALA A 1 140 ? 9.332   -1.374  8.679   1.00 12.16 ? 140 ALA A CA  1 
ATOM   1067 C C   . ALA A 1 140 ? 10.259  -2.515  9.088   1.00 12.75 ? 140 ALA A C   1 
ATOM   1068 O O   . ALA A 1 140 ? 10.785  -3.223  8.242   1.00 13.94 ? 140 ALA A O   1 
ATOM   1069 C CB  . ALA A 1 140 ? 8.091   -1.922  7.965   1.00 9.71  ? 140 ALA A CB  1 
ATOM   1070 N N   . GLU A 1 141 ? 10.583  -2.584  10.368  1.00 15.49 ? 141 GLU A N   1 
ATOM   1071 C CA  . GLU A 1 141 ? 11.463  -3.636  10.863  1.00 16.52 ? 141 GLU A CA  1 
ATOM   1072 C C   . GLU A 1 141 ? 10.645  -4.690  11.596  1.00 16.25 ? 141 GLU A C   1 
ATOM   1073 O O   . GLU A 1 141 ? 9.616   -4.361  12.225  1.00 15.05 ? 141 GLU A O   1 
ATOM   1074 C CB  . GLU A 1 141 ? 12.482  -3.074  11.855  1.00 16.45 ? 141 GLU A CB  1 
ATOM   1075 C CG  . GLU A 1 141 ? 13.503  -2.131  11.282  1.00 19.11 ? 141 GLU A CG  1 
ATOM   1076 C CD  . GLU A 1 141 ? 14.821  -2.186  12.026  1.00 20.29 ? 141 GLU A CD  1 
ATOM   1077 O OE1 . GLU A 1 141 ? 14.849  -2.042  13.266  1.00 22.24 ? 141 GLU A OE1 1 
ATOM   1078 O OE2 . GLU A 1 141 ? 15.859  -2.384  11.367  1.00 22.35 ? 141 GLU A OE2 1 
ATOM   1079 N N   . VAL A 1 142 ? 11.088  -5.947  11.474  1.00 16.24 ? 142 VAL A N   1 
ATOM   1080 C CA  . VAL A 1 142 ? 10.483  -7.097  12.173  1.00 16.48 ? 142 VAL A CA  1 
ATOM   1081 C C   . VAL A 1 142 ? 11.647  -7.969  12.664  1.00 17.41 ? 142 VAL A C   1 
ATOM   1082 O O   . VAL A 1 142 ? 12.548  -8.283  11.892  1.00 16.50 ? 142 VAL A O   1 
ATOM   1083 C CB  . VAL A 1 142 ? 9.532   -7.921  11.284  1.00 16.90 ? 142 VAL A CB  1 
ATOM   1084 C CG1 . VAL A 1 142 ? 9.154   -9.230  11.991  1.00 17.24 ? 142 VAL A CG1 1 
ATOM   1085 C CG2 . VAL A 1 142 ? 8.253   -7.139  11.034  1.00 16.76 ? 142 VAL A CG2 1 
ATOM   1086 N N   . THR A 1 143 ? 11.651  -8.309  13.953  1.00 17.37 ? 143 THR A N   1 
ATOM   1087 C CA  . THR A 1 143 ? 12.734  -9.095  14.549  1.00 18.86 ? 143 THR A CA  1 
ATOM   1088 C C   . THR A 1 143 ? 12.294  -10.340 15.346  1.00 19.83 ? 143 THR A C   1 
ATOM   1089 O O   . THR A 1 143 ? 11.161  -10.407 15.849  1.00 18.28 ? 143 THR A O   1 
ATOM   1090 C CB  . THR A 1 143 ? 13.589  -8.213  15.508  1.00 18.21 ? 143 THR A CB  1 
ATOM   1091 O OG1 . THR A 1 143 ? 12.775  -7.760  16.599  1.00 19.84 ? 143 THR A OG1 1 
ATOM   1092 C CG2 . THR A 1 143 ? 14.138  -7.005  14.784  1.00 17.53 ? 143 THR A CG2 1 
ATOM   1093 N N   . THR A 1 144 ? 13.204  -11.314 15.458  1.00 20.97 ? 144 THR A N   1 
ATOM   1094 C CA  . THR A 1 144 ? 12.936  -12.536 16.229  1.00 21.73 ? 144 THR A CA  1 
ATOM   1095 C C   . THR A 1 144 ? 14.242  -13.218 16.640  1.00 22.03 ? 144 THR A C   1 
ATOM   1096 O O   . THR A 1 144 ? 15.255  -13.111 15.948  1.00 20.98 ? 144 THR A O   1 
ATOM   1097 C CB  . THR A 1 144 ? 12.010  -13.541 15.461  1.00 21.22 ? 144 THR A CB  1 
ATOM   1098 O OG1 . THR A 1 144 ? 11.362  -14.414 16.396  1.00 24.04 ? 144 THR A OG1 1 
ATOM   1099 C CG2 . THR A 1 144 ? 12.782  -14.389 14.485  1.00 19.46 ? 144 THR A CG2 1 
ATOM   1100 N N   . THR A 1 145 ? 14.238  -13.852 17.806  1.00 22.80 ? 145 THR A N   1 
ATOM   1101 C CA  . THR A 1 145 ? 15.422  -14.558 18.270  1.00 24.44 ? 145 THR A CA  1 
ATOM   1102 C C   . THR A 1 145 ? 15.313  -15.986 17.792  1.00 24.23 ? 145 THR A C   1 
ATOM   1103 O O   . THR A 1 145 ? 14.219  -16.500 17.581  1.00 25.22 ? 145 THR A O   1 
ATOM   1104 C CB  . THR A 1 145 ? 15.555  -14.550 19.799  1.00 25.02 ? 145 THR A CB  1 
ATOM   1105 O OG1 . THR A 1 145 ? 14.362  -15.081 20.395  1.00 26.58 ? 145 THR A OG1 1 
ATOM   1106 C CG2 . THR A 1 145 ? 15.795  -13.156 20.290  1.00 25.56 ? 145 THR A CG2 1 
ATOM   1107 N N   . VAL A 1 146 ? 16.460  -16.603 17.577  1.00 25.44 ? 146 VAL A N   1 
ATOM   1108 C CA  . VAL A 1 146 ? 16.550  -17.971 17.108  1.00 27.22 ? 146 VAL A CA  1 
ATOM   1109 C C   . VAL A 1 146 ? 17.664  -18.658 17.902  1.00 28.62 ? 146 VAL A C   1 
ATOM   1110 O O   . VAL A 1 146 ? 18.821  -18.218 17.870  1.00 28.85 ? 146 VAL A O   1 
ATOM   1111 C CB  . VAL A 1 146 ? 16.906  -17.997 15.602  1.00 26.98 ? 146 VAL A CB  1 
ATOM   1112 C CG1 . VAL A 1 146 ? 17.351  -19.392 15.175  1.00 27.09 ? 146 VAL A CG1 1 
ATOM   1113 C CG2 . VAL A 1 146 ? 15.704  -17.519 14.773  1.00 26.55 ? 146 VAL A CG2 1 
ATOM   1114 N N   . LEU A 1 147 ? 17.294  -19.681 18.668  1.00 29.65 ? 147 LEU A N   1 
ATOM   1115 C CA  . LEU A 1 147 ? 18.247  -20.445 19.467  1.00 30.10 ? 147 LEU A CA  1 
ATOM   1116 C C   . LEU A 1 147 ? 19.009  -21.382 18.551  1.00 30.58 ? 147 LEU A C   1 
ATOM   1117 O O   . LEU A 1 147 ? 18.474  -22.388 18.114  1.00 31.16 ? 147 LEU A O   1 
ATOM   1118 C CB  . LEU A 1 147 ? 17.518  -21.249 20.554  1.00 29.53 ? 147 LEU A CB  1 
ATOM   1119 C CG  . LEU A 1 147 ? 18.360  -22.141 21.487  1.00 28.39 ? 147 LEU A CG  1 
ATOM   1120 C CD1 . LEU A 1 147 ? 19.679  -21.473 21.852  1.00 27.69 ? 147 LEU A CD1 1 
ATOM   1121 C CD2 . LEU A 1 147 ? 17.564  -22.434 22.744  1.00 27.25 ? 147 LEU A CD2 1 
ATOM   1122 N N   . VAL A 1 148 ? 20.267  -21.061 18.280  1.00 32.35 ? 148 VAL A N   1 
ATOM   1123 C CA  . VAL A 1 148 ? 21.073  -21.885 17.383  1.00 34.35 ? 148 VAL A CA  1 
ATOM   1124 C C   . VAL A 1 148 ? 21.235  -23.320 17.879  1.00 36.48 ? 148 VAL A C   1 
ATOM   1125 O O   . VAL A 1 148 ? 21.773  -23.561 18.961  1.00 35.77 ? 148 VAL A O   1 
ATOM   1126 C CB  . VAL A 1 148 ? 22.467  -21.257 17.128  1.00 34.29 ? 148 VAL A CB  1 
ATOM   1127 C CG1 . VAL A 1 148 ? 23.249  -22.093 16.135  1.00 33.96 ? 148 VAL A CG1 1 
ATOM   1128 C CG2 . VAL A 1 148 ? 22.315  -19.828 16.608  1.00 34.05 ? 148 VAL A CG2 1 
ATOM   1129 N N   . ARG A 1 149 ? 20.729  -24.261 17.087  1.00 39.22 ? 149 ARG A N   1 
ATOM   1130 C CA  . ARG A 1 149 ? 20.815  -25.695 17.386  1.00 41.81 ? 149 ARG A CA  1 
ATOM   1131 C C   . ARG A 1 149 ? 21.682  -26.301 16.290  1.00 43.16 ? 149 ARG A C   1 
ATOM   1132 O O   . ARG A 1 149 ? 21.991  -25.629 15.307  1.00 42.78 ? 149 ARG A O   1 
ATOM   1133 C CB  . ARG A 1 149 ? 19.426  -26.343 17.301  1.00 41.57 ? 149 ARG A CB  1 
ATOM   1134 C CG  . ARG A 1 149 ? 18.370  -25.749 18.220  1.00 42.52 ? 149 ARG A CG  1 
ATOM   1135 C CD  . ARG A 1 149 ? 16.975  -26.216 17.814  1.00 43.45 ? 149 ARG A CD  1 
ATOM   1136 N NE  . ARG A 1 149 ? 16.829  -27.670 17.875  1.00 44.41 ? 149 ARG A NE  1 
ATOM   1137 C CZ  . ARG A 1 149 ? 16.399  -28.340 18.944  1.00 44.73 ? 149 ARG A CZ  1 
ATOM   1138 N NH1 . ARG A 1 149 ? 16.069  -27.688 20.056  1.00 44.51 ? 149 ARG A NH1 1 
ATOM   1139 N NH2 . ARG A 1 149 ? 16.299  -29.661 18.900  1.00 45.40 ? 149 ARG A NH2 1 
ATOM   1140 N N   . ARG A 1 150 ? 22.091  -27.555 16.453  1.00 45.37 ? 150 ARG A N   1 
ATOM   1141 C CA  . ARG A 1 150 ? 22.874  -28.204 15.404  1.00 47.20 ? 150 ARG A CA  1 
ATOM   1142 C C   . ARG A 1 150 ? 21.867  -28.446 14.287  1.00 47.41 ? 150 ARG A C   1 
ATOM   1143 O O   . ARG A 1 150 ? 22.232  -28.573 13.114  1.00 47.18 ? 150 ARG A O   1 
ATOM   1144 C CB  . ARG A 1 150 ? 23.471  -29.535 15.867  1.00 48.87 ? 150 ARG A CB  1 
ATOM   1145 C CG  . ARG A 1 150 ? 24.499  -30.083 14.884  1.00 50.60 ? 150 ARG A CG  1 
ATOM   1146 C CD  . ARG A 1 150 ? 24.901  -31.519 15.181  1.00 51.71 ? 150 ARG A CD  1 
ATOM   1147 N NE  . ARG A 1 150 ? 25.737  -32.044 14.105  1.00 51.83 ? 150 ARG A NE  1 
ATOM   1148 C CZ  . ARG A 1 150 ? 25.862  -33.331 13.800  1.00 52.02 ? 150 ARG A CZ  1 
ATOM   1149 N NH1 . ARG A 1 150 ? 25.209  -34.249 14.505  1.00 52.59 ? 150 ARG A NH1 1 
ATOM   1150 N NH2 . ARG A 1 150 ? 26.646  -33.696 12.792  1.00 52.10 ? 150 ARG A NH2 1 
ATOM   1151 N N   . ASP A 1 151 ? 20.596  -28.537 14.694  1.00 48.06 ? 151 ASP A N   1 
ATOM   1152 C CA  . ASP A 1 151 ? 19.462  -28.716 13.789  1.00 48.04 ? 151 ASP A CA  1 
ATOM   1153 C C   . ASP A 1 151 ? 19.550  -27.590 12.762  1.00 47.63 ? 151 ASP A C   1 
ATOM   1154 O O   . ASP A 1 151 ? 19.246  -27.783 11.589  1.00 48.37 ? 151 ASP A O   1 
ATOM   1155 C CB  . ASP A 1 151 ? 18.136  -28.601 14.563  1.00 48.71 ? 151 ASP A CB  1 
ATOM   1156 C CG  . ASP A 1 151 ? 17.777  -29.874 15.329  1.00 49.48 ? 151 ASP A CG  1 
ATOM   1157 O OD1 . ASP A 1 151 ? 17.269  -30.827 14.698  1.00 49.16 ? 151 ASP A OD1 1 
ATOM   1158 O OD2 . ASP A 1 151 ? 17.962  -29.912 16.570  1.00 50.52 ? 151 ASP A OD2 1 
ATOM   1159 N N   . HIS A 1 152 ? 19.908  -26.395 13.232  1.00 47.26 ? 152 HIS A N   1 
ATOM   1160 C CA  . HIS A 1 152 ? 20.094  -25.233 12.364  1.00 46.00 ? 152 HIS A CA  1 
ATOM   1161 C C   . HIS A 1 152 ? 21.459  -25.438 11.719  1.00 45.65 ? 152 HIS A C   1 
ATOM   1162 O O   . HIS A 1 152 ? 22.492  -25.134 12.318  1.00 45.65 ? 152 HIS A O   1 
ATOM   1163 C CB  . HIS A 1 152 ? 20.120  -23.942 13.186  1.00 45.47 ? 152 HIS A CB  1 
ATOM   1164 C CG  . HIS A 1 152 ? 18.794  -23.563 13.762  1.00 44.73 ? 152 HIS A CG  1 
ATOM   1165 N ND1 . HIS A 1 152 ? 18.670  -22.876 14.953  1.00 44.62 ? 152 HIS A ND1 1 
ATOM   1166 C CD2 . HIS A 1 152 ? 17.534  -23.766 13.311  1.00 44.48 ? 152 HIS A CD2 1 
ATOM   1167 C CE1 . HIS A 1 152 ? 17.390  -22.675 15.209  1.00 44.12 ? 152 HIS A CE1 1 
ATOM   1168 N NE2 . HIS A 1 152 ? 16.680  -23.205 14.229  1.00 44.44 ? 152 HIS A NE2 1 
ATOM   1169 N N   . HIS A 1 153 ? 21.455  -25.990 10.514  1.00 45.14 ? 153 HIS A N   1 
ATOM   1170 C CA  . HIS A 1 153 ? 22.683  -26.275 9.788   1.00 44.40 ? 153 HIS A CA  1 
ATOM   1171 C C   . HIS A 1 153 ? 22.788  -25.402 8.543   1.00 43.63 ? 153 HIS A C   1 
ATOM   1172 O O   . HIS A 1 153 ? 23.189  -24.245 8.615   1.00 43.76 ? 153 HIS A O   1 
ATOM   1173 C CB  . HIS A 1 153 ? 22.722  -27.760 9.427   1.00 46.03 ? 153 HIS A CB  1 
ATOM   1174 C CG  . HIS A 1 153 ? 21.442  -28.283 8.846   1.00 47.53 ? 153 HIS A CG  1 
ATOM   1175 N ND1 . HIS A 1 153 ? 21.344  -29.540 8.283   1.00 48.77 ? 153 HIS A ND1 1 
ATOM   1176 C CD2 . HIS A 1 153 ? 20.208  -27.732 8.745   1.00 48.20 ? 153 HIS A CD2 1 
ATOM   1177 C CE1 . HIS A 1 153 ? 20.106  -29.738 7.864   1.00 48.74 ? 153 HIS A CE1 1 
ATOM   1178 N NE2 . HIS A 1 153 ? 19.396  -28.656 8.131   1.00 48.39 ? 153 HIS A NE2 1 
ATOM   1179 N N   . GLY A 1 154 ? 22.420  -25.952 7.395   1.00 41.97 ? 154 GLY A N   1 
ATOM   1180 C CA  . GLY A 1 154 ? 22.448  -25.168 6.181   1.00 39.93 ? 154 GLY A CA  1 
ATOM   1181 C C   . GLY A 1 154 ? 21.060  -24.599 6.043   1.00 39.17 ? 154 GLY A C   1 
ATOM   1182 O O   . GLY A 1 154 ? 20.484  -24.580 4.955   1.00 38.65 ? 154 GLY A O   1 
ATOM   1183 N N   . ALA A 1 155 ? 20.493  -24.221 7.184   1.00 38.02 ? 155 ALA A N   1 
ATOM   1184 C CA  . ALA A 1 155 ? 19.171  -23.635 7.228   1.00 36.94 ? 155 ALA A CA  1 
ATOM   1185 C C   . ALA A 1 155 ? 19.311  -22.228 6.670   1.00 35.73 ? 155 ALA A C   1 
ATOM   1186 O O   . ALA A 1 155 ? 20.195  -21.461 7.075   1.00 34.85 ? 155 ALA A O   1 
ATOM   1187 C CB  . ALA A 1 155 ? 18.650  -23.594 8.660   1.00 36.73 ? 155 ALA A CB  1 
ATOM   1188 N N   . GLN A 1 156 ? 18.516  -21.950 5.650   1.00 34.75 ? 156 GLN A N   1 
ATOM   1189 C CA  . GLN A 1 156 ? 18.512  -20.649 5.022   1.00 34.08 ? 156 GLN A CA  1 
ATOM   1190 C C   . GLN A 1 156 ? 17.349  -19.920 5.667   1.00 32.46 ? 156 GLN A C   1 
ATOM   1191 O O   . GLN A 1 156 ? 16.296  -20.514 5.889   1.00 32.26 ? 156 GLN A O   1 
ATOM   1192 C CB  . GLN A 1 156 ? 18.302  -20.800 3.513   1.00 35.55 ? 156 GLN A CB  1 
ATOM   1193 C CG  . GLN A 1 156 ? 19.442  -21.537 2.815   1.00 37.54 ? 156 GLN A CG  1 
ATOM   1194 C CD  . GLN A 1 156 ? 19.053  -22.090 1.456   1.00 39.64 ? 156 GLN A CD  1 
ATOM   1195 O OE1 . GLN A 1 156 ? 19.118  -23.306 1.223   1.00 40.34 ? 156 GLN A OE1 1 
ATOM   1196 N NE2 . GLN A 1 156 ? 18.647  -21.203 0.545   1.00 39.65 ? 156 GLN A NE2 1 
ATOM   1197 N N   . PHE A 1 157 ? 17.586  -18.695 6.112   1.00 30.21 ? 157 PHE A N   1 
ATOM   1198 C CA  . PHE A 1 157 ? 16.522  -17.904 6.718   1.00 28.10 ? 157 PHE A CA  1 
ATOM   1199 C C   . PHE A 1 157 ? 16.198  -16.779 5.730   1.00 26.69 ? 157 PHE A C   1 
ATOM   1200 O O   . PHE A 1 157 ? 17.067  -16.336 4.977   1.00 25.17 ? 157 PHE A O   1 
ATOM   1201 C CB  . PHE A 1 157 ? 16.961  -17.342 8.079   1.00 28.79 ? 157 PHE A CB  1 
ATOM   1202 C CG  . PHE A 1 157 ? 17.148  -18.398 9.161   1.00 29.25 ? 157 PHE A CG  1 
ATOM   1203 C CD1 . PHE A 1 157 ? 18.327  -19.148 9.239   1.00 29.94 ? 157 PHE A CD1 1 
ATOM   1204 C CD2 . PHE A 1 157 ? 16.177  -18.598 10.133  1.00 28.94 ? 157 PHE A CD2 1 
ATOM   1205 C CE1 . PHE A 1 157 ? 18.528  -20.076 10.279  1.00 29.35 ? 157 PHE A CE1 1 
ATOM   1206 C CE2 . PHE A 1 157 ? 16.366  -19.518 11.172  1.00 28.10 ? 157 PHE A CE2 1 
ATOM   1207 C CZ  . PHE A 1 157 ? 17.543  -20.256 11.246  1.00 28.52 ? 157 PHE A CZ  1 
ATOM   1208 N N   . SER A 1 158 ? 14.941  -16.353 5.685   1.00 25.09 ? 158 SER A N   1 
ATOM   1209 C CA  . SER A 1 158 ? 14.569  -15.287 4.760   1.00 22.28 ? 158 SER A CA  1 
ATOM   1210 C C   . SER A 1 158 ? 13.437  -14.449 5.316   1.00 22.01 ? 158 SER A C   1 
ATOM   1211 O O   . SER A 1 158 ? 12.897  -14.756 6.387   1.00 19.05 ? 158 SER A O   1 
ATOM   1212 C CB  . SER A 1 158 ? 14.178  -15.854 3.387   1.00 20.89 ? 158 SER A CB  1 
ATOM   1213 O OG  . SER A 1 158 ? 12.973  -16.589 3.451   1.00 19.18 ? 158 SER A OG  1 
ATOM   1214 N N   . CYS A 1 159 ? 13.167  -13.338 4.630   1.00 21.27 ? 159 CYS A N   1 
ATOM   1215 C CA  . CYS A 1 159 ? 12.102  -12.417 4.996   1.00 21.99 ? 159 CYS A CA  1 
ATOM   1216 C C   . CYS A 1 159 ? 11.228  -12.244 3.767   1.00 21.32 ? 159 CYS A C   1 
ATOM   1217 O O   . CYS A 1 159 ? 11.730  -12.161 2.648   1.00 21.05 ? 159 CYS A O   1 
ATOM   1218 C CB  . CYS A 1 159 ? 12.659  -11.063 5.425   1.00 23.05 ? 159 CYS A CB  1 
ATOM   1219 S SG  . CYS A 1 159 ? 11.337  -9.866  5.791   1.00 29.07 ? 159 CYS A SG  1 
ATOM   1220 N N   . ARG A 1 160 ? 9.923   -12.152 3.988   1.00 21.12 ? 160 ARG A N   1 
ATOM   1221 C CA  . ARG A 1 160 ? 8.959   -12.033 2.906   1.00 20.20 ? 160 ARG A CA  1 
ATOM   1222 C C   . ARG A 1 160 ? 7.931   -10.982 3.277   1.00 18.24 ? 160 ARG A C   1 
ATOM   1223 O O   . ARG A 1 160 ? 7.648   -10.770 4.453   1.00 15.31 ? 160 ARG A O   1 
ATOM   1224 C CB  . ARG A 1 160 ? 8.257   -13.384 2.751   1.00 24.14 ? 160 ARG A CB  1 
ATOM   1225 C CG  . ARG A 1 160 ? 7.458   -13.606 1.474   1.00 29.23 ? 160 ARG A CG  1 
ATOM   1226 C CD  . ARG A 1 160 ? 7.737   -15.031 0.959   1.00 33.84 ? 160 ARG A CD  1 
ATOM   1227 N NE  . ARG A 1 160 ? 7.008   -15.361 -0.266  1.00 38.06 ? 160 ARG A NE  1 
ATOM   1228 C CZ  . ARG A 1 160 ? 7.488   -16.121 -1.247  1.00 39.44 ? 160 ARG A CZ  1 
ATOM   1229 N NH1 . ARG A 1 160 ? 8.709   -16.637 -1.153  1.00 40.82 ? 160 ARG A NH1 1 
ATOM   1230 N NH2 . ARG A 1 160 ? 6.751   -16.355 -2.326  1.00 41.61 ? 160 ARG A NH2 1 
ATOM   1231 N N   . THR A 1 161 ? 7.429   -10.266 2.281   1.00 16.32 ? 161 THR A N   1 
ATOM   1232 C CA  . THR A 1 161 ? 6.386   -9.289  2.533   1.00 12.78 ? 161 THR A CA  1 
ATOM   1233 C C   . THR A 1 161 ? 5.189   -9.767  1.755   1.00 12.45 ? 161 THR A C   1 
ATOM   1234 O O   . THR A 1 161 ? 5.361   -10.420 0.722   1.00 11.90 ? 161 THR A O   1 
ATOM   1235 C CB  . THR A 1 161 ? 6.769   -7.881  2.052   1.00 13.52 ? 161 THR A CB  1 
ATOM   1236 O OG1 . THR A 1 161 ? 7.242   -7.928  0.688   1.00 11.88 ? 161 THR A OG1 1 
ATOM   1237 C CG2 . THR A 1 161 ? 7.810   -7.290  2.983   1.00 8.42  ? 161 THR A CG2 1 
ATOM   1238 N N   . GLU A 1 162 ? 3.996   -9.511  2.290   1.00 11.80 ? 162 GLU A N   1 
ATOM   1239 C CA  . GLU A 1 162 ? 2.746   -9.881  1.621   1.00 11.71 ? 162 GLU A CA  1 
ATOM   1240 C C   . GLU A 1 162 ? 1.864   -8.637  1.528   1.00 9.98  ? 162 GLU A C   1 
ATOM   1241 O O   . GLU A 1 162 ? 1.426   -8.104  2.545   1.00 8.95  ? 162 GLU A O   1 
ATOM   1242 C CB  . GLU A 1 162 ? 2.019   -10.978 2.411   1.00 12.48 ? 162 GLU A CB  1 
ATOM   1243 C CG  . GLU A 1 162 ? 2.773   -12.315 2.418   1.00 12.46 ? 162 GLU A CG  1 
ATOM   1244 C CD  . GLU A 1 162 ? 2.277   -13.307 3.473   1.00 13.36 ? 162 GLU A CD  1 
ATOM   1245 O OE1 . GLU A 1 162 ? 1.209   -13.098 4.088   1.00 12.60 ? 162 GLU A OE1 1 
ATOM   1246 O OE2 . GLU A 1 162 ? 2.979   -14.305 3.707   1.00 12.73 ? 162 GLU A OE2 1 
ATOM   1247 N N   . LEU A 1 163 ? 1.653   -8.149  0.312   1.00 9.25  ? 163 LEU A N   1 
ATOM   1248 C CA  . LEU A 1 163 ? 0.812   -6.964  0.084   1.00 7.36  ? 163 LEU A CA  1 
ATOM   1249 C C   . LEU A 1 163 ? -0.477  -7.577  -0.376  1.00 7.80  ? 163 LEU A C   1 
ATOM   1250 O O   . LEU A 1 163 ? -0.644  -7.853  -1.577  1.00 7.13  ? 163 LEU A O   1 
ATOM   1251 C CB  . LEU A 1 163 ? 1.385   -6.110  -1.045  1.00 6.07  ? 163 LEU A CB  1 
ATOM   1252 C CG  . LEU A 1 163 ? 1.313   -4.585  -0.957  1.00 8.49  ? 163 LEU A CG  1 
ATOM   1253 C CD1 . LEU A 1 163 ? 1.232   -3.994  -2.386  1.00 7.39  ? 163 LEU A CD1 1 
ATOM   1254 C CD2 . LEU A 1 163 ? 0.155   -4.115  -0.093  1.00 4.48  ? 163 LEU A CD2 1 
ATOM   1255 N N   . ASP A 1 164 ? -1.381  -7.807  0.567   1.00 8.89  ? 164 ASP A N   1 
ATOM   1256 C CA  . ASP A 1 164 ? -2.628  -8.481  0.230   1.00 11.96 ? 164 ASP A CA  1 
ATOM   1257 C C   . ASP A 1 164 ? -3.753  -7.581  -0.234  1.00 11.62 ? 164 ASP A C   1 
ATOM   1258 O O   . ASP A 1 164 ? -4.517  -7.063  0.584   1.00 11.79 ? 164 ASP A O   1 
ATOM   1259 C CB  . ASP A 1 164 ? -3.095  -9.339  1.407   1.00 12.25 ? 164 ASP A CB  1 
ATOM   1260 C CG  . ASP A 1 164 ? -4.180  -10.330 1.014   1.00 15.11 ? 164 ASP A CG  1 
ATOM   1261 O OD1 . ASP A 1 164 ? -4.633  -10.309 -0.161  1.00 12.19 ? 164 ASP A OD1 1 
ATOM   1262 O OD2 . ASP A 1 164 ? -4.542  -11.169 1.871   1.00 16.34 ? 164 ASP A OD2 1 
ATOM   1263 N N   . LEU A 1 165 ? -3.892  -7.440  -1.548  1.00 11.39 ? 165 LEU A N   1 
ATOM   1264 C CA  . LEU A 1 165 ? -4.945  -6.585  -2.101  1.00 12.54 ? 165 LEU A CA  1 
ATOM   1265 C C   . LEU A 1 165 ? -6.164  -7.364  -2.559  1.00 12.91 ? 165 LEU A C   1 
ATOM   1266 O O   . LEU A 1 165 ? -7.052  -6.794  -3.206  1.00 13.09 ? 165 LEU A O   1 
ATOM   1267 C CB  . LEU A 1 165 ? -4.422  -5.771  -3.288  1.00 12.78 ? 165 LEU A CB  1 
ATOM   1268 C CG  . LEU A 1 165 ? -3.692  -4.462  -3.016  1.00 11.58 ? 165 LEU A CG  1 
ATOM   1269 C CD1 . LEU A 1 165 ? -3.326  -4.266  -1.564  1.00 11.30 ? 165 LEU A CD1 1 
ATOM   1270 C CD2 . LEU A 1 165 ? -2.506  -4.409  -3.941  1.00 11.90 ? 165 LEU A CD2 1 
ATOM   1271 N N   . ARG A 1 166 ? -6.199  -8.664  -2.269  1.00 11.39 ? 166 ARG A N   1 
ATOM   1272 C CA  . ARG A 1 166 ? -7.342  -9.490  -2.655  1.00 11.32 ? 166 ARG A CA  1 
ATOM   1273 C C   . ARG A 1 166 ? -8.647  -8.908  -2.130  1.00 11.61 ? 166 ARG A C   1 
ATOM   1274 O O   . ARG A 1 166 ? -9.653  -8.936  -2.823  1.00 11.13 ? 166 ARG A O   1 
ATOM   1275 C CB  . ARG A 1 166 ? -7.170  -10.932 -2.157  1.00 10.92 ? 166 ARG A CB  1 
ATOM   1276 C CG  . ARG A 1 166 ? -6.150  -11.725 -2.951  1.00 11.56 ? 166 ARG A CG  1 
ATOM   1277 C CD  . ARG A 1 166 ? -5.875  -13.087 -2.354  1.00 11.78 ? 166 ARG A CD  1 
ATOM   1278 N NE  . ARG A 1 166 ? -5.249  -13.017 -1.034  1.00 14.23 ? 166 ARG A NE  1 
ATOM   1279 C CZ  . ARG A 1 166 ? -5.010  -14.078 -0.255  1.00 14.88 ? 166 ARG A CZ  1 
ATOM   1280 N NH1 . ARG A 1 166 ? -5.343  -15.286 -0.662  1.00 11.85 ? 166 ARG A NH1 1 
ATOM   1281 N NH2 . ARG A 1 166 ? -4.461  -13.923 0.943   1.00 14.38 ? 166 ARG A NH2 1 
ATOM   1282 N N   . PRO A 1 167 ? -8.668  -8.397  -0.881  1.00 13.67 ? 167 PRO A N   1 
ATOM   1283 C CA  . PRO A 1 167 ? -9.967  -7.856  -0.470  1.00 15.12 ? 167 PRO A CA  1 
ATOM   1284 C C   . PRO A 1 167 ? -10.408 -6.599  -1.233  1.00 16.31 ? 167 PRO A C   1 
ATOM   1285 O O   . PRO A 1 167 ? -11.533 -6.140  -1.063  1.00 16.25 ? 167 PRO A O   1 
ATOM   1286 C CB  . PRO A 1 167 ? -9.792  -7.605  1.027   1.00 14.88 ? 167 PRO A CB  1 
ATOM   1287 C CG  . PRO A 1 167 ? -8.322  -7.487  1.212   1.00 16.01 ? 167 PRO A CG  1 
ATOM   1288 C CD  . PRO A 1 167 ? -7.759  -8.509  0.273   1.00 14.88 ? 167 PRO A CD  1 
ATOM   1289 N N   . GLN A 1 168 ? -9.522  -6.070  -2.077  1.00 16.47 ? 168 GLN A N   1 
ATOM   1290 C CA  . GLN A 1 168 ? -9.813  -4.883  -2.874  1.00 18.02 ? 168 GLN A CA  1 
ATOM   1291 C C   . GLN A 1 168 ? -10.121 -5.296  -4.306  1.00 19.12 ? 168 GLN A C   1 
ATOM   1292 O O   . GLN A 1 168 ? -10.402 -4.451  -5.148  1.00 21.47 ? 168 GLN A O   1 
ATOM   1293 C CB  . GLN A 1 168 ? -8.625  -3.914  -2.876  1.00 18.58 ? 168 GLN A CB  1 
ATOM   1294 C CG  . GLN A 1 168 ? -8.502  -2.992  -1.651  1.00 19.54 ? 168 GLN A CG  1 
ATOM   1295 C CD  . GLN A 1 168 ? -8.036  -3.691  -0.388  1.00 21.89 ? 168 GLN A CD  1 
ATOM   1296 O OE1 . GLN A 1 168 ? -8.180  -3.147  0.721   1.00 22.39 ? 168 GLN A OE1 1 
ATOM   1297 N NE2 . GLN A 1 168 ? -7.472  -4.890  -0.533  1.00 22.15 ? 168 GLN A NE2 1 
ATOM   1298 N N   . GLY A 1 169 ? -10.017 -6.590  -4.594  1.00 17.11 ? 169 GLY A N   1 
ATOM   1299 C CA  . GLY A 1 169 ? -10.305 -7.078  -5.924  1.00 16.67 ? 169 GLY A CA  1 
ATOM   1300 C C   . GLY A 1 169 ? -9.081  -7.397  -6.755  1.00 16.48 ? 169 GLY A C   1 
ATOM   1301 O O   . GLY A 1 169 ? -9.202  -7.703  -7.933  1.00 14.69 ? 169 GLY A O   1 
ATOM   1302 N N   . LEU A 1 170 ? -7.896  -7.311  -6.150  1.00 17.94 ? 170 LEU A N   1 
ATOM   1303 C CA  . LEU A 1 170 ? -6.667  -7.602  -6.886  1.00 18.07 ? 170 LEU A CA  1 
ATOM   1304 C C   . LEU A 1 170 ? -6.057  -8.906  -6.382  1.00 18.37 ? 170 LEU A C   1 
ATOM   1305 O O   . LEU A 1 170 ? -6.774  -9.867  -6.106  1.00 18.25 ? 170 LEU A O   1 
ATOM   1306 C CB  . LEU A 1 170 ? -5.670  -6.440  -6.766  1.00 18.93 ? 170 LEU A CB  1 
ATOM   1307 C CG  . LEU A 1 170 ? -6.149  -5.048  -7.196  1.00 20.59 ? 170 LEU A CG  1 
ATOM   1308 C CD1 . LEU A 1 170 ? -5.018  -4.056  -7.026  1.00 19.90 ? 170 LEU A CD1 1 
ATOM   1309 C CD2 . LEU A 1 170 ? -6.608  -5.064  -8.647  1.00 21.25 ? 170 LEU A CD2 1 
ATOM   1310 N N   . GLU A 1 171 ? -4.741  -8.951  -6.249  1.00 17.37 ? 171 GLU A N   1 
ATOM   1311 C CA  . GLU A 1 171 ? -4.111  -10.160 -5.778  1.00 18.53 ? 171 GLU A CA  1 
ATOM   1312 C C   . GLU A 1 171 ? -3.122  -9.866  -4.669  1.00 16.99 ? 171 GLU A C   1 
ATOM   1313 O O   . GLU A 1 171 ? -3.009  -8.732  -4.194  1.00 15.75 ? 171 GLU A O   1 
ATOM   1314 C CB  . GLU A 1 171 ? -3.447  -10.909 -6.937  1.00 20.67 ? 171 GLU A CB  1 
ATOM   1315 C CG  . GLU A 1 171 ? -2.369  -10.145 -7.688  1.00 24.31 ? 171 GLU A CG  1 
ATOM   1316 C CD  . GLU A 1 171 ? -2.034  -10.800 -9.021  1.00 27.77 ? 171 GLU A CD  1 
ATOM   1317 O OE1 . GLU A 1 171 ? -2.983  -11.036 -9.802  1.00 29.21 ? 171 GLU A OE1 1 
ATOM   1318 O OE2 . GLU A 1 171 ? -0.838  -11.089 -9.292  1.00 27.86 ? 171 GLU A OE2 1 
ATOM   1319 N N   . LEU A 1 172 ? -2.514  -10.925 -4.168  1.00 16.49 ? 172 LEU A N   1 
ATOM   1320 C CA  . LEU A 1 172 ? -1.515  -10.809 -3.123  1.00 15.83 ? 172 LEU A CA  1 
ATOM   1321 C C   . LEU A 1 172 ? -0.212  -10.710 -3.878  1.00 14.68 ? 172 LEU A C   1 
ATOM   1322 O O   . LEU A 1 172 ? 0.052   -11.533 -4.741  1.00 13.88 ? 172 LEU A O   1 
ATOM   1323 C CB  . LEU A 1 172 ? -1.495  -12.087 -2.291  1.00 17.98 ? 172 LEU A CB  1 
ATOM   1324 C CG  . LEU A 1 172 ? -0.252  -12.351 -1.448  1.00 16.64 ? 172 LEU A CG  1 
ATOM   1325 C CD1 . LEU A 1 172 ? -0.320  -11.502 -0.213  1.00 17.95 ? 172 LEU A CD1 1 
ATOM   1326 C CD2 . LEU A 1 172 ? -0.207  -13.831 -1.075  1.00 18.75 ? 172 LEU A CD2 1 
ATOM   1327 N N   . PHE A 1 173 ? 0.570   -9.681  -3.586  1.00 15.59 ? 173 PHE A N   1 
ATOM   1328 C CA  . PHE A 1 173 ? 1.863   -9.493  -4.219  1.00 15.79 ? 173 PHE A CA  1 
ATOM   1329 C C   . PHE A 1 173 ? 2.924   -9.812  -3.160  1.00 17.48 ? 173 PHE A C   1 
ATOM   1330 O O   . PHE A 1 173 ? 2.935   -9.205  -2.085  1.00 18.54 ? 173 PHE A O   1 
ATOM   1331 C CB  . PHE A 1 173 ? 1.991   -8.036  -4.693  1.00 15.68 ? 173 PHE A CB  1 
ATOM   1332 C CG  . PHE A 1 173 ? 0.941   -7.629  -5.696  1.00 15.38 ? 173 PHE A CG  1 
ATOM   1333 C CD1 . PHE A 1 173 ? 1.051   -8.013  -7.020  1.00 16.14 ? 173 PHE A CD1 1 
ATOM   1334 C CD2 . PHE A 1 173 ? -0.169  -6.900  -5.302  1.00 16.28 ? 173 PHE A CD2 1 
ATOM   1335 C CE1 . PHE A 1 173 ? 0.062   -7.680  -7.939  1.00 17.62 ? 173 PHE A CE1 1 
ATOM   1336 C CE2 . PHE A 1 173 ? -1.170  -6.560  -6.214  1.00 17.51 ? 173 PHE A CE2 1 
ATOM   1337 C CZ  . PHE A 1 173 ? -1.052  -6.954  -7.537  1.00 16.82 ? 173 PHE A CZ  1 
ATOM   1338 N N   . GLU A 1 174 ? 3.812   -10.755 -3.448  1.00 20.23 ? 174 GLU A N   1 
ATOM   1339 C CA  . GLU A 1 174 ? 4.861   -11.128 -2.492  1.00 22.20 ? 174 GLU A CA  1 
ATOM   1340 C C   . GLU A 1 174 ? 6.258   -10.689 -2.952  1.00 21.67 ? 174 GLU A C   1 
ATOM   1341 O O   . GLU A 1 174 ? 6.536   -10.607 -4.144  1.00 20.81 ? 174 GLU A O   1 
ATOM   1342 C CB  . GLU A 1 174 ? 4.957   -12.649 -2.333  1.00 24.81 ? 174 GLU A CB  1 
ATOM   1343 C CG  . GLU A 1 174 ? 3.686   -13.464 -2.325  1.00 29.70 ? 174 GLU A CG  1 
ATOM   1344 C CD  . GLU A 1 174 ? 4.018   -14.959 -2.269  1.00 33.62 ? 174 GLU A CD  1 
ATOM   1345 O OE1 . GLU A 1 174 ? 4.429   -15.442 -1.184  1.00 34.04 ? 174 GLU A OE1 1 
ATOM   1346 O OE2 . GLU A 1 174 ? 3.956   -15.645 -3.321  1.00 34.50 ? 174 GLU A OE2 1 
ATOM   1347 N N   . ASN A 1 175 ? 7.146   -10.478 -1.989  1.00 21.06 ? 175 ASN A N   1 
ATOM   1348 C CA  . ASN A 1 175 ? 8.536   -10.131 -2.279  1.00 21.57 ? 175 ASN A CA  1 
ATOM   1349 C C   . ASN A 1 175 ? 9.412   -10.874 -1.275  1.00 21.90 ? 175 ASN A C   1 
ATOM   1350 O O   . ASN A 1 175 ? 9.008   -11.080 -0.136  1.00 21.21 ? 175 ASN A O   1 
ATOM   1351 C CB  . ASN A 1 175 ? 8.788   -8.633  -2.158  1.00 23.00 ? 175 ASN A CB  1 
ATOM   1352 C CG  . ASN A 1 175 ? 8.215   -7.854  -3.313  1.00 23.34 ? 175 ASN A CG  1 
ATOM   1353 O OD1 . ASN A 1 175 ? 7.218   -7.159  -3.146  1.00 20.00 ? 175 ASN A OD1 1 
ATOM   1354 N ND2 . ASN A 1 175 ? 8.827   -8.017  -4.484  1.00 25.76 ? 175 ASN A ND2 1 
ATOM   1355 N N   . THR A 1 176 ? 10.611  -11.257 -1.685  1.00 22.58 ? 176 THR A N   1 
ATOM   1356 C CA  . THR A 1 176 ? 11.493  -11.986 -0.789  1.00 23.80 ? 176 THR A CA  1 
ATOM   1357 C C   . THR A 1 176 ? 12.912  -11.433 -0.823  1.00 24.51 ? 176 THR A C   1 
ATOM   1358 O O   . THR A 1 176 ? 13.373  -10.952 -1.860  1.00 24.02 ? 176 THR A O   1 
ATOM   1359 C CB  . THR A 1 176 ? 11.519  -13.489 -1.155  1.00 25.15 ? 176 THR A CB  1 
ATOM   1360 O OG1 . THR A 1 176 ? 10.174  -13.976 -1.279  1.00 27.61 ? 176 THR A OG1 1 
ATOM   1361 C CG2 . THR A 1 176 ? 12.217  -14.283 -0.070  1.00 24.78 ? 176 THR A CG2 1 
ATOM   1362 N N   . SER A 1 177 ? 13.596  -11.497 0.317   1.00 24.15 ? 177 SER A N   1 
ATOM   1363 C CA  . SER A 1 177 ? 14.970  -11.009 0.397   1.00 24.26 ? 177 SER A CA  1 
ATOM   1364 C C   . SER A 1 177 ? 15.935  -12.114 -0.009  1.00 23.75 ? 177 SER A C   1 
ATOM   1365 O O   . SER A 1 177 ? 15.521  -13.237 -0.326  1.00 23.94 ? 177 SER A O   1 
ATOM   1366 C CB  . SER A 1 177 ? 15.287  -10.593 1.838   1.00 24.56 ? 177 SER A CB  1 
ATOM   1367 O OG  . SER A 1 177 ? 15.284  -11.722 2.705   1.00 25.51 ? 177 SER A OG  1 
ATOM   1368 N N   . ALA A 1 178 ? 17.221  -11.788 -0.004  1.00 23.91 ? 178 ALA A N   1 
ATOM   1369 C CA  . ALA A 1 178 ? 18.254  -12.775 -0.275  1.00 25.24 ? 178 ALA A CA  1 
ATOM   1370 C C   . ALA A 1 178 ? 18.229  -13.689 0.974   1.00 25.92 ? 178 ALA A C   1 
ATOM   1371 O O   . ALA A 1 178 ? 17.880  -13.243 2.073   1.00 26.30 ? 178 ALA A O   1 
ATOM   1372 C CB  . ALA A 1 178 ? 19.599  -12.094 -0.401  1.00 23.31 ? 178 ALA A CB  1 
ATOM   1373 N N   . PRO A 1 179 ? 18.528  -14.980 0.816   1.00 26.70 ? 179 PRO A N   1 
ATOM   1374 C CA  . PRO A 1 179 ? 18.496  -15.831 2.005   1.00 27.46 ? 179 PRO A CA  1 
ATOM   1375 C C   . PRO A 1 179 ? 19.766  -15.659 2.853   1.00 28.72 ? 179 PRO A C   1 
ATOM   1376 O O   . PRO A 1 179 ? 20.765  -15.123 2.381   1.00 29.29 ? 179 PRO A O   1 
ATOM   1377 C CB  . PRO A 1 179 ? 18.401  -17.223 1.401   1.00 26.82 ? 179 PRO A CB  1 
ATOM   1378 C CG  . PRO A 1 179 ? 19.279  -17.097 0.196   1.00 27.42 ? 179 PRO A CG  1 
ATOM   1379 C CD  . PRO A 1 179 ? 18.889  -15.761 -0.384  1.00 27.24 ? 179 PRO A CD  1 
ATOM   1380 N N   . TYR A 1 180 ? 19.703  -16.083 4.109   1.00 29.84 ? 180 TYR A N   1 
ATOM   1381 C CA  . TYR A 1 180 ? 20.834  -16.011 5.021   1.00 31.93 ? 180 TYR A CA  1 
ATOM   1382 C C   . TYR A 1 180 ? 21.150  -17.446 5.424   1.00 32.49 ? 180 TYR A C   1 
ATOM   1383 O O   . TYR A 1 180 ? 20.277  -18.163 5.863   1.00 32.87 ? 180 TYR A O   1 
ATOM   1384 C CB  . TYR A 1 180 ? 20.481  -15.165 6.259   1.00 31.60 ? 180 TYR A CB  1 
ATOM   1385 C CG  . TYR A 1 180 ? 21.397  -15.391 7.453   1.00 32.80 ? 180 TYR A CG  1 
ATOM   1386 C CD1 . TYR A 1 180 ? 22.686  -14.831 7.503   1.00 32.66 ? 180 TYR A CD1 1 
ATOM   1387 C CD2 . TYR A 1 180 ? 20.994  -16.208 8.515   1.00 32.51 ? 180 TYR A CD2 1 
ATOM   1388 C CE1 . TYR A 1 180 ? 23.547  -15.098 8.583   1.00 31.58 ? 180 TYR A CE1 1 
ATOM   1389 C CE2 . TYR A 1 180 ? 21.840  -16.472 9.590   1.00 31.37 ? 180 TYR A CE2 1 
ATOM   1390 C CZ  . TYR A 1 180 ? 23.106  -15.923 9.618   1.00 31.06 ? 180 TYR A CZ  1 
ATOM   1391 O OH  . TYR A 1 180 ? 23.929  -16.232 10.674  1.00 32.11 ? 180 TYR A OH  1 
ATOM   1392 N N   . GLN A 1 181 ? 22.384  -17.883 5.218   1.00 35.64 ? 181 GLN A N   1 
ATOM   1393 C CA  . GLN A 1 181 ? 22.771  -19.246 5.588   1.00 37.65 ? 181 GLN A CA  1 
ATOM   1394 C C   . GLN A 1 181 ? 23.541  -19.226 6.889   1.00 37.91 ? 181 GLN A C   1 
ATOM   1395 O O   . GLN A 1 181 ? 24.483  -18.449 7.041   1.00 37.75 ? 181 GLN A O   1 
ATOM   1396 C CB  . GLN A 1 181 ? 23.639  -19.895 4.505   1.00 38.18 ? 181 GLN A CB  1 
ATOM   1397 C CG  . GLN A 1 181 ? 22.877  -20.430 3.303   1.00 39.17 ? 181 GLN A CG  1 
ATOM   1398 C CD  . GLN A 1 181 ? 23.821  -20.894 2.207   1.00 39.87 ? 181 GLN A CD  1 
ATOM   1399 O OE1 . GLN A 1 181 ? 24.793  -20.209 1.898   1.00 39.89 ? 181 GLN A OE1 1 
ATOM   1400 N NE2 . GLN A 1 181 ? 23.539  -22.048 1.611   1.00 40.50 ? 181 GLN A NE2 1 
ATOM   1401 N N   . LEU A 1 182 ? 23.132  -20.083 7.817   1.00 39.19 ? 182 LEU A N   1 
ATOM   1402 C CA  . LEU A 1 182 ? 23.778  -20.188 9.114   1.00 40.69 ? 182 LEU A CA  1 
ATOM   1403 C C   . LEU A 1 182 ? 24.966  -21.157 9.047   1.00 42.05 ? 182 LEU A C   1 
ATOM   1404 O O   . LEU A 1 182 ? 24.790  -22.343 8.784   1.00 41.96 ? 182 LEU A O   1 
ATOM   1405 C CB  . LEU A 1 182 ? 22.749  -20.646 10.168  1.00 39.72 ? 182 LEU A CB  1 
ATOM   1406 C CG  . LEU A 1 182 ? 23.141  -20.789 11.647  1.00 38.85 ? 182 LEU A CG  1 
ATOM   1407 C CD1 . LEU A 1 182 ? 21.898  -20.768 12.504  1.00 39.13 ? 182 LEU A CD1 1 
ATOM   1408 C CD2 . LEU A 1 182 ? 23.914  -22.076 11.901  1.00 39.31 ? 182 LEU A CD2 1 
ATOM   1409 N N   . GLN A 1 183 ? 26.181  -20.637 9.201   1.00 43.93 ? 183 GLN A N   1 
ATOM   1410 C CA  . GLN A 1 183 ? 27.368  -21.487 9.198   1.00 45.82 ? 183 GLN A CA  1 
ATOM   1411 C C   . GLN A 1 183 ? 27.806  -21.581 10.648  1.00 47.00 ? 183 GLN A C   1 
ATOM   1412 O O   . GLN A 1 183 ? 28.308  -20.608 11.217  1.00 47.32 ? 183 GLN A O   1 
ATOM   1413 C CB  . GLN A 1 183 ? 28.482  -20.891 8.342   1.00 46.60 ? 183 GLN A CB  1 
ATOM   1414 C CG  . GLN A 1 183 ? 28.215  -20.968 6.853   1.00 47.17 ? 183 GLN A CG  1 
ATOM   1415 C CD  . GLN A 1 183 ? 27.859  -22.361 6.395   1.00 47.28 ? 183 GLN A CD  1 
ATOM   1416 O OE1 . GLN A 1 183 ? 28.553  -23.321 6.707   1.00 48.60 ? 183 GLN A OE1 1 
ATOM   1417 N NE2 . GLN A 1 183 ? 26.768  -22.479 5.646   1.00 47.65 ? 183 GLN A NE2 1 
ATOM   1418 N N   . THR A 1 184 ? 27.574  -22.736 11.257  1.00 47.91 ? 184 THR A N   1 
ATOM   1419 C CA  . THR A 1 184 ? 27.909  -22.928 12.661  1.00 49.14 ? 184 THR A CA  1 
ATOM   1420 C C   . THR A 1 184 ? 29.302  -23.496 12.962  1.00 48.86 ? 184 THR A C   1 
ATOM   1421 O O   . THR A 1 184 ? 30.095  -23.755 12.051  1.00 49.65 ? 184 THR A O   1 
ATOM   1422 C CB  . THR A 1 184 ? 26.811  -23.750 13.368  1.00 48.74 ? 184 THR A CB  1 
ATOM   1423 O OG1 . THR A 1 184 ? 27.008  -23.695 14.783  1.00 50.04 ? 184 THR A OG1 1 
ATOM   1424 C CG2 . THR A 1 184 ? 26.828  -25.186 12.899  1.00 49.25 ? 184 THR A CG2 1 
ATOM   1425 N N   . PHE A 1 185 ? 29.565  -23.680 14.255  1.00 48.67 ? 185 PHE A N   1 
ATOM   1426 C CA  . PHE A 1 185 ? 30.814  -24.194 14.816  1.00 48.99 ? 185 PHE A CA  1 
ATOM   1427 C C   . PHE A 1 185 ? 31.828  -23.063 14.972  1.00 48.59 ? 185 PHE A C   1 
ATOM   1428 O O   . PHE A 1 185 ? 31.757  -22.352 16.003  1.00 47.96 ? 185 PHE A O   1 
ATOM   1429 C CB  . PHE A 1 185 ? 31.387  -25.382 14.007  1.00 49.23 ? 185 PHE A CB  1 
ATOM   1430 C CG  . PHE A 1 185 ? 30.413  -26.538 13.846  1.00 49.84 ? 185 PHE A CG  1 
ATOM   1431 C CD1 . PHE A 1 185 ? 29.391  -26.749 14.772  1.00 50.07 ? 185 PHE A CD1 1 
ATOM   1432 C CD2 . PHE A 1 185 ? 30.498  -27.386 12.747  1.00 49.75 ? 185 PHE A CD2 1 
ATOM   1433 C CE1 . PHE A 1 185 ? 28.473  -27.782 14.600  1.00 49.66 ? 185 PHE A CE1 1 
ATOM   1434 C CE2 . PHE A 1 185 ? 29.585  -28.424 12.564  1.00 48.94 ? 185 PHE A CE2 1 
ATOM   1435 C CZ  . PHE A 1 185 ? 28.575  -28.621 13.490  1.00 49.83 ? 185 PHE A CZ  1 
ATOM   1436 O OXT . PHE A 1 185 ? 32.662  -22.874 14.069  1.00 48.00 ? 185 PHE A OXT 1 
HETATM 1437 C C1  . NAG B 2 .   ? 8.376   -7.311  -5.671  1.00 29.13 ? 275 NAG A C1  1 
HETATM 1438 C C2  . NAG B 2 .   ? 9.586   -6.897  -6.518  1.00 28.72 ? 275 NAG A C2  1 
HETATM 1439 C C3  . NAG B 2 .   ? 9.163   -6.275  -7.858  1.00 30.16 ? 275 NAG A C3  1 
HETATM 1440 C C4  . NAG B 2 .   ? 8.110   -7.142  -8.555  1.00 30.85 ? 275 NAG A C4  1 
HETATM 1441 C C5  . NAG B 2 .   ? 6.979   -7.420  -7.579  1.00 31.59 ? 275 NAG A C5  1 
HETATM 1442 C C6  . NAG B 2 .   ? 5.869   -8.268  -8.151  1.00 32.25 ? 275 NAG A C6  1 
HETATM 1443 C C7  . NAG B 2 .   ? 11.552  -6.237  -5.325  1.00 29.49 ? 275 NAG A C7  1 
HETATM 1444 C C8  . NAG B 2 .   ? 12.272  -5.155  -4.537  1.00 30.26 ? 275 NAG A C8  1 
HETATM 1445 N N2  . NAG B 2 .   ? 10.348  -5.926  -5.774  1.00 27.43 ? 275 NAG A N2  1 
HETATM 1446 O O3  . NAG B 2 .   ? 10.307  -6.137  -8.693  1.00 29.00 ? 275 NAG A O3  1 
HETATM 1447 O O4  . NAG B 2 .   ? 7.612   -6.474  -9.709  1.00 32.68 ? 275 NAG A O4  1 
HETATM 1448 O O5  . NAG B 2 .   ? 7.497   -8.126  -6.438  1.00 31.29 ? 275 NAG A O5  1 
HETATM 1449 O O6  . NAG B 2 .   ? 5.048   -8.787  -7.110  1.00 35.19 ? 275 NAG A O6  1 
HETATM 1450 O O7  . NAG B 2 .   ? 12.082  -7.339  -5.509  1.00 31.16 ? 275 NAG A O7  1 
HETATM 1451 O O   . HOH C 3 .   ? -5.047  -5.917  6.866   1.00 32.78 ? 400 HOH A O   1 
HETATM 1452 O O   . HOH C 3 .   ? -1.013  -6.218  7.849   1.00 29.19 ? 401 HOH A O   1 
HETATM 1453 O O   . HOH C 3 .   ? -31.748 23.848  -8.831  1.00 42.75 ? 402 HOH A O   1 
HETATM 1454 O O   . HOH C 3 .   ? -6.149  -8.035  8.310   1.00 40.17 ? 403 HOH A O   1 
HETATM 1455 O O   . HOH C 3 .   ? -1.271  3.787   -0.049  1.00 24.07 ? 404 HOH A O   1 
HETATM 1456 O O   . HOH C 3 .   ? -7.501  8.281   0.493   1.00 20.92 ? 405 HOH A O   1 
HETATM 1457 O O   . HOH C 3 .   ? -4.963  14.208  -15.952 1.00 17.49 ? 406 HOH A O   1 
HETATM 1458 O O   . HOH C 3 .   ? -26.995 13.922  -10.560 1.00 40.93 ? 407 HOH A O   1 
HETATM 1459 O O   . HOH C 3 .   ? -26.166 13.677  -7.535  1.00 25.96 ? 408 HOH A O   1 
HETATM 1460 O O   . HOH C 3 .   ? -19.821 9.166   -16.282 1.00 39.82 ? 409 HOH A O   1 
HETATM 1461 O O   . HOH C 3 .   ? -5.756  0.476   -16.264 1.00 37.35 ? 410 HOH A O   1 
HETATM 1462 O O   . HOH C 3 .   ? 20.652  -1.841  9.650   1.00 33.80 ? 411 HOH A O   1 
HETATM 1463 O O   . HOH C 3 .   ? -13.233 21.852  -11.098 1.00 28.32 ? 412 HOH A O   1 
HETATM 1464 O O   . HOH C 3 .   ? -25.427 21.393  -3.692  1.00 23.51 ? 413 HOH A O   1 
HETATM 1465 O O   . HOH C 3 .   ? -0.755  -8.605  4.519   1.00 9.63  ? 414 HOH A O   1 
HETATM 1466 O O   . HOH C 3 .   ? -7.603  7.337   -16.294 1.00 22.70 ? 415 HOH A O   1 
HETATM 1467 O O   . HOH C 3 .   ? 22.537  -11.640 16.100  1.00 21.09 ? 416 HOH A O   1 
HETATM 1468 O O   . HOH C 3 .   ? -4.030  20.044  -12.823 1.00 13.70 ? 417 HOH A O   1 
HETATM 1469 O O   . HOH C 3 .   ? -20.787 10.373  -3.427  1.00 19.83 ? 418 HOH A O   1 
HETATM 1470 O O   . HOH C 3 .   ? 14.947  -6.481  -2.012  1.00 21.97 ? 419 HOH A O   1 
HETATM 1471 O O   . HOH C 3 .   ? 9.342   -7.290  15.470  1.00 22.61 ? 420 HOH A O   1 
HETATM 1472 O O   . HOH C 3 .   ? 19.364  -4.349  1.904   1.00 32.06 ? 421 HOH A O   1 
HETATM 1473 O O   . HOH C 3 .   ? -23.287 16.019  -1.654  1.00 49.72 ? 422 HOH A O   1 
HETATM 1474 O O   . HOH C 3 .   ? 13.785  -5.062  17.246  1.00 55.72 ? 423 HOH A O   1 
HETATM 1475 O O   . HOH C 3 .   ? -3.360  -12.288 4.056   1.00 17.45 ? 424 HOH A O   1 
HETATM 1476 O O   . HOH C 3 .   ? -3.189  -8.050  9.004   1.00 44.44 ? 425 HOH A O   1 
HETATM 1477 O O   . HOH C 3 .   ? -1.484  14.408  -0.597  1.00 50.47 ? 426 HOH A O   1 
HETATM 1478 O O   . HOH C 3 .   ? -2.078  13.906  -3.887  1.00 40.82 ? 427 HOH A O   1 
HETATM 1479 O O   . HOH C 3 .   ? -12.768 5.334   -12.368 1.00 28.06 ? 428 HOH A O   1 
HETATM 1480 O O   . HOH C 3 .   ? -28.911 11.313  -7.619  1.00 57.09 ? 429 HOH A O   1 
HETATM 1481 O O   . HOH C 3 .   ? 4.251   -4.189  13.571  1.00 17.84 ? 430 HOH A O   1 
HETATM 1482 O O   . HOH C 3 .   ? 20.364  -9.168  12.742  1.00 61.07 ? 431 HOH A O   1 
HETATM 1483 O O   . HOH C 3 .   ? 14.668  -20.560 18.450  1.00 32.59 ? 432 HOH A O   1 
HETATM 1484 O O   . HOH C 3 .   ? 16.535  -24.016 4.844   1.00 31.08 ? 433 HOH A O   1 
HETATM 1485 O O   . HOH C 3 .   ? 9.920   -0.040  11.867  1.00 22.39 ? 434 HOH A O   1 
HETATM 1486 O O   . HOH C 3 .   ? -32.388 14.712  -8.656  1.00 62.70 ? 435 HOH A O   1 
HETATM 1487 O O   . HOH C 3 .   ? 4.741   3.347   2.300   1.00 18.28 ? 436 HOH A O   1 
HETATM 1488 O O   . HOH C 3 .   ? 18.507  -10.664 3.069   1.00 19.26 ? 437 HOH A O   1 
HETATM 1489 O O   . HOH C 3 .   ? 3.313   8.754   -0.262  1.00 32.49 ? 438 HOH A O   1 
HETATM 1490 O O   . HOH C 3 .   ? 19.879  -12.647 9.039   1.00 31.77 ? 439 HOH A O   1 
HETATM 1491 O O   . HOH C 3 .   ? 0.016   6.636   0.091   1.00 44.04 ? 440 HOH A O   1 
HETATM 1492 O O   . HOH C 3 .   ? 18.735  0.769   14.547  1.00 38.58 ? 441 HOH A O   1 
HETATM 1493 O O   . HOH C 3 .   ? 13.270  3.890   5.024   1.00 42.31 ? 442 HOH A O   1 
HETATM 1494 O O   . HOH C 3 .   ? -6.844  15.214  -3.675  1.00 33.68 ? 443 HOH A O   1 
HETATM 1495 O O   . HOH C 3 .   ? 21.048  -1.559  15.662  1.00 42.43 ? 444 HOH A O   1 
HETATM 1496 O O   . HOH C 3 .   ? -13.139 5.784   2.260   1.00 51.94 ? 445 HOH A O   1 
HETATM 1497 O O   . HOH C 3 .   ? -19.188 25.321  -12.583 1.00 37.62 ? 446 HOH A O   1 
HETATM 1498 O O   . HOH C 3 .   ? -15.098 0.111   1.112   1.00 48.01 ? 447 HOH A O   1 
HETATM 1499 O O   . HOH C 3 .   ? 2.681   6.243   -1.401  1.00 41.16 ? 448 HOH A O   1 
HETATM 1500 O O   . HOH C 3 .   ? 11.850  -17.349 16.707  1.00 40.28 ? 449 HOH A O   1 
HETATM 1501 O O   . HOH C 3 .   ? 1.287   -4.618  14.624  1.00 51.82 ? 450 HOH A O   1 
HETATM 1502 O O   . HOH C 3 .   ? -11.292 1.235   1.227   1.00 54.50 ? 451 HOH A O   1 
HETATM 1503 O O   . HOH C 3 .   ? -10.613 4.478   1.519   1.00 31.79 ? 452 HOH A O   1 
HETATM 1504 O O   . HOH C 3 .   ? -0.852  -11.329 4.352   1.00 25.44 ? 453 HOH A O   1 
HETATM 1505 O O   . HOH C 3 .   ? 7.273   -15.559 16.752  1.00 26.02 ? 454 HOH A O   1 
HETATM 1506 O O   . HOH C 3 .   ? -26.266 23.192  2.164   1.00 17.84 ? 455 HOH A O   1 
HETATM 1507 O O   . HOH C 3 .   ? -14.494 22.001  -13.642 1.00 20.78 ? 456 HOH A O   1 
HETATM 1508 O O   . HOH C 3 .   ? -9.729  -0.961  1.480   1.00 46.38 ? 457 HOH A O   1 
HETATM 1509 O O   . HOH C 3 .   ? -3.287  -7.854  5.137   1.00 25.83 ? 458 HOH A O   1 
HETATM 1510 O O   . HOH C 3 .   ? 0.622   -2.006  8.881   1.00 29.11 ? 459 HOH A O   1 
HETATM 1511 O O   . HOH C 3 .   ? 25.636  -21.843 24.939  1.00 42.19 ? 460 HOH A O   1 
HETATM 1512 O O   . HOH C 3 .   ? 7.089   -3.821  10.935  1.00 20.65 ? 461 HOH A O   1 
HETATM 1513 O O   . HOH C 3 .   ? -3.581  3.973   -14.187 1.00 41.67 ? 462 HOH A O   1 
HETATM 1514 O O   . HOH C 3 .   ? 23.761  -20.634 27.054  1.00 53.88 ? 463 HOH A O   1 
HETATM 1515 O O   . HOH C 3 .   ? -4.479  3.477   -17.273 1.00 33.56 ? 464 HOH A O   1 
HETATM 1516 O O   . HOH C 3 .   ? 6.020   1.959   -8.023  1.00 55.48 ? 465 HOH A O   1 
HETATM 1517 O O   . HOH C 3 .   ? -7.543  -0.277  -0.531  1.00 40.98 ? 466 HOH A O   1 
HETATM 1518 O O   . HOH C 3 .   ? 3.333   -17.366 7.616   1.00 21.07 ? 467 HOH A O   1 
HETATM 1519 O O   . HOH C 3 .   ? -2.801  1.966   4.845   1.00 20.39 ? 468 HOH A O   1 
HETATM 1520 O O   . HOH C 3 .   ? 19.139  -10.013 10.350  1.00 17.09 ? 469 HOH A O   1 
HETATM 1521 O O   . HOH C 3 .   ? 3.470   7.693   -13.305 1.00 37.03 ? 470 HOH A O   1 
HETATM 1522 O O   . HOH C 3 .   ? -4.762  -2.478  -10.872 1.00 45.93 ? 471 HOH A O   1 
HETATM 1523 O O   . HOH C 3 .   ? -21.292 10.750  -10.332 1.00 23.01 ? 472 HOH A O   1 
HETATM 1524 O O   . HOH C 3 .   ? -7.238  -0.941  -9.677  1.00 31.27 ? 473 HOH A O   1 
HETATM 1525 O O   . HOH C 3 .   ? 12.013  -20.602 19.075  1.00 28.54 ? 474 HOH A O   1 
HETATM 1526 O O   . HOH C 3 .   ? 26.369  -24.314 23.956  1.00 52.58 ? 475 HOH A O   1 
HETATM 1527 O O   . HOH C 3 .   ? -26.172 28.368  -2.271  1.00 31.63 ? 476 HOH A O   1 
HETATM 1528 O O   . HOH C 3 .   ? 6.999   -0.371  -6.207  1.00 28.42 ? 477 HOH A O   1 
HETATM 1529 O O   . HOH C 3 .   ? -7.859  2.234   -9.795  1.00 42.39 ? 478 HOH A O   1 
HETATM 1530 O O   . HOH C 3 .   ? -24.989 26.580  1.401   1.00 30.96 ? 479 HOH A O   1 
HETATM 1531 O O   . HOH C 3 .   ? -7.654  17.221  -1.664  1.00 39.56 ? 480 HOH A O   1 
HETATM 1532 O O   . HOH C 3 .   ? -6.291  14.903  -0.290  1.00 22.63 ? 481 HOH A O   1 
HETATM 1533 O O   . HOH C 3 .   ? 8.125   8.299   -6.865  1.00 61.41 ? 482 HOH A O   1 
HETATM 1534 O O   . HOH C 3 .   ? -17.438 4.924   -11.336 1.00 54.30 ? 483 HOH A O   1 
HETATM 1535 O O   . HOH C 3 .   ? 0.082   18.066  -9.173  1.00 28.53 ? 484 HOH A O   1 
HETATM 1536 O O   . HOH C 3 .   ? -15.230 5.607   -13.566 1.00 43.88 ? 485 HOH A O   1 
HETATM 1537 O O   . HOH C 3 .   ? -9.210  17.241  -21.470 1.00 31.93 ? 486 HOH A O   1 
HETATM 1538 O O   . HOH C 3 .   ? 5.209   5.648   -10.175 1.00 26.62 ? 487 HOH A O   1 
HETATM 1539 O O   . HOH C 3 .   ? -16.307 8.058   -13.071 1.00 17.17 ? 488 HOH A O   1 
HETATM 1540 O O   . HOH C 3 .   ? -16.911 17.527  -17.319 1.00 18.15 ? 489 HOH A O   1 
HETATM 1541 O O   . HOH C 3 .   ? -19.539 17.256  -18.710 1.00 23.11 ? 490 HOH A O   1 
HETATM 1542 O O   . HOH C 3 .   ? -8.106  3.969   -12.127 1.00 35.15 ? 491 HOH A O   1 
HETATM 1543 O O   . HOH C 3 .   ? -5.529  20.191  -10.049 1.00 33.95 ? 492 HOH A O   1 
HETATM 1544 O O   . HOH C 3 .   ? -18.869 22.234  -18.097 1.00 40.70 ? 493 HOH A O   1 
HETATM 1545 O O   . HOH C 3 .   ? -8.894  20.335  -18.633 1.00 24.11 ? 494 HOH A O   1 
HETATM 1546 O O   . HOH C 3 .   ? -17.684 14.874  -18.547 1.00 56.50 ? 495 HOH A O   1 
HETATM 1547 O O   . HOH C 3 .   ? 19.863  -6.519  14.278  1.00 33.83 ? 496 HOH A O   1 
HETATM 1548 O O   . HOH C 3 .   ? -20.721 14.838  -23.595 1.00 44.08 ? 497 HOH A O   1 
HETATM 1549 O O   . HOH C 3 .   ? -24.310 20.884  -22.028 1.00 22.52 ? 498 HOH A O   1 
HETATM 1550 O O   . HOH C 3 .   ? 10.371  -10.957 -4.675  1.00 32.75 ? 499 HOH A O   1 
HETATM 1551 O O   . HOH C 3 .   ? -28.456 19.146  -17.044 1.00 34.85 ? 500 HOH A O   1 
HETATM 1552 O O   . HOH C 3 .   ? 8.518   -14.146 -3.945  1.00 36.52 ? 501 HOH A O   1 
HETATM 1553 O O   . HOH C 3 .   ? 15.500  -11.292 -3.748  1.00 40.81 ? 502 HOH A O   1 
HETATM 1554 O O   . HOH C 3 .   ? 14.174  -13.639 -3.042  1.00 64.30 ? 503 HOH A O   1 
HETATM 1555 O O   . HOH C 3 .   ? 29.309  -14.612 15.069  1.00 39.74 ? 504 HOH A O   1 
HETATM 1556 O O   . HOH C 3 .   ? -20.745 27.724  -13.665 1.00 56.76 ? 505 HOH A O   1 
HETATM 1557 O O   . HOH C 3 .   ? -2.463  4.095   2.676   1.00 21.62 ? 506 HOH A O   1 
HETATM 1558 O O   . HOH C 3 .   ? 0.201   12.537  -5.751  1.00 21.30 ? 507 HOH A O   1 
HETATM 1559 O O   . HOH C 3 .   ? -20.387 21.169  1.519   1.00 63.79 ? 508 HOH A O   1 
HETATM 1560 O O   . HOH C 3 .   ? -2.222  11.478  -5.071  1.00 55.15 ? 509 HOH A O   1 
HETATM 1561 O O   . HOH C 3 .   ? -16.288 24.281  -12.896 1.00 37.34 ? 510 HOH A O   1 
HETATM 1562 O O   . HOH C 3 .   ? -20.450 6.542   -4.969  1.00 47.49 ? 511 HOH A O   1 
HETATM 1563 O O   . HOH C 3 .   ? 5.188   -7.382  -1.111  1.00 19.24 ? 512 HOH A O   1 
HETATM 1564 O O   . HOH C 3 .   ? -18.650 4.244   -6.037  1.00 30.69 ? 513 HOH A O   1 
HETATM 1565 O O   . HOH C 3 .   ? -12.391 -4.145  -6.990  0.5  42.83 ? 514 HOH A O   1 
HETATM 1566 O O   . HOH C 3 .   ? -11.337 -10.950 -1.214  0.5  13.17 ? 515 HOH A O   1 
HETATM 1567 O O   . HOH C 3 .   ? -2.328  2.007   7.883   1.00 53.03 ? 516 HOH A O   1 
HETATM 1568 O O   . HOH C 3 .   ? 15.269  -6.013  -5.341  1.00 41.54 ? 517 HOH A O   1 
HETATM 1569 O O   . HOH C 3 .   ? -3.472  -13.513 -5.348  1.00 29.45 ? 518 HOH A O   1 
HETATM 1570 O O   . HOH C 3 .   ? 17.696  -5.126  16.149  1.00 32.58 ? 519 HOH A O   1 
HETATM 1571 O O   . HOH C 3 .   ? -25.924 16.657  -16.514 1.00 33.36 ? 520 HOH A O   1 
HETATM 1572 O O   . HOH C 3 .   ? 19.546  -4.502  -1.582  1.00 33.83 ? 521 HOH A O   1 
HETATM 1573 O O   . HOH C 3 .   ? 14.071  -14.474 23.188  1.00 41.65 ? 522 HOH A O   1 
HETATM 1574 O O   . HOH C 3 .   ? 15.834  -23.425 18.287  1.00 49.71 ? 523 HOH A O   1 
HETATM 1575 O O   . HOH C 3 .   ? 21.242  -0.267  12.208  1.00 46.28 ? 524 HOH A O   1 
HETATM 1576 O O   . HOH C 3 .   ? 25.369  -10.880 6.426   1.00 47.01 ? 525 HOH A O   1 
HETATM 1577 O O   . HOH C 3 .   ? 12.301  -1.429  -6.167  1.00 46.80 ? 526 HOH A O   1 
HETATM 1578 O O   . HOH C 3 .   ? 13.896  -19.451 3.296   1.00 46.77 ? 527 HOH A O   1 
HETATM 1579 O O   . HOH C 3 .   ? -22.756 7.476   -6.624  1.00 33.54 ? 528 HOH A O   1 
HETATM 1580 O O   . HOH C 3 .   ? 13.145  -22.335 1.804   1.00 40.11 ? 529 HOH A O   1 
HETATM 1581 O O   . HOH C 3 .   ? -8.651  21.918  -7.236  1.00 30.11 ? 530 HOH A O   1 
HETATM 1582 O O   . HOH C 3 .   ? -10.525 24.337  -6.481  1.00 36.05 ? 531 HOH A O   1 
HETATM 1583 O O   . HOH C 3 .   ? -10.695 0.050   -6.403  1.00 29.60 ? 532 HOH A O   1 
HETATM 1584 O O   . HOH C 3 .   ? -5.054  12.776  3.625   1.00 46.75 ? 533 HOH A O   1 
HETATM 1585 O O   . HOH C 3 .   ? -23.575 24.851  -14.260 1.00 33.93 ? 534 HOH A O   1 
HETATM 1586 O O   . HOH C 3 .   ? 2.910   5.267   3.256   1.00 45.06 ? 535 HOH A O   1 
HETATM 1587 O O   . HOH C 3 .   ? 0.297   3.428   3.561   1.00 25.86 ? 536 HOH A O   1 
HETATM 1588 O O   . HOH C 3 .   ? 2.198   3.596   -12.300 1.00 23.94 ? 537 HOH A O   1 
HETATM 1589 O O   . HOH C 3 .   ? -10.550 5.188   -14.040 1.00 17.23 ? 538 HOH A O   1 
HETATM 1590 O O   . HOH C 3 .   ? -24.522 10.395  -10.888 1.00 34.14 ? 539 HOH A O   1 
HETATM 1591 O O   . HOH C 3 .   ? -25.797 11.949  -19.393 1.00 43.64 ? 540 HOH A O   1 
HETATM 1592 O O   . HOH C 3 .   ? 15.024  -18.045 21.183  1.00 42.39 ? 541 HOH A O   1 
HETATM 1593 O O   . HOH C 3 .   ? -11.892 -10.191 1.298   1.00 37.91 ? 542 HOH A O   1 
HETATM 1594 O O   . HOH C 3 .   ? -4.939  1.306   -13.419 1.00 53.66 ? 543 HOH A O   1 
HETATM 1595 O O   . HOH C 3 .   ? -4.629  21.370  -15.374 1.00 50.95 ? 544 HOH A O   1 
HETATM 1596 O O   . HOH C 3 .   ? -14.292 16.214  -23.218 1.00 55.22 ? 545 HOH A O   1 
HETATM 1597 O O   . HOH C 3 .   ? 19.286  -6.772  18.013  1.00 44.42 ? 546 HOH A O   1 
# 
